data_3FR5
# 
_entry.id   3FR5 
# 
_audit_conform.dict_name       mmcif_pdbx.dic 
_audit_conform.dict_version    5.387 
_audit_conform.dict_location   http://mmcif.pdb.org/dictionaries/ascii/mmcif_pdbx.dic 
# 
loop_
_database_2.database_id 
_database_2.database_code 
_database_2.pdbx_database_accession 
_database_2.pdbx_DOI 
PDB   3FR5         pdb_00003fr5 10.2210/pdb3fr5/pdb 
RCSB  RCSB050939   ?            ?                   
WWPDB D_1000050939 ?            ?                   
# 
loop_
_pdbx_audit_revision_history.ordinal 
_pdbx_audit_revision_history.data_content_type 
_pdbx_audit_revision_history.major_revision 
_pdbx_audit_revision_history.minor_revision 
_pdbx_audit_revision_history.revision_date 
1 'Structure model' 1 0 2009-03-10 
2 'Structure model' 1 1 2011-07-13 
3 'Structure model' 1 2 2024-02-21 
# 
_pdbx_audit_revision_details.ordinal             1 
_pdbx_audit_revision_details.revision_ordinal    1 
_pdbx_audit_revision_details.data_content_type   'Structure model' 
_pdbx_audit_revision_details.provider            repository 
_pdbx_audit_revision_details.type                'Initial release' 
_pdbx_audit_revision_details.description         ? 
_pdbx_audit_revision_details.details             ? 
# 
loop_
_pdbx_audit_revision_group.ordinal 
_pdbx_audit_revision_group.revision_ordinal 
_pdbx_audit_revision_group.data_content_type 
_pdbx_audit_revision_group.group 
1 2 'Structure model' 'Version format compliance' 
2 3 'Structure model' 'Data collection'           
3 3 'Structure model' 'Database references'       
4 3 'Structure model' 'Derived calculations'      
# 
loop_
_pdbx_audit_revision_category.ordinal 
_pdbx_audit_revision_category.revision_ordinal 
_pdbx_audit_revision_category.data_content_type 
_pdbx_audit_revision_category.category 
1 3 'Structure model' chem_comp_atom 
2 3 'Structure model' chem_comp_bond 
3 3 'Structure model' database_2     
4 3 'Structure model' struct_site    
# 
loop_
_pdbx_audit_revision_item.ordinal 
_pdbx_audit_revision_item.revision_ordinal 
_pdbx_audit_revision_item.data_content_type 
_pdbx_audit_revision_item.item 
1 3 'Structure model' '_database_2.pdbx_DOI'                
2 3 'Structure model' '_database_2.pdbx_database_accession' 
3 3 'Structure model' '_struct_site.pdbx_auth_asym_id'      
4 3 'Structure model' '_struct_site.pdbx_auth_comp_id'      
5 3 'Structure model' '_struct_site.pdbx_auth_seq_id'       
# 
_pdbx_database_status.status_code                     REL 
_pdbx_database_status.entry_id                        3FR5 
_pdbx_database_status.recvd_initial_deposition_date   2009-01-08 
_pdbx_database_status.deposit_site                    RCSB 
_pdbx_database_status.process_site                    RCSB 
_pdbx_database_status.status_code_sf                  REL 
_pdbx_database_status.status_code_mr                  ? 
_pdbx_database_status.SG_entry                        ? 
_pdbx_database_status.pdb_format_compatible           Y 
_pdbx_database_status.status_code_cs                  ? 
_pdbx_database_status.status_code_nmr_data            ? 
_pdbx_database_status.methods_development_category    ? 
# 
loop_
_pdbx_database_related.db_name 
_pdbx_database_related.db_id 
_pdbx_database_related.details 
_pdbx_database_related.content_type 
PDB 3FR2 . unspecified 
PDB 3FR4 . unspecified 
# 
loop_
_audit_author.name 
_audit_author.pdbx_ordinal 
'Barf, T.'      1  
'Hammer, K.'    2  
'Lehmann, F.'   3  
'Haile, S.'     4  
'Axen, E.'      5  
'Medina, C.'    6  
'Uppenberg, J.' 7  
'Svensson, S.'  8  
'Rondahl, L.'   9  
'Lundb ck, T.'  10 
# 
_citation.id                        primary 
_citation.title                     
;N-Benzyl-indolo carboxylic acids: Design and synthesis of potent and selective adipocyte fatty-acid binding protein (A-FABP) inhibitors.
;
_citation.journal_abbrev            Bioorg.Med.Chem.Lett. 
_citation.journal_volume            19 
_citation.page_first                1745 
_citation.page_last                 1748 
_citation.year                      2009 
_citation.journal_id_ASTM           BMCLE8 
_citation.country                   UK 
_citation.journal_id_ISSN           0960-894X 
_citation.journal_id_CSD            1127 
_citation.book_publisher            ? 
_citation.pdbx_database_id_PubMed   19217286 
_citation.pdbx_database_id_DOI      10.1016/j.bmcl.2009.01.084 
# 
loop_
_citation_author.citation_id 
_citation_author.name 
_citation_author.ordinal 
_citation_author.identifier_ORCID 
primary 'Barf, T.'      1  ? 
primary 'Lehmann, F.'   2  ? 
primary 'Hammer, K.'    3  ? 
primary 'Haile, S.'     4  ? 
primary 'Axen, E.'      5  ? 
primary 'Medina, C.'    6  ? 
primary 'Uppenberg, J.' 7  ? 
primary 'Svensson, S.'  8  ? 
primary 'Rondahl, L.'   9  ? 
primary 'Lundback, T.'  10 ? 
# 
loop_
_entity.id 
_entity.type 
_entity.src_method 
_entity.pdbx_description 
_entity.formula_weight 
_entity.pdbx_number_of_molecules 
_entity.pdbx_ec 
_entity.pdbx_mutation 
_entity.pdbx_fragment 
_entity.details 
1 polymer     man 'Fatty acid-binding protein, adipocyte'                                             14608.702 1   ? ? ? ? 
2 non-polymer syn '5-(3-carbamoylbenzyl)-5,6,7,8,9,10-hexahydrocyclohepta[b]indole-4-carboxylic acid' 362.422   1   ? ? ? ? 
3 water       nat water                                                                               18.015    115 ? ? ? ? 
# 
_entity_name_com.entity_id   1 
_entity_name_com.name        'A-FABP, AFABP, Fatty acid-binding protein 4, Adipocyte lipid-binding protein, ALBP' 
# 
_entity_poly.entity_id                      1 
_entity_poly.type                           'polypeptide(L)' 
_entity_poly.nstd_linkage                   no 
_entity_poly.nstd_monomer                   no 
_entity_poly.pdbx_seq_one_letter_code       
;CDAFVGTWKLVSSENFDDYMKEVGVGFATRKVAGMAKPNMIISVNGDVITIKSESTFKNTEISFILGQEFDEVTADDRKV
KSTITLDGGVLVHVQKWDGKSTTIKRKREDDKLVVECVMKGVTSTRVYERA
;
_entity_poly.pdbx_seq_one_letter_code_can   
;CDAFVGTWKLVSSENFDDYMKEVGVGFATRKVAGMAKPNMIISVNGDVITIKSESTFKNTEISFILGQEFDEVTADDRKV
KSTITLDGGVLVHVQKWDGKSTTIKRKREDDKLVVECVMKGVTSTRVYERA
;
_entity_poly.pdbx_strand_id                 A 
_entity_poly.pdbx_target_identifier         ? 
# 
loop_
_pdbx_entity_nonpoly.entity_id 
_pdbx_entity_nonpoly.name 
_pdbx_entity_nonpoly.comp_id 
2 '5-(3-carbamoylbenzyl)-5,6,7,8,9,10-hexahydrocyclohepta[b]indole-4-carboxylic acid' I4A 
3 water                                                                               HOH 
# 
loop_
_entity_poly_seq.entity_id 
_entity_poly_seq.num 
_entity_poly_seq.mon_id 
_entity_poly_seq.hetero 
1 1   CYS n 
1 2   ASP n 
1 3   ALA n 
1 4   PHE n 
1 5   VAL n 
1 6   GLY n 
1 7   THR n 
1 8   TRP n 
1 9   LYS n 
1 10  LEU n 
1 11  VAL n 
1 12  SER n 
1 13  SER n 
1 14  GLU n 
1 15  ASN n 
1 16  PHE n 
1 17  ASP n 
1 18  ASP n 
1 19  TYR n 
1 20  MET n 
1 21  LYS n 
1 22  GLU n 
1 23  VAL n 
1 24  GLY n 
1 25  VAL n 
1 26  GLY n 
1 27  PHE n 
1 28  ALA n 
1 29  THR n 
1 30  ARG n 
1 31  LYS n 
1 32  VAL n 
1 33  ALA n 
1 34  GLY n 
1 35  MET n 
1 36  ALA n 
1 37  LYS n 
1 38  PRO n 
1 39  ASN n 
1 40  MET n 
1 41  ILE n 
1 42  ILE n 
1 43  SER n 
1 44  VAL n 
1 45  ASN n 
1 46  GLY n 
1 47  ASP n 
1 48  VAL n 
1 49  ILE n 
1 50  THR n 
1 51  ILE n 
1 52  LYS n 
1 53  SER n 
1 54  GLU n 
1 55  SER n 
1 56  THR n 
1 57  PHE n 
1 58  LYS n 
1 59  ASN n 
1 60  THR n 
1 61  GLU n 
1 62  ILE n 
1 63  SER n 
1 64  PHE n 
1 65  ILE n 
1 66  LEU n 
1 67  GLY n 
1 68  GLN n 
1 69  GLU n 
1 70  PHE n 
1 71  ASP n 
1 72  GLU n 
1 73  VAL n 
1 74  THR n 
1 75  ALA n 
1 76  ASP n 
1 77  ASP n 
1 78  ARG n 
1 79  LYS n 
1 80  VAL n 
1 81  LYS n 
1 82  SER n 
1 83  THR n 
1 84  ILE n 
1 85  THR n 
1 86  LEU n 
1 87  ASP n 
1 88  GLY n 
1 89  GLY n 
1 90  VAL n 
1 91  LEU n 
1 92  VAL n 
1 93  HIS n 
1 94  VAL n 
1 95  GLN n 
1 96  LYS n 
1 97  TRP n 
1 98  ASP n 
1 99  GLY n 
1 100 LYS n 
1 101 SER n 
1 102 THR n 
1 103 THR n 
1 104 ILE n 
1 105 LYS n 
1 106 ARG n 
1 107 LYS n 
1 108 ARG n 
1 109 GLU n 
1 110 ASP n 
1 111 ASP n 
1 112 LYS n 
1 113 LEU n 
1 114 VAL n 
1 115 VAL n 
1 116 GLU n 
1 117 CYS n 
1 118 VAL n 
1 119 MET n 
1 120 LYS n 
1 121 GLY n 
1 122 VAL n 
1 123 THR n 
1 124 SER n 
1 125 THR n 
1 126 ARG n 
1 127 VAL n 
1 128 TYR n 
1 129 GLU n 
1 130 ARG n 
1 131 ALA n 
# 
_entity_src_gen.entity_id                          1 
_entity_src_gen.pdbx_src_id                        1 
_entity_src_gen.pdbx_alt_source_flag               sample 
_entity_src_gen.pdbx_seq_type                      ? 
_entity_src_gen.pdbx_beg_seq_num                   ? 
_entity_src_gen.pdbx_end_seq_num                   ? 
_entity_src_gen.gene_src_common_name               human 
_entity_src_gen.gene_src_genus                     ? 
_entity_src_gen.pdbx_gene_src_gene                 FABP4 
_entity_src_gen.gene_src_species                   ? 
_entity_src_gen.gene_src_strain                    ? 
_entity_src_gen.gene_src_tissue                    ? 
_entity_src_gen.gene_src_tissue_fraction           ? 
_entity_src_gen.gene_src_details                   ? 
_entity_src_gen.pdbx_gene_src_fragment             ? 
_entity_src_gen.pdbx_gene_src_scientific_name      'Homo sapiens' 
_entity_src_gen.pdbx_gene_src_ncbi_taxonomy_id     9606 
_entity_src_gen.pdbx_gene_src_variant              ? 
_entity_src_gen.pdbx_gene_src_cell_line            ? 
_entity_src_gen.pdbx_gene_src_atcc                 ? 
_entity_src_gen.pdbx_gene_src_organ                ? 
_entity_src_gen.pdbx_gene_src_organelle            ? 
_entity_src_gen.pdbx_gene_src_cell                 ? 
_entity_src_gen.pdbx_gene_src_cellular_location    ? 
_entity_src_gen.host_org_common_name               ? 
_entity_src_gen.pdbx_host_org_scientific_name      'Escherichia coli' 
_entity_src_gen.pdbx_host_org_ncbi_taxonomy_id     562 
_entity_src_gen.host_org_genus                     ? 
_entity_src_gen.pdbx_host_org_gene                 ? 
_entity_src_gen.pdbx_host_org_organ                ? 
_entity_src_gen.host_org_species                   ? 
_entity_src_gen.pdbx_host_org_tissue               ? 
_entity_src_gen.pdbx_host_org_tissue_fraction      ? 
_entity_src_gen.pdbx_host_org_strain               ? 
_entity_src_gen.pdbx_host_org_variant              ? 
_entity_src_gen.pdbx_host_org_cell_line            ? 
_entity_src_gen.pdbx_host_org_atcc                 ? 
_entity_src_gen.pdbx_host_org_culture_collection   ? 
_entity_src_gen.pdbx_host_org_cell                 ? 
_entity_src_gen.pdbx_host_org_organelle            ? 
_entity_src_gen.pdbx_host_org_cellular_location    ? 
_entity_src_gen.pdbx_host_org_vector_type          ? 
_entity_src_gen.pdbx_host_org_vector               ? 
_entity_src_gen.host_org_details                   ? 
_entity_src_gen.expression_system_id               ? 
_entity_src_gen.plasmid_name                       ? 
_entity_src_gen.plasmid_details                    ? 
_entity_src_gen.pdbx_description                   ? 
# 
loop_
_chem_comp.id 
_chem_comp.type 
_chem_comp.mon_nstd_flag 
_chem_comp.name 
_chem_comp.pdbx_synonyms 
_chem_comp.formula 
_chem_comp.formula_weight 
ALA 'L-peptide linking' y ALANINE                                                                             ? 'C3 H7 N O2'     
89.093  
ARG 'L-peptide linking' y ARGININE                                                                            ? 'C6 H15 N4 O2 1' 
175.209 
ASN 'L-peptide linking' y ASPARAGINE                                                                          ? 'C4 H8 N2 O3'    
132.118 
ASP 'L-peptide linking' y 'ASPARTIC ACID'                                                                     ? 'C4 H7 N O4'     
133.103 
CYS 'L-peptide linking' y CYSTEINE                                                                            ? 'C3 H7 N O2 S'   
121.158 
GLN 'L-peptide linking' y GLUTAMINE                                                                           ? 'C5 H10 N2 O3'   
146.144 
GLU 'L-peptide linking' y 'GLUTAMIC ACID'                                                                     ? 'C5 H9 N O4'     
147.129 
GLY 'peptide linking'   y GLYCINE                                                                             ? 'C2 H5 N O2'     
75.067  
HIS 'L-peptide linking' y HISTIDINE                                                                           ? 'C6 H10 N3 O2 1' 
156.162 
HOH non-polymer         . WATER                                                                               ? 'H2 O'           
18.015  
I4A non-polymer         . '5-(3-carbamoylbenzyl)-5,6,7,8,9,10-hexahydrocyclohepta[b]indole-4-carboxylic acid' ? 'C22 H22 N2 O3'  
362.422 
ILE 'L-peptide linking' y ISOLEUCINE                                                                          ? 'C6 H13 N O2'    
131.173 
LEU 'L-peptide linking' y LEUCINE                                                                             ? 'C6 H13 N O2'    
131.173 
LYS 'L-peptide linking' y LYSINE                                                                              ? 'C6 H15 N2 O2 1' 
147.195 
MET 'L-peptide linking' y METHIONINE                                                                          ? 'C5 H11 N O2 S'  
149.211 
PHE 'L-peptide linking' y PHENYLALANINE                                                                       ? 'C9 H11 N O2'    
165.189 
PRO 'L-peptide linking' y PROLINE                                                                             ? 'C5 H9 N O2'     
115.130 
SER 'L-peptide linking' y SERINE                                                                              ? 'C3 H7 N O3'     
105.093 
THR 'L-peptide linking' y THREONINE                                                                           ? 'C4 H9 N O3'     
119.119 
TRP 'L-peptide linking' y TRYPTOPHAN                                                                          ? 'C11 H12 N2 O2'  
204.225 
TYR 'L-peptide linking' y TYROSINE                                                                            ? 'C9 H11 N O3'    
181.189 
VAL 'L-peptide linking' y VALINE                                                                              ? 'C5 H11 N O2'    
117.146 
# 
loop_
_pdbx_poly_seq_scheme.asym_id 
_pdbx_poly_seq_scheme.entity_id 
_pdbx_poly_seq_scheme.seq_id 
_pdbx_poly_seq_scheme.mon_id 
_pdbx_poly_seq_scheme.ndb_seq_num 
_pdbx_poly_seq_scheme.pdb_seq_num 
_pdbx_poly_seq_scheme.auth_seq_num 
_pdbx_poly_seq_scheme.pdb_mon_id 
_pdbx_poly_seq_scheme.auth_mon_id 
_pdbx_poly_seq_scheme.pdb_strand_id 
_pdbx_poly_seq_scheme.pdb_ins_code 
_pdbx_poly_seq_scheme.hetero 
A 1 1   CYS 1   1   1   CYS CYS A . n 
A 1 2   ASP 2   2   2   ASP ASP A . n 
A 1 3   ALA 3   3   3   ALA ALA A . n 
A 1 4   PHE 4   4   4   PHE PHE A . n 
A 1 5   VAL 5   5   5   VAL VAL A . n 
A 1 6   GLY 6   6   6   GLY GLY A . n 
A 1 7   THR 7   7   7   THR THR A . n 
A 1 8   TRP 8   8   8   TRP TRP A . n 
A 1 9   LYS 9   9   9   LYS LYS A . n 
A 1 10  LEU 10  10  10  LEU LEU A . n 
A 1 11  VAL 11  11  11  VAL VAL A . n 
A 1 12  SER 12  12  12  SER SER A . n 
A 1 13  SER 13  13  13  SER SER A . n 
A 1 14  GLU 14  14  14  GLU GLU A . n 
A 1 15  ASN 15  15  15  ASN ASN A . n 
A 1 16  PHE 16  16  16  PHE PHE A . n 
A 1 17  ASP 17  17  17  ASP ASP A . n 
A 1 18  ASP 18  18  18  ASP ASP A . n 
A 1 19  TYR 19  19  19  TYR TYR A . n 
A 1 20  MET 20  20  20  MET MET A . n 
A 1 21  LYS 21  21  21  LYS LYS A . n 
A 1 22  GLU 22  22  22  GLU GLU A . n 
A 1 23  VAL 23  23  23  VAL VAL A . n 
A 1 24  GLY 24  24  24  GLY GLY A . n 
A 1 25  VAL 25  25  25  VAL VAL A . n 
A 1 26  GLY 26  26  26  GLY GLY A . n 
A 1 27  PHE 27  27  27  PHE PHE A . n 
A 1 28  ALA 28  28  28  ALA ALA A . n 
A 1 29  THR 29  29  29  THR THR A . n 
A 1 30  ARG 30  30  30  ARG ARG A . n 
A 1 31  LYS 31  31  31  LYS LYS A . n 
A 1 32  VAL 32  32  32  VAL VAL A . n 
A 1 33  ALA 33  33  33  ALA ALA A . n 
A 1 34  GLY 34  34  34  GLY GLY A . n 
A 1 35  MET 35  35  35  MET MET A . n 
A 1 36  ALA 36  36  36  ALA ALA A . n 
A 1 37  LYS 37  37  37  LYS LYS A . n 
A 1 38  PRO 38  38  38  PRO PRO A . n 
A 1 39  ASN 39  39  39  ASN ASN A . n 
A 1 40  MET 40  40  40  MET MET A . n 
A 1 41  ILE 41  41  41  ILE ILE A . n 
A 1 42  ILE 42  42  42  ILE ILE A . n 
A 1 43  SER 43  43  43  SER SER A . n 
A 1 44  VAL 44  44  44  VAL VAL A . n 
A 1 45  ASN 45  45  45  ASN ASN A . n 
A 1 46  GLY 46  46  46  GLY GLY A . n 
A 1 47  ASP 47  47  47  ASP ASP A . n 
A 1 48  VAL 48  48  48  VAL VAL A . n 
A 1 49  ILE 49  49  49  ILE ILE A . n 
A 1 50  THR 50  50  50  THR THR A . n 
A 1 51  ILE 51  51  51  ILE ILE A . n 
A 1 52  LYS 52  52  52  LYS LYS A . n 
A 1 53  SER 53  53  53  SER SER A . n 
A 1 54  GLU 54  54  54  GLU GLU A . n 
A 1 55  SER 55  55  55  SER SER A . n 
A 1 56  THR 56  56  56  THR THR A . n 
A 1 57  PHE 57  57  57  PHE PHE A . n 
A 1 58  LYS 58  58  58  LYS LYS A . n 
A 1 59  ASN 59  59  59  ASN ASN A . n 
A 1 60  THR 60  60  60  THR THR A . n 
A 1 61  GLU 61  61  61  GLU GLU A . n 
A 1 62  ILE 62  62  62  ILE ILE A . n 
A 1 63  SER 63  63  63  SER SER A . n 
A 1 64  PHE 64  64  64  PHE PHE A . n 
A 1 65  ILE 65  65  65  ILE ILE A . n 
A 1 66  LEU 66  66  66  LEU LEU A . n 
A 1 67  GLY 67  67  67  GLY GLY A . n 
A 1 68  GLN 68  68  68  GLN GLN A . n 
A 1 69  GLU 69  69  69  GLU GLU A . n 
A 1 70  PHE 70  70  70  PHE PHE A . n 
A 1 71  ASP 71  71  71  ASP ASP A . n 
A 1 72  GLU 72  72  72  GLU GLU A . n 
A 1 73  VAL 73  73  73  VAL VAL A . n 
A 1 74  THR 74  74  74  THR THR A . n 
A 1 75  ALA 75  75  75  ALA ALA A . n 
A 1 76  ASP 76  76  76  ASP ASP A . n 
A 1 77  ASP 77  77  77  ASP ASP A . n 
A 1 78  ARG 78  78  78  ARG ARG A . n 
A 1 79  LYS 79  79  79  LYS LYS A . n 
A 1 80  VAL 80  80  80  VAL VAL A . n 
A 1 81  LYS 81  81  81  LYS LYS A . n 
A 1 82  SER 82  82  82  SER SER A . n 
A 1 83  THR 83  83  83  THR THR A . n 
A 1 84  ILE 84  84  84  ILE ILE A . n 
A 1 85  THR 85  85  85  THR THR A . n 
A 1 86  LEU 86  86  86  LEU LEU A . n 
A 1 87  ASP 87  87  87  ASP ASP A . n 
A 1 88  GLY 88  88  88  GLY GLY A . n 
A 1 89  GLY 89  89  89  GLY GLY A . n 
A 1 90  VAL 90  90  90  VAL VAL A . n 
A 1 91  LEU 91  91  91  LEU LEU A . n 
A 1 92  VAL 92  92  92  VAL VAL A . n 
A 1 93  HIS 93  93  93  HIS HIS A . n 
A 1 94  VAL 94  94  94  VAL VAL A . n 
A 1 95  GLN 95  95  95  GLN GLN A . n 
A 1 96  LYS 96  96  96  LYS LYS A . n 
A 1 97  TRP 97  97  97  TRP TRP A . n 
A 1 98  ASP 98  98  98  ASP ASP A . n 
A 1 99  GLY 99  99  99  GLY GLY A . n 
A 1 100 LYS 100 100 100 LYS LYS A . n 
A 1 101 SER 101 101 101 SER SER A . n 
A 1 102 THR 102 102 102 THR THR A . n 
A 1 103 THR 103 103 103 THR THR A . n 
A 1 104 ILE 104 104 104 ILE ILE A . n 
A 1 105 LYS 105 105 105 LYS LYS A . n 
A 1 106 ARG 106 106 106 ARG ARG A . n 
A 1 107 LYS 107 107 107 LYS LYS A . n 
A 1 108 ARG 108 108 108 ARG ARG A . n 
A 1 109 GLU 109 109 109 GLU GLU A . n 
A 1 110 ASP 110 110 110 ASP ASP A . n 
A 1 111 ASP 111 111 111 ASP ASP A . n 
A 1 112 LYS 112 112 112 LYS LYS A . n 
A 1 113 LEU 113 113 113 LEU LEU A . n 
A 1 114 VAL 114 114 114 VAL VAL A . n 
A 1 115 VAL 115 115 115 VAL VAL A . n 
A 1 116 GLU 116 116 116 GLU GLU A . n 
A 1 117 CYS 117 117 117 CYS CYS A . n 
A 1 118 VAL 118 118 118 VAL VAL A . n 
A 1 119 MET 119 119 119 MET MET A . n 
A 1 120 LYS 120 120 120 LYS LYS A . n 
A 1 121 GLY 121 121 121 GLY GLY A . n 
A 1 122 VAL 122 122 122 VAL VAL A . n 
A 1 123 THR 123 123 123 THR THR A . n 
A 1 124 SER 124 124 124 SER SER A . n 
A 1 125 THR 125 125 125 THR THR A . n 
A 1 126 ARG 126 126 126 ARG ARG A . n 
A 1 127 VAL 127 127 127 VAL VAL A . n 
A 1 128 TYR 128 128 128 TYR TYR A . n 
A 1 129 GLU 129 129 129 GLU GLU A . n 
A 1 130 ARG 130 130 130 ARG ARG A . n 
A 1 131 ALA 131 131 131 ALA ALA A . n 
# 
loop_
_pdbx_nonpoly_scheme.asym_id 
_pdbx_nonpoly_scheme.entity_id 
_pdbx_nonpoly_scheme.mon_id 
_pdbx_nonpoly_scheme.ndb_seq_num 
_pdbx_nonpoly_scheme.pdb_seq_num 
_pdbx_nonpoly_scheme.auth_seq_num 
_pdbx_nonpoly_scheme.pdb_mon_id 
_pdbx_nonpoly_scheme.auth_mon_id 
_pdbx_nonpoly_scheme.pdb_strand_id 
_pdbx_nonpoly_scheme.pdb_ins_code 
B 2 I4A 1   132 1   I4A I4A A . 
C 3 HOH 1   133 1   HOH HOH A . 
C 3 HOH 2   134 2   HOH HOH A . 
C 3 HOH 3   135 3   HOH HOH A . 
C 3 HOH 4   136 5   HOH HOH A . 
C 3 HOH 5   137 6   HOH HOH A . 
C 3 HOH 6   138 7   HOH HOH A . 
C 3 HOH 7   139 8   HOH HOH A . 
C 3 HOH 8   140 9   HOH HOH A . 
C 3 HOH 9   141 10  HOH HOH A . 
C 3 HOH 10  142 11  HOH HOH A . 
C 3 HOH 11  143 12  HOH HOH A . 
C 3 HOH 12  144 13  HOH HOH A . 
C 3 HOH 13  145 14  HOH HOH A . 
C 3 HOH 14  146 15  HOH HOH A . 
C 3 HOH 15  147 16  HOH HOH A . 
C 3 HOH 16  148 17  HOH HOH A . 
C 3 HOH 17  149 18  HOH HOH A . 
C 3 HOH 18  150 19  HOH HOH A . 
C 3 HOH 19  151 20  HOH HOH A . 
C 3 HOH 20  152 21  HOH HOH A . 
C 3 HOH 21  153 22  HOH HOH A . 
C 3 HOH 22  154 23  HOH HOH A . 
C 3 HOH 23  155 24  HOH HOH A . 
C 3 HOH 24  156 25  HOH HOH A . 
C 3 HOH 25  157 26  HOH HOH A . 
C 3 HOH 26  158 27  HOH HOH A . 
C 3 HOH 27  159 28  HOH HOH A . 
C 3 HOH 28  160 29  HOH HOH A . 
C 3 HOH 29  161 30  HOH HOH A . 
C 3 HOH 30  162 31  HOH HOH A . 
C 3 HOH 31  163 32  HOH HOH A . 
C 3 HOH 32  164 33  HOH HOH A . 
C 3 HOH 33  165 34  HOH HOH A . 
C 3 HOH 34  166 35  HOH HOH A . 
C 3 HOH 35  167 36  HOH HOH A . 
C 3 HOH 36  168 37  HOH HOH A . 
C 3 HOH 37  169 38  HOH HOH A . 
C 3 HOH 38  170 39  HOH HOH A . 
C 3 HOH 39  171 40  HOH HOH A . 
C 3 HOH 40  172 41  HOH HOH A . 
C 3 HOH 41  173 42  HOH HOH A . 
C 3 HOH 42  174 43  HOH HOH A . 
C 3 HOH 43  175 44  HOH HOH A . 
C 3 HOH 44  176 45  HOH HOH A . 
C 3 HOH 45  177 46  HOH HOH A . 
C 3 HOH 46  178 47  HOH HOH A . 
C 3 HOH 47  179 48  HOH HOH A . 
C 3 HOH 48  180 49  HOH HOH A . 
C 3 HOH 49  181 50  HOH HOH A . 
C 3 HOH 50  182 51  HOH HOH A . 
C 3 HOH 51  183 52  HOH HOH A . 
C 3 HOH 52  184 53  HOH HOH A . 
C 3 HOH 53  185 54  HOH HOH A . 
C 3 HOH 54  186 55  HOH HOH A . 
C 3 HOH 55  187 56  HOH HOH A . 
C 3 HOH 56  188 57  HOH HOH A . 
C 3 HOH 57  189 58  HOH HOH A . 
C 3 HOH 58  190 59  HOH HOH A . 
C 3 HOH 59  191 60  HOH HOH A . 
C 3 HOH 60  192 61  HOH HOH A . 
C 3 HOH 61  193 62  HOH HOH A . 
C 3 HOH 62  194 63  HOH HOH A . 
C 3 HOH 63  195 64  HOH HOH A . 
C 3 HOH 64  196 65  HOH HOH A . 
C 3 HOH 65  197 66  HOH HOH A . 
C 3 HOH 66  198 67  HOH HOH A . 
C 3 HOH 67  199 68  HOH HOH A . 
C 3 HOH 68  200 70  HOH HOH A . 
C 3 HOH 69  201 71  HOH HOH A . 
C 3 HOH 70  202 72  HOH HOH A . 
C 3 HOH 71  203 74  HOH HOH A . 
C 3 HOH 72  204 75  HOH HOH A . 
C 3 HOH 73  205 77  HOH HOH A . 
C 3 HOH 74  206 78  HOH HOH A . 
C 3 HOH 75  207 79  HOH HOH A . 
C 3 HOH 76  208 81  HOH HOH A . 
C 3 HOH 77  209 82  HOH HOH A . 
C 3 HOH 78  210 83  HOH HOH A . 
C 3 HOH 79  211 84  HOH HOH A . 
C 3 HOH 80  212 85  HOH HOH A . 
C 3 HOH 81  213 86  HOH HOH A . 
C 3 HOH 82  214 87  HOH HOH A . 
C 3 HOH 83  215 88  HOH HOH A . 
C 3 HOH 84  216 89  HOH HOH A . 
C 3 HOH 85  217 90  HOH HOH A . 
C 3 HOH 86  218 91  HOH HOH A . 
C 3 HOH 87  219 92  HOH HOH A . 
C 3 HOH 88  220 93  HOH HOH A . 
C 3 HOH 89  221 94  HOH HOH A . 
C 3 HOH 90  222 95  HOH HOH A . 
C 3 HOH 91  223 96  HOH HOH A . 
C 3 HOH 92  224 97  HOH HOH A . 
C 3 HOH 93  225 99  HOH HOH A . 
C 3 HOH 94  226 101 HOH HOH A . 
C 3 HOH 95  227 102 HOH HOH A . 
C 3 HOH 96  228 103 HOH HOH A . 
C 3 HOH 97  229 104 HOH HOH A . 
C 3 HOH 98  230 105 HOH HOH A . 
C 3 HOH 99  231 106 HOH HOH A . 
C 3 HOH 100 232 108 HOH HOH A . 
C 3 HOH 101 233 109 HOH HOH A . 
C 3 HOH 102 234 110 HOH HOH A . 
C 3 HOH 103 235 111 HOH HOH A . 
C 3 HOH 104 236 112 HOH HOH A . 
C 3 HOH 105 237 113 HOH HOH A . 
C 3 HOH 106 238 114 HOH HOH A . 
C 3 HOH 107 239 115 HOH HOH A . 
C 3 HOH 108 240 116 HOH HOH A . 
C 3 HOH 109 241 117 HOH HOH A . 
C 3 HOH 110 242 118 HOH HOH A . 
C 3 HOH 111 243 119 HOH HOH A . 
C 3 HOH 112 244 120 HOH HOH A . 
C 3 HOH 113 245 121 HOH HOH A . 
C 3 HOH 114 246 122 HOH HOH A . 
C 3 HOH 115 247 123 HOH HOH A . 
# 
loop_
_software.name 
_software.classification 
_software.version 
_software.citation_id 
_software.pdbx_ordinal 
HKL-2000  'data collection' .   ? 1 
AMoRE     phasing           .   ? 2 
REFMAC    refinement        5.0 ? 3 
DENZO     'data reduction'  .   ? 4 
SCALEPACK 'data scaling'    .   ? 5 
# 
_cell.entry_id           3FR5 
_cell.length_a           71.715 
_cell.length_b           53.384 
_cell.length_c           32.097 
_cell.angle_alpha        90.00 
_cell.angle_beta         90.00 
_cell.angle_gamma        90.00 
_cell.Z_PDB              4 
_cell.pdbx_unique_axis   ? 
_cell.length_a_esd       ? 
_cell.length_b_esd       ? 
_cell.length_c_esd       ? 
_cell.angle_alpha_esd    ? 
_cell.angle_beta_esd     ? 
_cell.angle_gamma_esd    ? 
# 
_symmetry.entry_id                         3FR5 
_symmetry.space_group_name_H-M             'P 21 21 2' 
_symmetry.pdbx_full_space_group_name_H-M   ? 
_symmetry.cell_setting                     ? 
_symmetry.Int_Tables_number                18 
_symmetry.space_group_name_Hall            ? 
# 
_exptl.entry_id          3FR5 
_exptl.method            'X-RAY DIFFRACTION' 
_exptl.crystals_number   ? 
# 
_exptl_crystal.id                    1 
_exptl_crystal.density_meas          ? 
_exptl_crystal.density_Matthews      2.10 
_exptl_crystal.density_percent_sol   41.51 
_exptl_crystal.description           ? 
_exptl_crystal.F_000                 ? 
_exptl_crystal.preparation           ? 
# 
_diffrn.id                     1 
_diffrn.ambient_temp           100 
_diffrn.ambient_temp_details   ? 
_diffrn.crystal_id             1 
# 
_diffrn_detector.diffrn_id              1 
_diffrn_detector.detector               'IMAGE PLATE' 
_diffrn_detector.type                   'RIGAKU RAXIS IV' 
_diffrn_detector.pdbx_collection_date   ? 
_diffrn_detector.details                ? 
# 
_diffrn_radiation.diffrn_id                        1 
_diffrn_radiation.wavelength_id                    1 
_diffrn_radiation.pdbx_monochromatic_or_laue_m_l   M 
_diffrn_radiation.monochromator                    ? 
_diffrn_radiation.pdbx_diffrn_protocol             'SINGLE WAVELENGTH' 
_diffrn_radiation.pdbx_scattering_type             x-ray 
# 
_diffrn_radiation_wavelength.id           1 
_diffrn_radiation_wavelength.wavelength   1.5418 
_diffrn_radiation_wavelength.wt           1.0 
# 
_diffrn_source.diffrn_id                   1 
_diffrn_source.source                      'ROTATING ANODE' 
_diffrn_source.type                        RIGAKU 
_diffrn_source.pdbx_synchrotron_site       ? 
_diffrn_source.pdbx_synchrotron_beamline   ? 
_diffrn_source.pdbx_wavelength             ? 
_diffrn_source.pdbx_wavelength_list        1.5418 
# 
_reflns.entry_id                     3FR5 
_reflns.observed_criterion_sigma_I   ? 
_reflns.observed_criterion_sigma_F   ? 
_reflns.d_resolution_low             25 
_reflns.d_resolution_high            2.20 
_reflns.number_obs                   6536 
_reflns.number_all                   ? 
_reflns.percent_possible_obs         98.3 
_reflns.pdbx_Rmerge_I_obs            ? 
_reflns.pdbx_Rsym_value              ? 
_reflns.pdbx_netI_over_sigmaI        ? 
_reflns.B_iso_Wilson_estimate        ? 
_reflns.pdbx_redundancy              ? 
_reflns.R_free_details               ? 
_reflns.limit_h_max                  ? 
_reflns.limit_h_min                  ? 
_reflns.limit_k_max                  ? 
_reflns.limit_k_min                  ? 
_reflns.limit_l_max                  ? 
_reflns.limit_l_min                  ? 
_reflns.observed_criterion_F_max     ? 
_reflns.observed_criterion_F_min     ? 
_reflns.pdbx_chi_squared             ? 
_reflns.pdbx_scaling_rejects         ? 
_reflns.pdbx_diffrn_id               1 
_reflns.pdbx_ordinal                 1 
# 
_refine.entry_id                                 3FR5 
_refine.ls_number_reflns_obs                     6211 
_refine.ls_number_reflns_all                     ? 
_refine.pdbx_ls_sigma_I                          ? 
_refine.pdbx_ls_sigma_F                          ? 
_refine.pdbx_data_cutoff_high_absF               ? 
_refine.pdbx_data_cutoff_low_absF                ? 
_refine.pdbx_data_cutoff_high_rms_absF           ? 
_refine.ls_d_res_low                             15.00 
_refine.ls_d_res_high                            2.20 
_refine.ls_percent_reflns_obs                    97.95 
_refine.ls_R_factor_obs                          0.22400 
_refine.ls_R_factor_all                          ? 
_refine.ls_R_factor_R_work                       0.22165 
_refine.ls_R_factor_R_free                       0.27414 
_refine.ls_R_factor_R_free_error                 ? 
_refine.ls_R_factor_R_free_error_details         ? 
_refine.ls_percent_reflns_R_free                 4.6 
_refine.ls_number_reflns_R_free                  298 
_refine.ls_number_parameters                     ? 
_refine.ls_number_restraints                     ? 
_refine.occupancy_min                            ? 
_refine.occupancy_max                            ? 
_refine.correlation_coeff_Fo_to_Fc               0.923 
_refine.correlation_coeff_Fo_to_Fc_free          0.891 
_refine.B_iso_mean                               27.957 
_refine.aniso_B[1][1]                            0.37 
_refine.aniso_B[2][2]                            -1.44 
_refine.aniso_B[3][3]                            1.07 
_refine.aniso_B[1][2]                            0.00 
_refine.aniso_B[1][3]                            0.00 
_refine.aniso_B[2][3]                            0.00 
_refine.solvent_model_details                    'BABINET MODEL WITH MASK' 
_refine.solvent_model_param_ksol                 ? 
_refine.solvent_model_param_bsol                 ? 
_refine.pdbx_solvent_vdw_probe_radii             1.40 
_refine.pdbx_solvent_ion_probe_radii             0.80 
_refine.pdbx_solvent_shrinkage_radii             0.80 
_refine.pdbx_ls_cross_valid_method               THROUGHOUT 
_refine.details                                  ? 
_refine.pdbx_starting_model                      ? 
_refine.pdbx_method_to_determine_struct          'MOLECULAR REPLACEMENT' 
_refine.pdbx_isotropic_thermal_model             ? 
_refine.pdbx_stereochemistry_target_values       'MAXIMUM LIKELIHOOD' 
_refine.pdbx_stereochem_target_val_spec_case     ? 
_refine.pdbx_R_Free_selection_details            RANDOM 
_refine.pdbx_overall_ESU_R                       0.431 
_refine.pdbx_overall_ESU_R_Free                  0.267 
_refine.overall_SU_ML                            0.187 
_refine.overall_SU_B                             7.429 
_refine.ls_redundancy_reflns_obs                 ? 
_refine.B_iso_min                                ? 
_refine.B_iso_max                                ? 
_refine.overall_SU_R_Cruickshank_DPI             ? 
_refine.overall_SU_R_free                        ? 
_refine.ls_wR_factor_R_free                      ? 
_refine.ls_wR_factor_R_work                      ? 
_refine.overall_FOM_free_R_set                   ? 
_refine.overall_FOM_work_R_set                   ? 
_refine.pdbx_overall_phase_error                 ? 
_refine.pdbx_refine_id                           'X-RAY DIFFRACTION' 
_refine.pdbx_diffrn_id                           1 
_refine.pdbx_TLS_residual_ADP_flag               ? 
_refine.pdbx_overall_SU_R_free_Cruickshank_DPI   ? 
_refine.pdbx_overall_SU_R_Blow_DPI               ? 
_refine.pdbx_overall_SU_R_free_Blow_DPI          ? 
# 
_refine_hist.pdbx_refine_id                   'X-RAY DIFFRACTION' 
_refine_hist.cycle_id                         LAST 
_refine_hist.pdbx_number_atoms_protein        1021 
_refine_hist.pdbx_number_atoms_nucleic_acid   0 
_refine_hist.pdbx_number_atoms_ligand         27 
_refine_hist.number_atoms_solvent             115 
_refine_hist.number_atoms_total               1163 
_refine_hist.d_res_high                       2.20 
_refine_hist.d_res_low                        15.00 
# 
loop_
_refine_ls_restr.type 
_refine_ls_restr.dev_ideal 
_refine_ls_restr.dev_ideal_target 
_refine_ls_restr.weight 
_refine_ls_restr.number 
_refine_ls_restr.pdbx_refine_id 
_refine_ls_restr.pdbx_restraint_function 
r_bond_refined_d             0.019  0.022  ? 1064 'X-RAY DIFFRACTION' ? 
r_bond_other_d               ?      ?      ? ?    'X-RAY DIFFRACTION' ? 
r_angle_refined_deg          1.954  1.977  ? 1433 'X-RAY DIFFRACTION' ? 
r_angle_other_deg            ?      ?      ? ?    'X-RAY DIFFRACTION' ? 
r_dihedral_angle_1_deg       4.365  3.000  ? 130  'X-RAY DIFFRACTION' ? 
r_dihedral_angle_2_deg       ?      ?      ? ?    'X-RAY DIFFRACTION' ? 
r_dihedral_angle_3_deg       18.408 15.000 ? 201  'X-RAY DIFFRACTION' ? 
r_dihedral_angle_4_deg       ?      ?      ? ?    'X-RAY DIFFRACTION' ? 
r_chiral_restr               0.119  0.200  ? 163  'X-RAY DIFFRACTION' ? 
r_gen_planes_refined         0.007  0.020  ? 771  'X-RAY DIFFRACTION' ? 
r_gen_planes_other           ?      ?      ? ?    'X-RAY DIFFRACTION' ? 
r_nbd_refined                0.241  0.300  ? 489  'X-RAY DIFFRACTION' ? 
r_nbd_other                  ?      ?      ? ?    'X-RAY DIFFRACTION' ? 
r_nbtor_refined              ?      ?      ? ?    'X-RAY DIFFRACTION' ? 
r_nbtor_other                ?      ?      ? ?    'X-RAY DIFFRACTION' ? 
r_xyhbond_nbd_refined        0.219  0.500  ? 139  'X-RAY DIFFRACTION' ? 
r_xyhbond_nbd_other          ?      ?      ? ?    'X-RAY DIFFRACTION' ? 
r_metal_ion_refined          ?      ?      ? ?    'X-RAY DIFFRACTION' ? 
r_metal_ion_other            ?      ?      ? ?    'X-RAY DIFFRACTION' ? 
r_symmetry_vdw_refined       0.375  0.300  ? 40   'X-RAY DIFFRACTION' ? 
r_symmetry_vdw_other         ?      ?      ? ?    'X-RAY DIFFRACTION' ? 
r_symmetry_hbond_refined     0.319  0.500  ? 17   'X-RAY DIFFRACTION' ? 
r_symmetry_hbond_other       ?      ?      ? ?    'X-RAY DIFFRACTION' ? 
r_symmetry_metal_ion_refined ?      ?      ? ?    'X-RAY DIFFRACTION' ? 
r_symmetry_metal_ion_other   ?      ?      ? ?    'X-RAY DIFFRACTION' ? 
r_mcbond_it                  0.944  1.500  ? 645  'X-RAY DIFFRACTION' ? 
r_mcbond_other               ?      ?      ? ?    'X-RAY DIFFRACTION' ? 
r_mcangle_it                 1.754  2.000  ? 1049 'X-RAY DIFFRACTION' ? 
r_scbond_it                  3.076  3.000  ? 419  'X-RAY DIFFRACTION' ? 
r_scangle_it                 4.779  4.500  ? 384  'X-RAY DIFFRACTION' ? 
r_rigid_bond_restr           ?      ?      ? ?    'X-RAY DIFFRACTION' ? 
r_sphericity_free            ?      ?      ? ?    'X-RAY DIFFRACTION' ? 
r_sphericity_bonded          ?      ?      ? ?    'X-RAY DIFFRACTION' ? 
# 
_refine_ls_shell.pdbx_total_number_of_bins_used   20 
_refine_ls_shell.d_res_high                       2.200 
_refine_ls_shell.d_res_low                        2.256 
_refine_ls_shell.number_reflns_R_work             398 
_refine_ls_shell.R_factor_R_work                  0.247 
_refine_ls_shell.percent_reflns_obs               ? 
_refine_ls_shell.R_factor_R_free                  0.299 
_refine_ls_shell.R_factor_R_free_error            ? 
_refine_ls_shell.percent_reflns_R_free            ? 
_refine_ls_shell.number_reflns_R_free             24 
_refine_ls_shell.number_reflns_all                ? 
_refine_ls_shell.R_factor_all                     ? 
_refine_ls_shell.number_reflns_obs                ? 
_refine_ls_shell.redundancy_reflns_obs            ? 
_refine_ls_shell.pdbx_refine_id                   'X-RAY DIFFRACTION' 
# 
_struct.entry_id                  3FR5 
_struct.title                     
;N-Benzyl-indolo carboxylic acids: Design and synthesis of potent and selective adipocyte Fatty-Acid Binding Protein (A-FABP) inhibitors
;
_struct.pdbx_model_details        ? 
_struct.pdbx_CASP_flag            ? 
_struct.pdbx_model_type_details   ? 
# 
_struct_keywords.entry_id        3FR5 
_struct_keywords.pdbx_keywords   'LIPID BINDING PROTEIN' 
_struct_keywords.text            
;selective adipocyte Fatty-Acid Binding Protein (A-FABP) inhibitors, Cytoplasm, Lipid-binding, Nucleus, Phosphoprotein, Polymorphism, Transport, LIPID BINDING PROTEIN
;
# 
loop_
_struct_asym.id 
_struct_asym.pdbx_blank_PDB_chainid_flag 
_struct_asym.pdbx_modified 
_struct_asym.entity_id 
_struct_asym.details 
A N N 1 ? 
B N N 2 ? 
C N N 3 ? 
# 
_struct_ref.id                         1 
_struct_ref.db_name                    UNP 
_struct_ref.db_code                    FABP4_HUMAN 
_struct_ref.pdbx_db_accession          P15090 
_struct_ref.entity_id                  1 
_struct_ref.pdbx_seq_one_letter_code   
;CDAFVGTWKLVSSENFDDYMKEVGVGFATRKVAGMAKPNMIISVNGDVITIKSESTFKNTEISFILGQEFDEVTADDRKV
KSTITLDGGVLVHVQKWDGKSTTIKRKREDDKLVVECVMKGVTSTRVYERA
;
_struct_ref.pdbx_align_begin           2 
_struct_ref.pdbx_db_isoform            ? 
# 
_struct_ref_seq.align_id                      1 
_struct_ref_seq.ref_id                        1 
_struct_ref_seq.pdbx_PDB_id_code              3FR5 
_struct_ref_seq.pdbx_strand_id                A 
_struct_ref_seq.seq_align_beg                 1 
_struct_ref_seq.pdbx_seq_align_beg_ins_code   ? 
_struct_ref_seq.seq_align_end                 131 
_struct_ref_seq.pdbx_seq_align_end_ins_code   ? 
_struct_ref_seq.pdbx_db_accession             P15090 
_struct_ref_seq.db_align_beg                  2 
_struct_ref_seq.pdbx_db_align_beg_ins_code    ? 
_struct_ref_seq.db_align_end                  132 
_struct_ref_seq.pdbx_db_align_end_ins_code    ? 
_struct_ref_seq.pdbx_auth_seq_align_beg       1 
_struct_ref_seq.pdbx_auth_seq_align_end       131 
# 
_pdbx_struct_assembly.id                   1 
_pdbx_struct_assembly.details              author_and_software_defined_assembly 
_pdbx_struct_assembly.method_details       PISA 
_pdbx_struct_assembly.oligomeric_details   monomeric 
_pdbx_struct_assembly.oligomeric_count     1 
# 
_pdbx_struct_assembly_gen.assembly_id       1 
_pdbx_struct_assembly_gen.oper_expression   1 
_pdbx_struct_assembly_gen.asym_id_list      A,B,C 
# 
_pdbx_struct_oper_list.id                   1 
_pdbx_struct_oper_list.type                 'identity operation' 
_pdbx_struct_oper_list.name                 1_555 
_pdbx_struct_oper_list.symmetry_operation   x,y,z 
_pdbx_struct_oper_list.matrix[1][1]         1.0000000000 
_pdbx_struct_oper_list.matrix[1][2]         0.0000000000 
_pdbx_struct_oper_list.matrix[1][3]         0.0000000000 
_pdbx_struct_oper_list.vector[1]            0.0000000000 
_pdbx_struct_oper_list.matrix[2][1]         0.0000000000 
_pdbx_struct_oper_list.matrix[2][2]         1.0000000000 
_pdbx_struct_oper_list.matrix[2][3]         0.0000000000 
_pdbx_struct_oper_list.vector[2]            0.0000000000 
_pdbx_struct_oper_list.matrix[3][1]         0.0000000000 
_pdbx_struct_oper_list.matrix[3][2]         0.0000000000 
_pdbx_struct_oper_list.matrix[3][3]         1.0000000000 
_pdbx_struct_oper_list.vector[3]            0.0000000000 
# 
_struct_biol.id        1 
_struct_biol.details   ? 
# 
loop_
_struct_conf.conf_type_id 
_struct_conf.id 
_struct_conf.pdbx_PDB_helix_id 
_struct_conf.beg_label_comp_id 
_struct_conf.beg_label_asym_id 
_struct_conf.beg_label_seq_id 
_struct_conf.pdbx_beg_PDB_ins_code 
_struct_conf.end_label_comp_id 
_struct_conf.end_label_asym_id 
_struct_conf.end_label_seq_id 
_struct_conf.pdbx_end_PDB_ins_code 
_struct_conf.beg_auth_comp_id 
_struct_conf.beg_auth_asym_id 
_struct_conf.beg_auth_seq_id 
_struct_conf.end_auth_comp_id 
_struct_conf.end_auth_asym_id 
_struct_conf.end_auth_seq_id 
_struct_conf.pdbx_PDB_helix_class 
_struct_conf.details 
_struct_conf.pdbx_PDB_helix_length 
HELX_P HELX_P1 1 ASN A 15 ? GLY A 24 ? ASN A 15 GLY A 24 1 ? 10 
HELX_P HELX_P2 2 GLY A 26 ? ALA A 36 ? GLY A 26 ALA A 36 1 ? 11 
# 
_struct_conf_type.id          HELX_P 
_struct_conf_type.criteria    ? 
_struct_conf_type.reference   ? 
# 
_struct_sheet.id               A 
_struct_sheet.type             ? 
_struct_sheet.number_strands   10 
_struct_sheet.details          ? 
# 
loop_
_struct_sheet_order.sheet_id 
_struct_sheet_order.range_id_1 
_struct_sheet_order.range_id_2 
_struct_sheet_order.offset 
_struct_sheet_order.sense 
A 1 2  ? anti-parallel 
A 2 3  ? anti-parallel 
A 3 4  ? anti-parallel 
A 4 5  ? anti-parallel 
A 5 6  ? anti-parallel 
A 6 7  ? anti-parallel 
A 7 8  ? anti-parallel 
A 8 9  ? anti-parallel 
A 9 10 ? anti-parallel 
# 
loop_
_struct_sheet_range.sheet_id 
_struct_sheet_range.id 
_struct_sheet_range.beg_label_comp_id 
_struct_sheet_range.beg_label_asym_id 
_struct_sheet_range.beg_label_seq_id 
_struct_sheet_range.pdbx_beg_PDB_ins_code 
_struct_sheet_range.end_label_comp_id 
_struct_sheet_range.end_label_asym_id 
_struct_sheet_range.end_label_seq_id 
_struct_sheet_range.pdbx_end_PDB_ins_code 
_struct_sheet_range.beg_auth_comp_id 
_struct_sheet_range.beg_auth_asym_id 
_struct_sheet_range.beg_auth_seq_id 
_struct_sheet_range.end_auth_comp_id 
_struct_sheet_range.end_auth_asym_id 
_struct_sheet_range.end_auth_seq_id 
A 1  ASN A 59  ? ILE A 65  ? ASN A 59  ILE A 65  
A 2  VAL A 48  ? GLU A 54  ? VAL A 48  GLU A 54  
A 3  ASN A 39  ? ASN A 45  ? ASN A 39  ASN A 45  
A 4  GLY A 6   ? GLU A 14  ? GLY A 6   GLU A 14  
A 5  VAL A 122 ? ARG A 130 ? VAL A 122 ARG A 130 
A 6  LYS A 112 ? MET A 119 ? LYS A 112 MET A 119 
A 7  LYS A 100 ? GLU A 109 ? LYS A 100 GLU A 109 
A 8  VAL A 90  ? TRP A 97  ? VAL A 90  TRP A 97  
A 9  LYS A 79  ? ASP A 87  ? LYS A 79  ASP A 87  
A 10 PHE A 70  ? VAL A 73  ? PHE A 70  VAL A 73  
# 
loop_
_pdbx_struct_sheet_hbond.sheet_id 
_pdbx_struct_sheet_hbond.range_id_1 
_pdbx_struct_sheet_hbond.range_id_2 
_pdbx_struct_sheet_hbond.range_1_label_atom_id 
_pdbx_struct_sheet_hbond.range_1_label_comp_id 
_pdbx_struct_sheet_hbond.range_1_label_asym_id 
_pdbx_struct_sheet_hbond.range_1_label_seq_id 
_pdbx_struct_sheet_hbond.range_1_PDB_ins_code 
_pdbx_struct_sheet_hbond.range_1_auth_atom_id 
_pdbx_struct_sheet_hbond.range_1_auth_comp_id 
_pdbx_struct_sheet_hbond.range_1_auth_asym_id 
_pdbx_struct_sheet_hbond.range_1_auth_seq_id 
_pdbx_struct_sheet_hbond.range_2_label_atom_id 
_pdbx_struct_sheet_hbond.range_2_label_comp_id 
_pdbx_struct_sheet_hbond.range_2_label_asym_id 
_pdbx_struct_sheet_hbond.range_2_label_seq_id 
_pdbx_struct_sheet_hbond.range_2_PDB_ins_code 
_pdbx_struct_sheet_hbond.range_2_auth_atom_id 
_pdbx_struct_sheet_hbond.range_2_auth_comp_id 
_pdbx_struct_sheet_hbond.range_2_auth_asym_id 
_pdbx_struct_sheet_hbond.range_2_auth_seq_id 
A 1 2  O PHE A 64  ? O PHE A 64  N ILE A 49  ? N ILE A 49  
A 2 3  O GLU A 54  ? O GLU A 54  N ASN A 39  ? N ASN A 39  
A 3 4  O MET A 40  ? O MET A 40  N TRP A 8   ? N TRP A 8   
A 4 5  N LYS A 9   ? N LYS A 9   O GLU A 129 ? O GLU A 129 
A 5 6  O SER A 124 ? O SER A 124 N CYS A 117 ? N CYS A 117 
A 6 7  O VAL A 114 ? O VAL A 114 N LYS A 107 ? N LYS A 107 
A 7 8  O ILE A 104 ? O ILE A 104 N HIS A 93  ? N HIS A 93  
A 8 9  O LYS A 96  ? O LYS A 96  N LYS A 81  ? N LYS A 81  
A 9 10 O SER A 82  ? O SER A 82  N PHE A 70  ? N PHE A 70  
# 
_struct_site.id                   AC1 
_struct_site.pdbx_evidence_code   Software 
_struct_site.pdbx_auth_asym_id    A 
_struct_site.pdbx_auth_comp_id    I4A 
_struct_site.pdbx_auth_seq_id     132 
_struct_site.pdbx_auth_ins_code   ? 
_struct_site.pdbx_num_residues    16 
_struct_site.details              'BINDING SITE FOR RESIDUE I4A A 132' 
# 
loop_
_struct_site_gen.id 
_struct_site_gen.site_id 
_struct_site_gen.pdbx_num_res 
_struct_site_gen.label_comp_id 
_struct_site_gen.label_asym_id 
_struct_site_gen.label_seq_id 
_struct_site_gen.pdbx_auth_ins_code 
_struct_site_gen.auth_comp_id 
_struct_site_gen.auth_asym_id 
_struct_site_gen.auth_seq_id 
_struct_site_gen.label_atom_id 
_struct_site_gen.label_alt_id 
_struct_site_gen.symmetry 
_struct_site_gen.details 
1  AC1 16 PHE A 16  ? PHE A 16  . ? 1_555 ? 
2  AC1 16 TYR A 19  ? TYR A 19  . ? 1_555 ? 
3  AC1 16 ALA A 33  ? ALA A 33  . ? 1_555 ? 
4  AC1 16 ALA A 36  ? ALA A 36  . ? 1_555 ? 
5  AC1 16 PRO A 38  ? PRO A 38  . ? 1_555 ? 
6  AC1 16 SER A 53  ? SER A 53  . ? 1_555 ? 
7  AC1 16 SER A 55  ? SER A 55  . ? 1_555 ? 
8  AC1 16 PHE A 57  ? PHE A 57  . ? 1_555 ? 
9  AC1 16 LYS A 58  ? LYS A 58  . ? 1_555 ? 
10 AC1 16 ASP A 76  ? ASP A 76  . ? 1_555 ? 
11 AC1 16 ARG A 78  ? ARG A 78  . ? 1_555 ? 
12 AC1 16 VAL A 115 ? VAL A 115 . ? 1_555 ? 
13 AC1 16 CYS A 117 ? CYS A 117 . ? 1_555 ? 
14 AC1 16 ARG A 126 ? ARG A 126 . ? 1_555 ? 
15 AC1 16 TYR A 128 ? TYR A 128 . ? 1_555 ? 
16 AC1 16 HOH C .   ? HOH A 246 . ? 1_555 ? 
# 
loop_
_pdbx_validate_close_contact.id 
_pdbx_validate_close_contact.PDB_model_num 
_pdbx_validate_close_contact.auth_atom_id_1 
_pdbx_validate_close_contact.auth_asym_id_1 
_pdbx_validate_close_contact.auth_comp_id_1 
_pdbx_validate_close_contact.auth_seq_id_1 
_pdbx_validate_close_contact.PDB_ins_code_1 
_pdbx_validate_close_contact.label_alt_id_1 
_pdbx_validate_close_contact.auth_atom_id_2 
_pdbx_validate_close_contact.auth_asym_id_2 
_pdbx_validate_close_contact.auth_comp_id_2 
_pdbx_validate_close_contact.auth_seq_id_2 
_pdbx_validate_close_contact.PDB_ins_code_2 
_pdbx_validate_close_contact.label_alt_id_2 
_pdbx_validate_close_contact.dist 
1 1 OE2 A GLU 116 ? ? O A HOH 183 ? ? 1.77 
2 1 O   A HOH 232 ? ? O A HOH 236 ? ? 2.06 
3 1 OD2 A ASP 98  ? ? O A HOH 241 ? ? 2.10 
# 
loop_
_pdbx_validate_symm_contact.id 
_pdbx_validate_symm_contact.PDB_model_num 
_pdbx_validate_symm_contact.auth_atom_id_1 
_pdbx_validate_symm_contact.auth_asym_id_1 
_pdbx_validate_symm_contact.auth_comp_id_1 
_pdbx_validate_symm_contact.auth_seq_id_1 
_pdbx_validate_symm_contact.PDB_ins_code_1 
_pdbx_validate_symm_contact.label_alt_id_1 
_pdbx_validate_symm_contact.site_symmetry_1 
_pdbx_validate_symm_contact.auth_atom_id_2 
_pdbx_validate_symm_contact.auth_asym_id_2 
_pdbx_validate_symm_contact.auth_comp_id_2 
_pdbx_validate_symm_contact.auth_seq_id_2 
_pdbx_validate_symm_contact.PDB_ins_code_2 
_pdbx_validate_symm_contact.label_alt_id_2 
_pdbx_validate_symm_contact.site_symmetry_2 
_pdbx_validate_symm_contact.dist 
1 1 NZ A LYS 37  ? ? 1_555 O A HOH 202 ? ? 3_555 1.78 
2 1 O  A HOH 155 ? ? 1_555 O A HOH 156 ? ? 3_555 2.18 
# 
loop_
_pdbx_validate_rmsd_angle.id 
_pdbx_validate_rmsd_angle.PDB_model_num 
_pdbx_validate_rmsd_angle.auth_atom_id_1 
_pdbx_validate_rmsd_angle.auth_asym_id_1 
_pdbx_validate_rmsd_angle.auth_comp_id_1 
_pdbx_validate_rmsd_angle.auth_seq_id_1 
_pdbx_validate_rmsd_angle.PDB_ins_code_1 
_pdbx_validate_rmsd_angle.label_alt_id_1 
_pdbx_validate_rmsd_angle.auth_atom_id_2 
_pdbx_validate_rmsd_angle.auth_asym_id_2 
_pdbx_validate_rmsd_angle.auth_comp_id_2 
_pdbx_validate_rmsd_angle.auth_seq_id_2 
_pdbx_validate_rmsd_angle.PDB_ins_code_2 
_pdbx_validate_rmsd_angle.label_alt_id_2 
_pdbx_validate_rmsd_angle.auth_atom_id_3 
_pdbx_validate_rmsd_angle.auth_asym_id_3 
_pdbx_validate_rmsd_angle.auth_comp_id_3 
_pdbx_validate_rmsd_angle.auth_seq_id_3 
_pdbx_validate_rmsd_angle.PDB_ins_code_3 
_pdbx_validate_rmsd_angle.label_alt_id_3 
_pdbx_validate_rmsd_angle.angle_value 
_pdbx_validate_rmsd_angle.angle_target_value 
_pdbx_validate_rmsd_angle.angle_deviation 
_pdbx_validate_rmsd_angle.angle_standard_deviation 
_pdbx_validate_rmsd_angle.linker_flag 
1 1 CB A ILE 41  ? ? CA A ILE 41  ? ? C   A ILE 41  ? ? 99.33  111.60 -12.27 2.00 N 
2 1 CB A ASP 47  ? ? CG A ASP 47  ? ? OD2 A ASP 47  ? ? 123.84 118.30 5.54   0.90 N 
3 1 CB A ASP 77  ? ? CG A ASP 77  ? ? OD2 A ASP 77  ? ? 124.30 118.30 6.00   0.90 N 
4 1 CB A ASP 98  ? ? CG A ASP 98  ? ? OD2 A ASP 98  ? ? 125.77 118.30 7.47   0.90 N 
5 1 NE A ARG 108 ? ? CZ A ARG 108 ? ? NH2 A ARG 108 ? ? 117.20 120.30 -3.10  0.50 N 
# 
loop_
_pdbx_validate_torsion.id 
_pdbx_validate_torsion.PDB_model_num 
_pdbx_validate_torsion.auth_comp_id 
_pdbx_validate_torsion.auth_asym_id 
_pdbx_validate_torsion.auth_seq_id 
_pdbx_validate_torsion.PDB_ins_code 
_pdbx_validate_torsion.label_alt_id 
_pdbx_validate_torsion.phi 
_pdbx_validate_torsion.psi 
1 1 ASP A 77  ? ? 47.55 29.85   
2 1 ASP A 110 ? ? 51.85 -116.52 
3 1 LYS A 120 ? ? 55.90 -126.69 
# 
loop_
_chem_comp_atom.comp_id 
_chem_comp_atom.atom_id 
_chem_comp_atom.type_symbol 
_chem_comp_atom.pdbx_aromatic_flag 
_chem_comp_atom.pdbx_stereo_config 
_chem_comp_atom.pdbx_ordinal 
ALA N    N N N 1   
ALA CA   C N S 2   
ALA C    C N N 3   
ALA O    O N N 4   
ALA CB   C N N 5   
ALA OXT  O N N 6   
ALA H    H N N 7   
ALA H2   H N N 8   
ALA HA   H N N 9   
ALA HB1  H N N 10  
ALA HB2  H N N 11  
ALA HB3  H N N 12  
ALA HXT  H N N 13  
ARG N    N N N 14  
ARG CA   C N S 15  
ARG C    C N N 16  
ARG O    O N N 17  
ARG CB   C N N 18  
ARG CG   C N N 19  
ARG CD   C N N 20  
ARG NE   N N N 21  
ARG CZ   C N N 22  
ARG NH1  N N N 23  
ARG NH2  N N N 24  
ARG OXT  O N N 25  
ARG H    H N N 26  
ARG H2   H N N 27  
ARG HA   H N N 28  
ARG HB2  H N N 29  
ARG HB3  H N N 30  
ARG HG2  H N N 31  
ARG HG3  H N N 32  
ARG HD2  H N N 33  
ARG HD3  H N N 34  
ARG HE   H N N 35  
ARG HH11 H N N 36  
ARG HH12 H N N 37  
ARG HH21 H N N 38  
ARG HH22 H N N 39  
ARG HXT  H N N 40  
ASN N    N N N 41  
ASN CA   C N S 42  
ASN C    C N N 43  
ASN O    O N N 44  
ASN CB   C N N 45  
ASN CG   C N N 46  
ASN OD1  O N N 47  
ASN ND2  N N N 48  
ASN OXT  O N N 49  
ASN H    H N N 50  
ASN H2   H N N 51  
ASN HA   H N N 52  
ASN HB2  H N N 53  
ASN HB3  H N N 54  
ASN HD21 H N N 55  
ASN HD22 H N N 56  
ASN HXT  H N N 57  
ASP N    N N N 58  
ASP CA   C N S 59  
ASP C    C N N 60  
ASP O    O N N 61  
ASP CB   C N N 62  
ASP CG   C N N 63  
ASP OD1  O N N 64  
ASP OD2  O N N 65  
ASP OXT  O N N 66  
ASP H    H N N 67  
ASP H2   H N N 68  
ASP HA   H N N 69  
ASP HB2  H N N 70  
ASP HB3  H N N 71  
ASP HD2  H N N 72  
ASP HXT  H N N 73  
CYS N    N N N 74  
CYS CA   C N R 75  
CYS C    C N N 76  
CYS O    O N N 77  
CYS CB   C N N 78  
CYS SG   S N N 79  
CYS OXT  O N N 80  
CYS H    H N N 81  
CYS H2   H N N 82  
CYS HA   H N N 83  
CYS HB2  H N N 84  
CYS HB3  H N N 85  
CYS HG   H N N 86  
CYS HXT  H N N 87  
GLN N    N N N 88  
GLN CA   C N S 89  
GLN C    C N N 90  
GLN O    O N N 91  
GLN CB   C N N 92  
GLN CG   C N N 93  
GLN CD   C N N 94  
GLN OE1  O N N 95  
GLN NE2  N N N 96  
GLN OXT  O N N 97  
GLN H    H N N 98  
GLN H2   H N N 99  
GLN HA   H N N 100 
GLN HB2  H N N 101 
GLN HB3  H N N 102 
GLN HG2  H N N 103 
GLN HG3  H N N 104 
GLN HE21 H N N 105 
GLN HE22 H N N 106 
GLN HXT  H N N 107 
GLU N    N N N 108 
GLU CA   C N S 109 
GLU C    C N N 110 
GLU O    O N N 111 
GLU CB   C N N 112 
GLU CG   C N N 113 
GLU CD   C N N 114 
GLU OE1  O N N 115 
GLU OE2  O N N 116 
GLU OXT  O N N 117 
GLU H    H N N 118 
GLU H2   H N N 119 
GLU HA   H N N 120 
GLU HB2  H N N 121 
GLU HB3  H N N 122 
GLU HG2  H N N 123 
GLU HG3  H N N 124 
GLU HE2  H N N 125 
GLU HXT  H N N 126 
GLY N    N N N 127 
GLY CA   C N N 128 
GLY C    C N N 129 
GLY O    O N N 130 
GLY OXT  O N N 131 
GLY H    H N N 132 
GLY H2   H N N 133 
GLY HA2  H N N 134 
GLY HA3  H N N 135 
GLY HXT  H N N 136 
HIS N    N N N 137 
HIS CA   C N S 138 
HIS C    C N N 139 
HIS O    O N N 140 
HIS CB   C N N 141 
HIS CG   C Y N 142 
HIS ND1  N Y N 143 
HIS CD2  C Y N 144 
HIS CE1  C Y N 145 
HIS NE2  N Y N 146 
HIS OXT  O N N 147 
HIS H    H N N 148 
HIS H2   H N N 149 
HIS HA   H N N 150 
HIS HB2  H N N 151 
HIS HB3  H N N 152 
HIS HD1  H N N 153 
HIS HD2  H N N 154 
HIS HE1  H N N 155 
HIS HE2  H N N 156 
HIS HXT  H N N 157 
HOH O    O N N 158 
HOH H1   H N N 159 
HOH H2   H N N 160 
I4A O27  O N N 161 
I4A C25  C N N 162 
I4A O26  O N N 163 
I4A C4   C Y N 164 
I4A C6   C Y N 165 
I4A C7   C Y N 166 
I4A C9   C Y N 167 
I4A C10  C N N 168 
I4A C12  C N N 169 
I4A C14  C N N 170 
I4A C13  C N N 171 
I4A C11  C N N 172 
I4A C8   C Y N 173 
I4A C3   C Y N 174 
I4A C2   C Y N 175 
I4A C1   C Y N 176 
I4A N5   N Y N 177 
I4A C15  C N N 178 
I4A C16  C Y N 179 
I4A C17  C Y N 180 
I4A C18  C Y N 181 
I4A C22  C N N 182 
I4A N24  N N N 183 
I4A O23  O N N 184 
I4A C19  C Y N 185 
I4A C20  C Y N 186 
I4A C21  C Y N 187 
I4A HO27 H N N 188 
I4A H10  H N N 189 
I4A H10A H N N 190 
I4A H12  H N N 191 
I4A H12A H N N 192 
I4A H14  H N N 193 
I4A H14A H N N 194 
I4A H13  H N N 195 
I4A H13A H N N 196 
I4A H11  H N N 197 
I4A H11A H N N 198 
I4A H3   H N N 199 
I4A H2   H N N 200 
I4A H1   H N N 201 
I4A H15  H N N 202 
I4A H15A H N N 203 
I4A H17  H N N 204 
I4A HN24 H N N 205 
I4A HN2A H N N 206 
I4A H19  H N N 207 
I4A H20  H N N 208 
I4A H21  H N N 209 
ILE N    N N N 210 
ILE CA   C N S 211 
ILE C    C N N 212 
ILE O    O N N 213 
ILE CB   C N S 214 
ILE CG1  C N N 215 
ILE CG2  C N N 216 
ILE CD1  C N N 217 
ILE OXT  O N N 218 
ILE H    H N N 219 
ILE H2   H N N 220 
ILE HA   H N N 221 
ILE HB   H N N 222 
ILE HG12 H N N 223 
ILE HG13 H N N 224 
ILE HG21 H N N 225 
ILE HG22 H N N 226 
ILE HG23 H N N 227 
ILE HD11 H N N 228 
ILE HD12 H N N 229 
ILE HD13 H N N 230 
ILE HXT  H N N 231 
LEU N    N N N 232 
LEU CA   C N S 233 
LEU C    C N N 234 
LEU O    O N N 235 
LEU CB   C N N 236 
LEU CG   C N N 237 
LEU CD1  C N N 238 
LEU CD2  C N N 239 
LEU OXT  O N N 240 
LEU H    H N N 241 
LEU H2   H N N 242 
LEU HA   H N N 243 
LEU HB2  H N N 244 
LEU HB3  H N N 245 
LEU HG   H N N 246 
LEU HD11 H N N 247 
LEU HD12 H N N 248 
LEU HD13 H N N 249 
LEU HD21 H N N 250 
LEU HD22 H N N 251 
LEU HD23 H N N 252 
LEU HXT  H N N 253 
LYS N    N N N 254 
LYS CA   C N S 255 
LYS C    C N N 256 
LYS O    O N N 257 
LYS CB   C N N 258 
LYS CG   C N N 259 
LYS CD   C N N 260 
LYS CE   C N N 261 
LYS NZ   N N N 262 
LYS OXT  O N N 263 
LYS H    H N N 264 
LYS H2   H N N 265 
LYS HA   H N N 266 
LYS HB2  H N N 267 
LYS HB3  H N N 268 
LYS HG2  H N N 269 
LYS HG3  H N N 270 
LYS HD2  H N N 271 
LYS HD3  H N N 272 
LYS HE2  H N N 273 
LYS HE3  H N N 274 
LYS HZ1  H N N 275 
LYS HZ2  H N N 276 
LYS HZ3  H N N 277 
LYS HXT  H N N 278 
MET N    N N N 279 
MET CA   C N S 280 
MET C    C N N 281 
MET O    O N N 282 
MET CB   C N N 283 
MET CG   C N N 284 
MET SD   S N N 285 
MET CE   C N N 286 
MET OXT  O N N 287 
MET H    H N N 288 
MET H2   H N N 289 
MET HA   H N N 290 
MET HB2  H N N 291 
MET HB3  H N N 292 
MET HG2  H N N 293 
MET HG3  H N N 294 
MET HE1  H N N 295 
MET HE2  H N N 296 
MET HE3  H N N 297 
MET HXT  H N N 298 
PHE N    N N N 299 
PHE CA   C N S 300 
PHE C    C N N 301 
PHE O    O N N 302 
PHE CB   C N N 303 
PHE CG   C Y N 304 
PHE CD1  C Y N 305 
PHE CD2  C Y N 306 
PHE CE1  C Y N 307 
PHE CE2  C Y N 308 
PHE CZ   C Y N 309 
PHE OXT  O N N 310 
PHE H    H N N 311 
PHE H2   H N N 312 
PHE HA   H N N 313 
PHE HB2  H N N 314 
PHE HB3  H N N 315 
PHE HD1  H N N 316 
PHE HD2  H N N 317 
PHE HE1  H N N 318 
PHE HE2  H N N 319 
PHE HZ   H N N 320 
PHE HXT  H N N 321 
PRO N    N N N 322 
PRO CA   C N S 323 
PRO C    C N N 324 
PRO O    O N N 325 
PRO CB   C N N 326 
PRO CG   C N N 327 
PRO CD   C N N 328 
PRO OXT  O N N 329 
PRO H    H N N 330 
PRO HA   H N N 331 
PRO HB2  H N N 332 
PRO HB3  H N N 333 
PRO HG2  H N N 334 
PRO HG3  H N N 335 
PRO HD2  H N N 336 
PRO HD3  H N N 337 
PRO HXT  H N N 338 
SER N    N N N 339 
SER CA   C N S 340 
SER C    C N N 341 
SER O    O N N 342 
SER CB   C N N 343 
SER OG   O N N 344 
SER OXT  O N N 345 
SER H    H N N 346 
SER H2   H N N 347 
SER HA   H N N 348 
SER HB2  H N N 349 
SER HB3  H N N 350 
SER HG   H N N 351 
SER HXT  H N N 352 
THR N    N N N 353 
THR CA   C N S 354 
THR C    C N N 355 
THR O    O N N 356 
THR CB   C N R 357 
THR OG1  O N N 358 
THR CG2  C N N 359 
THR OXT  O N N 360 
THR H    H N N 361 
THR H2   H N N 362 
THR HA   H N N 363 
THR HB   H N N 364 
THR HG1  H N N 365 
THR HG21 H N N 366 
THR HG22 H N N 367 
THR HG23 H N N 368 
THR HXT  H N N 369 
TRP N    N N N 370 
TRP CA   C N S 371 
TRP C    C N N 372 
TRP O    O N N 373 
TRP CB   C N N 374 
TRP CG   C Y N 375 
TRP CD1  C Y N 376 
TRP CD2  C Y N 377 
TRP NE1  N Y N 378 
TRP CE2  C Y N 379 
TRP CE3  C Y N 380 
TRP CZ2  C Y N 381 
TRP CZ3  C Y N 382 
TRP CH2  C Y N 383 
TRP OXT  O N N 384 
TRP H    H N N 385 
TRP H2   H N N 386 
TRP HA   H N N 387 
TRP HB2  H N N 388 
TRP HB3  H N N 389 
TRP HD1  H N N 390 
TRP HE1  H N N 391 
TRP HE3  H N N 392 
TRP HZ2  H N N 393 
TRP HZ3  H N N 394 
TRP HH2  H N N 395 
TRP HXT  H N N 396 
TYR N    N N N 397 
TYR CA   C N S 398 
TYR C    C N N 399 
TYR O    O N N 400 
TYR CB   C N N 401 
TYR CG   C Y N 402 
TYR CD1  C Y N 403 
TYR CD2  C Y N 404 
TYR CE1  C Y N 405 
TYR CE2  C Y N 406 
TYR CZ   C Y N 407 
TYR OH   O N N 408 
TYR OXT  O N N 409 
TYR H    H N N 410 
TYR H2   H N N 411 
TYR HA   H N N 412 
TYR HB2  H N N 413 
TYR HB3  H N N 414 
TYR HD1  H N N 415 
TYR HD2  H N N 416 
TYR HE1  H N N 417 
TYR HE2  H N N 418 
TYR HH   H N N 419 
TYR HXT  H N N 420 
VAL N    N N N 421 
VAL CA   C N S 422 
VAL C    C N N 423 
VAL O    O N N 424 
VAL CB   C N N 425 
VAL CG1  C N N 426 
VAL CG2  C N N 427 
VAL OXT  O N N 428 
VAL H    H N N 429 
VAL H2   H N N 430 
VAL HA   H N N 431 
VAL HB   H N N 432 
VAL HG11 H N N 433 
VAL HG12 H N N 434 
VAL HG13 H N N 435 
VAL HG21 H N N 436 
VAL HG22 H N N 437 
VAL HG23 H N N 438 
VAL HXT  H N N 439 
# 
loop_
_chem_comp_bond.comp_id 
_chem_comp_bond.atom_id_1 
_chem_comp_bond.atom_id_2 
_chem_comp_bond.value_order 
_chem_comp_bond.pdbx_aromatic_flag 
_chem_comp_bond.pdbx_stereo_config 
_chem_comp_bond.pdbx_ordinal 
ALA N   CA   sing N N 1   
ALA N   H    sing N N 2   
ALA N   H2   sing N N 3   
ALA CA  C    sing N N 4   
ALA CA  CB   sing N N 5   
ALA CA  HA   sing N N 6   
ALA C   O    doub N N 7   
ALA C   OXT  sing N N 8   
ALA CB  HB1  sing N N 9   
ALA CB  HB2  sing N N 10  
ALA CB  HB3  sing N N 11  
ALA OXT HXT  sing N N 12  
ARG N   CA   sing N N 13  
ARG N   H    sing N N 14  
ARG N   H2   sing N N 15  
ARG CA  C    sing N N 16  
ARG CA  CB   sing N N 17  
ARG CA  HA   sing N N 18  
ARG C   O    doub N N 19  
ARG C   OXT  sing N N 20  
ARG CB  CG   sing N N 21  
ARG CB  HB2  sing N N 22  
ARG CB  HB3  sing N N 23  
ARG CG  CD   sing N N 24  
ARG CG  HG2  sing N N 25  
ARG CG  HG3  sing N N 26  
ARG CD  NE   sing N N 27  
ARG CD  HD2  sing N N 28  
ARG CD  HD3  sing N N 29  
ARG NE  CZ   sing N N 30  
ARG NE  HE   sing N N 31  
ARG CZ  NH1  sing N N 32  
ARG CZ  NH2  doub N N 33  
ARG NH1 HH11 sing N N 34  
ARG NH1 HH12 sing N N 35  
ARG NH2 HH21 sing N N 36  
ARG NH2 HH22 sing N N 37  
ARG OXT HXT  sing N N 38  
ASN N   CA   sing N N 39  
ASN N   H    sing N N 40  
ASN N   H2   sing N N 41  
ASN CA  C    sing N N 42  
ASN CA  CB   sing N N 43  
ASN CA  HA   sing N N 44  
ASN C   O    doub N N 45  
ASN C   OXT  sing N N 46  
ASN CB  CG   sing N N 47  
ASN CB  HB2  sing N N 48  
ASN CB  HB3  sing N N 49  
ASN CG  OD1  doub N N 50  
ASN CG  ND2  sing N N 51  
ASN ND2 HD21 sing N N 52  
ASN ND2 HD22 sing N N 53  
ASN OXT HXT  sing N N 54  
ASP N   CA   sing N N 55  
ASP N   H    sing N N 56  
ASP N   H2   sing N N 57  
ASP CA  C    sing N N 58  
ASP CA  CB   sing N N 59  
ASP CA  HA   sing N N 60  
ASP C   O    doub N N 61  
ASP C   OXT  sing N N 62  
ASP CB  CG   sing N N 63  
ASP CB  HB2  sing N N 64  
ASP CB  HB3  sing N N 65  
ASP CG  OD1  doub N N 66  
ASP CG  OD2  sing N N 67  
ASP OD2 HD2  sing N N 68  
ASP OXT HXT  sing N N 69  
CYS N   CA   sing N N 70  
CYS N   H    sing N N 71  
CYS N   H2   sing N N 72  
CYS CA  C    sing N N 73  
CYS CA  CB   sing N N 74  
CYS CA  HA   sing N N 75  
CYS C   O    doub N N 76  
CYS C   OXT  sing N N 77  
CYS CB  SG   sing N N 78  
CYS CB  HB2  sing N N 79  
CYS CB  HB3  sing N N 80  
CYS SG  HG   sing N N 81  
CYS OXT HXT  sing N N 82  
GLN N   CA   sing N N 83  
GLN N   H    sing N N 84  
GLN N   H2   sing N N 85  
GLN CA  C    sing N N 86  
GLN CA  CB   sing N N 87  
GLN CA  HA   sing N N 88  
GLN C   O    doub N N 89  
GLN C   OXT  sing N N 90  
GLN CB  CG   sing N N 91  
GLN CB  HB2  sing N N 92  
GLN CB  HB3  sing N N 93  
GLN CG  CD   sing N N 94  
GLN CG  HG2  sing N N 95  
GLN CG  HG3  sing N N 96  
GLN CD  OE1  doub N N 97  
GLN CD  NE2  sing N N 98  
GLN NE2 HE21 sing N N 99  
GLN NE2 HE22 sing N N 100 
GLN OXT HXT  sing N N 101 
GLU N   CA   sing N N 102 
GLU N   H    sing N N 103 
GLU N   H2   sing N N 104 
GLU CA  C    sing N N 105 
GLU CA  CB   sing N N 106 
GLU CA  HA   sing N N 107 
GLU C   O    doub N N 108 
GLU C   OXT  sing N N 109 
GLU CB  CG   sing N N 110 
GLU CB  HB2  sing N N 111 
GLU CB  HB3  sing N N 112 
GLU CG  CD   sing N N 113 
GLU CG  HG2  sing N N 114 
GLU CG  HG3  sing N N 115 
GLU CD  OE1  doub N N 116 
GLU CD  OE2  sing N N 117 
GLU OE2 HE2  sing N N 118 
GLU OXT HXT  sing N N 119 
GLY N   CA   sing N N 120 
GLY N   H    sing N N 121 
GLY N   H2   sing N N 122 
GLY CA  C    sing N N 123 
GLY CA  HA2  sing N N 124 
GLY CA  HA3  sing N N 125 
GLY C   O    doub N N 126 
GLY C   OXT  sing N N 127 
GLY OXT HXT  sing N N 128 
HIS N   CA   sing N N 129 
HIS N   H    sing N N 130 
HIS N   H2   sing N N 131 
HIS CA  C    sing N N 132 
HIS CA  CB   sing N N 133 
HIS CA  HA   sing N N 134 
HIS C   O    doub N N 135 
HIS C   OXT  sing N N 136 
HIS CB  CG   sing N N 137 
HIS CB  HB2  sing N N 138 
HIS CB  HB3  sing N N 139 
HIS CG  ND1  sing Y N 140 
HIS CG  CD2  doub Y N 141 
HIS ND1 CE1  doub Y N 142 
HIS ND1 HD1  sing N N 143 
HIS CD2 NE2  sing Y N 144 
HIS CD2 HD2  sing N N 145 
HIS CE1 NE2  sing Y N 146 
HIS CE1 HE1  sing N N 147 
HIS NE2 HE2  sing N N 148 
HIS OXT HXT  sing N N 149 
HOH O   H1   sing N N 150 
HOH O   H2   sing N N 151 
I4A C25 O27  sing N N 152 
I4A O27 HO27 sing N N 153 
I4A O26 C25  doub N N 154 
I4A C25 C4   sing N N 155 
I4A C6  C4   doub Y N 156 
I4A C4  C1   sing Y N 157 
I4A N5  C6   sing Y N 158 
I4A C6  C7   sing Y N 159 
I4A C9  C7   sing Y N 160 
I4A C7  C3   doub Y N 161 
I4A C8  C9   doub Y N 162 
I4A C9  C10  sing N N 163 
I4A C12 C10  sing N N 164 
I4A C10 H10  sing N N 165 
I4A C10 H10A sing N N 166 
I4A C14 C12  sing N N 167 
I4A C12 H12  sing N N 168 
I4A C12 H12A sing N N 169 
I4A C13 C14  sing N N 170 
I4A C14 H14  sing N N 171 
I4A C14 H14A sing N N 172 
I4A C13 C11  sing N N 173 
I4A C13 H13  sing N N 174 
I4A C13 H13A sing N N 175 
I4A C11 C8   sing N N 176 
I4A C11 H11  sing N N 177 
I4A C11 H11A sing N N 178 
I4A N5  C8   sing Y N 179 
I4A C3  C2   sing Y N 180 
I4A C3  H3   sing N N 181 
I4A C1  C2   doub Y N 182 
I4A C2  H2   sing N N 183 
I4A C1  H1   sing N N 184 
I4A C15 N5   sing N N 185 
I4A C16 C15  sing N N 186 
I4A C15 H15  sing N N 187 
I4A C15 H15A sing N N 188 
I4A C17 C16  doub Y N 189 
I4A C21 C16  sing Y N 190 
I4A C18 C17  sing Y N 191 
I4A C17 H17  sing N N 192 
I4A C22 C18  sing N N 193 
I4A C19 C18  doub Y N 194 
I4A N24 C22  sing N N 195 
I4A C22 O23  doub N N 196 
I4A N24 HN24 sing N N 197 
I4A N24 HN2A sing N N 198 
I4A C19 C20  sing Y N 199 
I4A C19 H19  sing N N 200 
I4A C20 C21  doub Y N 201 
I4A C20 H20  sing N N 202 
I4A C21 H21  sing N N 203 
ILE N   CA   sing N N 204 
ILE N   H    sing N N 205 
ILE N   H2   sing N N 206 
ILE CA  C    sing N N 207 
ILE CA  CB   sing N N 208 
ILE CA  HA   sing N N 209 
ILE C   O    doub N N 210 
ILE C   OXT  sing N N 211 
ILE CB  CG1  sing N N 212 
ILE CB  CG2  sing N N 213 
ILE CB  HB   sing N N 214 
ILE CG1 CD1  sing N N 215 
ILE CG1 HG12 sing N N 216 
ILE CG1 HG13 sing N N 217 
ILE CG2 HG21 sing N N 218 
ILE CG2 HG22 sing N N 219 
ILE CG2 HG23 sing N N 220 
ILE CD1 HD11 sing N N 221 
ILE CD1 HD12 sing N N 222 
ILE CD1 HD13 sing N N 223 
ILE OXT HXT  sing N N 224 
LEU N   CA   sing N N 225 
LEU N   H    sing N N 226 
LEU N   H2   sing N N 227 
LEU CA  C    sing N N 228 
LEU CA  CB   sing N N 229 
LEU CA  HA   sing N N 230 
LEU C   O    doub N N 231 
LEU C   OXT  sing N N 232 
LEU CB  CG   sing N N 233 
LEU CB  HB2  sing N N 234 
LEU CB  HB3  sing N N 235 
LEU CG  CD1  sing N N 236 
LEU CG  CD2  sing N N 237 
LEU CG  HG   sing N N 238 
LEU CD1 HD11 sing N N 239 
LEU CD1 HD12 sing N N 240 
LEU CD1 HD13 sing N N 241 
LEU CD2 HD21 sing N N 242 
LEU CD2 HD22 sing N N 243 
LEU CD2 HD23 sing N N 244 
LEU OXT HXT  sing N N 245 
LYS N   CA   sing N N 246 
LYS N   H    sing N N 247 
LYS N   H2   sing N N 248 
LYS CA  C    sing N N 249 
LYS CA  CB   sing N N 250 
LYS CA  HA   sing N N 251 
LYS C   O    doub N N 252 
LYS C   OXT  sing N N 253 
LYS CB  CG   sing N N 254 
LYS CB  HB2  sing N N 255 
LYS CB  HB3  sing N N 256 
LYS CG  CD   sing N N 257 
LYS CG  HG2  sing N N 258 
LYS CG  HG3  sing N N 259 
LYS CD  CE   sing N N 260 
LYS CD  HD2  sing N N 261 
LYS CD  HD3  sing N N 262 
LYS CE  NZ   sing N N 263 
LYS CE  HE2  sing N N 264 
LYS CE  HE3  sing N N 265 
LYS NZ  HZ1  sing N N 266 
LYS NZ  HZ2  sing N N 267 
LYS NZ  HZ3  sing N N 268 
LYS OXT HXT  sing N N 269 
MET N   CA   sing N N 270 
MET N   H    sing N N 271 
MET N   H2   sing N N 272 
MET CA  C    sing N N 273 
MET CA  CB   sing N N 274 
MET CA  HA   sing N N 275 
MET C   O    doub N N 276 
MET C   OXT  sing N N 277 
MET CB  CG   sing N N 278 
MET CB  HB2  sing N N 279 
MET CB  HB3  sing N N 280 
MET CG  SD   sing N N 281 
MET CG  HG2  sing N N 282 
MET CG  HG3  sing N N 283 
MET SD  CE   sing N N 284 
MET CE  HE1  sing N N 285 
MET CE  HE2  sing N N 286 
MET CE  HE3  sing N N 287 
MET OXT HXT  sing N N 288 
PHE N   CA   sing N N 289 
PHE N   H    sing N N 290 
PHE N   H2   sing N N 291 
PHE CA  C    sing N N 292 
PHE CA  CB   sing N N 293 
PHE CA  HA   sing N N 294 
PHE C   O    doub N N 295 
PHE C   OXT  sing N N 296 
PHE CB  CG   sing N N 297 
PHE CB  HB2  sing N N 298 
PHE CB  HB3  sing N N 299 
PHE CG  CD1  doub Y N 300 
PHE CG  CD2  sing Y N 301 
PHE CD1 CE1  sing Y N 302 
PHE CD1 HD1  sing N N 303 
PHE CD2 CE2  doub Y N 304 
PHE CD2 HD2  sing N N 305 
PHE CE1 CZ   doub Y N 306 
PHE CE1 HE1  sing N N 307 
PHE CE2 CZ   sing Y N 308 
PHE CE2 HE2  sing N N 309 
PHE CZ  HZ   sing N N 310 
PHE OXT HXT  sing N N 311 
PRO N   CA   sing N N 312 
PRO N   CD   sing N N 313 
PRO N   H    sing N N 314 
PRO CA  C    sing N N 315 
PRO CA  CB   sing N N 316 
PRO CA  HA   sing N N 317 
PRO C   O    doub N N 318 
PRO C   OXT  sing N N 319 
PRO CB  CG   sing N N 320 
PRO CB  HB2  sing N N 321 
PRO CB  HB3  sing N N 322 
PRO CG  CD   sing N N 323 
PRO CG  HG2  sing N N 324 
PRO CG  HG3  sing N N 325 
PRO CD  HD2  sing N N 326 
PRO CD  HD3  sing N N 327 
PRO OXT HXT  sing N N 328 
SER N   CA   sing N N 329 
SER N   H    sing N N 330 
SER N   H2   sing N N 331 
SER CA  C    sing N N 332 
SER CA  CB   sing N N 333 
SER CA  HA   sing N N 334 
SER C   O    doub N N 335 
SER C   OXT  sing N N 336 
SER CB  OG   sing N N 337 
SER CB  HB2  sing N N 338 
SER CB  HB3  sing N N 339 
SER OG  HG   sing N N 340 
SER OXT HXT  sing N N 341 
THR N   CA   sing N N 342 
THR N   H    sing N N 343 
THR N   H2   sing N N 344 
THR CA  C    sing N N 345 
THR CA  CB   sing N N 346 
THR CA  HA   sing N N 347 
THR C   O    doub N N 348 
THR C   OXT  sing N N 349 
THR CB  OG1  sing N N 350 
THR CB  CG2  sing N N 351 
THR CB  HB   sing N N 352 
THR OG1 HG1  sing N N 353 
THR CG2 HG21 sing N N 354 
THR CG2 HG22 sing N N 355 
THR CG2 HG23 sing N N 356 
THR OXT HXT  sing N N 357 
TRP N   CA   sing N N 358 
TRP N   H    sing N N 359 
TRP N   H2   sing N N 360 
TRP CA  C    sing N N 361 
TRP CA  CB   sing N N 362 
TRP CA  HA   sing N N 363 
TRP C   O    doub N N 364 
TRP C   OXT  sing N N 365 
TRP CB  CG   sing N N 366 
TRP CB  HB2  sing N N 367 
TRP CB  HB3  sing N N 368 
TRP CG  CD1  doub Y N 369 
TRP CG  CD2  sing Y N 370 
TRP CD1 NE1  sing Y N 371 
TRP CD1 HD1  sing N N 372 
TRP CD2 CE2  doub Y N 373 
TRP CD2 CE3  sing Y N 374 
TRP NE1 CE2  sing Y N 375 
TRP NE1 HE1  sing N N 376 
TRP CE2 CZ2  sing Y N 377 
TRP CE3 CZ3  doub Y N 378 
TRP CE3 HE3  sing N N 379 
TRP CZ2 CH2  doub Y N 380 
TRP CZ2 HZ2  sing N N 381 
TRP CZ3 CH2  sing Y N 382 
TRP CZ3 HZ3  sing N N 383 
TRP CH2 HH2  sing N N 384 
TRP OXT HXT  sing N N 385 
TYR N   CA   sing N N 386 
TYR N   H    sing N N 387 
TYR N   H2   sing N N 388 
TYR CA  C    sing N N 389 
TYR CA  CB   sing N N 390 
TYR CA  HA   sing N N 391 
TYR C   O    doub N N 392 
TYR C   OXT  sing N N 393 
TYR CB  CG   sing N N 394 
TYR CB  HB2  sing N N 395 
TYR CB  HB3  sing N N 396 
TYR CG  CD1  doub Y N 397 
TYR CG  CD2  sing Y N 398 
TYR CD1 CE1  sing Y N 399 
TYR CD1 HD1  sing N N 400 
TYR CD2 CE2  doub Y N 401 
TYR CD2 HD2  sing N N 402 
TYR CE1 CZ   doub Y N 403 
TYR CE1 HE1  sing N N 404 
TYR CE2 CZ   sing Y N 405 
TYR CE2 HE2  sing N N 406 
TYR CZ  OH   sing N N 407 
TYR OH  HH   sing N N 408 
TYR OXT HXT  sing N N 409 
VAL N   CA   sing N N 410 
VAL N   H    sing N N 411 
VAL N   H2   sing N N 412 
VAL CA  C    sing N N 413 
VAL CA  CB   sing N N 414 
VAL CA  HA   sing N N 415 
VAL C   O    doub N N 416 
VAL C   OXT  sing N N 417 
VAL CB  CG1  sing N N 418 
VAL CB  CG2  sing N N 419 
VAL CB  HB   sing N N 420 
VAL CG1 HG11 sing N N 421 
VAL CG1 HG12 sing N N 422 
VAL CG1 HG13 sing N N 423 
VAL CG2 HG21 sing N N 424 
VAL CG2 HG22 sing N N 425 
VAL CG2 HG23 sing N N 426 
VAL OXT HXT  sing N N 427 
# 
_atom_sites.entry_id                    3FR5 
_atom_sites.fract_transf_matrix[1][1]   0.00253252 
_atom_sites.fract_transf_matrix[1][2]   -0.00015286 
_atom_sites.fract_transf_matrix[1][3]   -0.01371124 
_atom_sites.fract_transf_matrix[2][1]   0.01166474 
_atom_sites.fract_transf_matrix[2][2]   0.01452071 
_atom_sites.fract_transf_matrix[2][3]   0.00199264 
_atom_sites.fract_transf_matrix[3][1]   0.02371209 
_atom_sites.fract_transf_matrix[3][2]   -0.01967946 
_atom_sites.fract_transf_matrix[3][3]   0.00459913 
_atom_sites.fract_transf_vector[1]      0.241503 
_atom_sites.fract_transf_vector[2]      0.070771 
_atom_sites.fract_transf_vector[3]      0.175555 
# 
loop_
_atom_type.symbol 
C 
N 
O 
S 
# 
loop_
_atom_site.group_PDB 
_atom_site.id 
_atom_site.type_symbol 
_atom_site.label_atom_id 
_atom_site.label_alt_id 
_atom_site.label_comp_id 
_atom_site.label_asym_id 
_atom_site.label_entity_id 
_atom_site.label_seq_id 
_atom_site.pdbx_PDB_ins_code 
_atom_site.Cartn_x 
_atom_site.Cartn_y 
_atom_site.Cartn_z 
_atom_site.occupancy 
_atom_site.B_iso_or_equiv 
_atom_site.pdbx_formal_charge 
_atom_site.auth_seq_id 
_atom_site.auth_comp_id 
_atom_site.auth_asym_id 
_atom_site.auth_atom_id 
_atom_site.pdbx_PDB_model_num 
ATOM   1    N N   . CYS A 1 1   ? -0.497  -8.955  13.039  1.00 55.53 ? 1   CYS A N   1 
ATOM   2    C CA  . CYS A 1 1   ? -0.144  -7.529  13.365  1.00 56.29 ? 1   CYS A CA  1 
ATOM   3    C C   . CYS A 1 1   ? -1.387  -6.752  13.721  1.00 54.96 ? 1   CYS A C   1 
ATOM   4    O O   . CYS A 1 1   ? -2.426  -6.917  13.059  1.00 55.79 ? 1   CYS A O   1 
ATOM   5    C CB  . CYS A 1 1   ? 0.519   -6.829  12.175  1.00 57.07 ? 1   CYS A CB  1 
ATOM   6    S SG  . CYS A 1 1   ? -0.539  -5.586  11.368  1.00 62.25 ? 1   CYS A SG  1 
ATOM   7    N N   . ASP A 1 2   ? -1.288  -5.875  14.731  1.00 53.20 ? 2   ASP A N   1 
ATOM   8    C CA  . ASP A 1 2   ? -2.454  -5.119  15.198  1.00 50.74 ? 2   ASP A CA  1 
ATOM   9    C C   . ASP A 1 2   ? -2.204  -3.634  15.553  1.00 48.40 ? 2   ASP A C   1 
ATOM   10   O O   . ASP A 1 2   ? -3.155  -2.838  15.582  1.00 48.39 ? 2   ASP A O   1 
ATOM   11   C CB  . ASP A 1 2   ? -3.179  -5.835  16.366  1.00 51.79 ? 2   ASP A CB  1 
ATOM   12   C CG  . ASP A 1 2   ? -2.555  -7.217  16.746  1.00 54.23 ? 2   ASP A CG  1 
ATOM   13   O OD1 . ASP A 1 2   ? -2.758  -8.219  16.020  1.00 55.72 ? 2   ASP A OD1 1 
ATOM   14   O OD2 . ASP A 1 2   ? -1.870  -7.391  17.791  1.00 55.66 ? 2   ASP A OD2 1 
ATOM   15   N N   . ALA A 1 3   ? -0.955  -3.253  15.835  1.00 44.49 ? 3   ALA A N   1 
ATOM   16   C CA  . ALA A 1 3   ? -0.673  -1.842  16.144  1.00 39.47 ? 3   ALA A CA  1 
ATOM   17   C C   . ALA A 1 3   ? -0.918  -0.976  14.904  1.00 36.03 ? 3   ALA A C   1 
ATOM   18   O O   . ALA A 1 3   ? -0.753  0.236   14.926  1.00 34.69 ? 3   ALA A O   1 
ATOM   19   C CB  . ALA A 1 3   ? 0.748   -1.652  16.642  1.00 40.08 ? 3   ALA A CB  1 
ATOM   20   N N   . PHE A 1 4   ? -1.302  -1.632  13.825  1.00 31.33 ? 4   PHE A N   1 
ATOM   21   C CA  . PHE A 1 4   ? -1.645  -0.949  12.597  1.00 28.04 ? 4   PHE A CA  1 
ATOM   22   C C   . PHE A 1 4   ? -3.152  -0.692  12.472  1.00 26.74 ? 4   PHE A C   1 
ATOM   23   O O   . PHE A 1 4   ? -3.556  -0.027  11.556  1.00 25.97 ? 4   PHE A O   1 
ATOM   24   C CB  . PHE A 1 4   ? -1.220  -1.811  11.421  1.00 27.20 ? 4   PHE A CB  1 
ATOM   25   C CG  . PHE A 1 4   ? 0.217   -1.878  11.272  1.00 24.44 ? 4   PHE A CG  1 
ATOM   26   C CD1 . PHE A 1 4   ? 0.887   -0.871  10.635  1.00 22.37 ? 4   PHE A CD1 1 
ATOM   27   C CD2 . PHE A 1 4   ? 0.934   -2.906  11.840  1.00 21.28 ? 4   PHE A CD2 1 
ATOM   28   C CE1 . PHE A 1 4   ? 2.298   -0.914  10.521  1.00 23.76 ? 4   PHE A CE1 1 
ATOM   29   C CE2 . PHE A 1 4   ? 2.301   -2.928  11.739  1.00 21.41 ? 4   PHE A CE2 1 
ATOM   30   C CZ  . PHE A 1 4   ? 2.982   -1.938  11.081  1.00 18.70 ? 4   PHE A CZ  1 
ATOM   31   N N   . VAL A 1 5   ? -3.944  -1.224  13.400  1.00 25.35 ? 5   VAL A N   1 
ATOM   32   C CA  . VAL A 1 5   ? -5.392  -1.227  13.325  1.00 25.52 ? 5   VAL A CA  1 
ATOM   33   C C   . VAL A 1 5   ? -6.080  0.172   13.479  1.00 25.17 ? 5   VAL A C   1 
ATOM   34   O O   . VAL A 1 5   ? -5.661  0.997   14.301  1.00 23.88 ? 5   VAL A O   1 
ATOM   35   C CB  . VAL A 1 5   ? -6.009  -2.233  14.329  1.00 25.30 ? 5   VAL A CB  1 
ATOM   36   C CG1 . VAL A 1 5   ? -7.497  -2.139  14.322  1.00 25.99 ? 5   VAL A CG1 1 
ATOM   37   C CG2 . VAL A 1 5   ? -5.582  -3.699  14.004  1.00 26.35 ? 5   VAL A CG2 1 
ATOM   38   N N   . GLY A 1 6   ? -7.107  0.428   12.677  1.00 25.79 ? 6   GLY A N   1 
ATOM   39   C CA  . GLY A 1 6   ? -7.786  1.702   12.750  1.00 25.77 ? 6   GLY A CA  1 
ATOM   40   C C   . GLY A 1 6   ? -7.922  2.382   11.410  1.00 25.95 ? 6   GLY A C   1 
ATOM   41   O O   . GLY A 1 6   ? -7.776  1.764   10.359  1.00 25.69 ? 6   GLY A O   1 
ATOM   42   N N   . THR A 1 7   ? -8.168  3.679   11.458  1.00 25.95 ? 7   THR A N   1 
ATOM   43   C CA  . THR A 1 7   ? -8.497  4.417   10.256  1.00 26.18 ? 7   THR A CA  1 
ATOM   44   C C   . THR A 1 7   ? -7.495  5.540   10.104  1.00 25.35 ? 7   THR A C   1 
ATOM   45   O O   . THR A 1 7   ? -7.302  6.318   11.017  1.00 25.90 ? 7   THR A O   1 
ATOM   46   C CB  . THR A 1 7   ? -9.972  4.917   10.353  1.00 25.82 ? 7   THR A CB  1 
ATOM   47   O OG1 . THR A 1 7   ? -10.838 3.789   10.199  1.00 26.25 ? 7   THR A OG1 1 
ATOM   48   C CG2 . THR A 1 7   ? -10.349 5.764   9.160   1.00 27.41 ? 7   THR A CG2 1 
ATOM   49   N N   . TRP A 1 8   ? -6.857  5.575   8.943   1.00 24.20 ? 8   TRP A N   1 
ATOM   50   C CA  . TRP A 1 8   ? -5.763  6.467   8.639   1.00 22.98 ? 8   TRP A CA  1 
ATOM   51   C C   . TRP A 1 8   ? -6.024  7.339   7.400   1.00 23.46 ? 8   TRP A C   1 
ATOM   52   O O   . TRP A 1 8   ? -6.511  6.856   6.341   1.00 22.84 ? 8   TRP A O   1 
ATOM   53   C CB  . TRP A 1 8   ? -4.497  5.615   8.393   1.00 21.66 ? 8   TRP A CB  1 
ATOM   54   C CG  . TRP A 1 8   ? -4.161  4.667   9.528   1.00 20.71 ? 8   TRP A CG  1 
ATOM   55   C CD1 . TRP A 1 8   ? -4.565  3.357   9.680   1.00 18.27 ? 8   TRP A CD1 1 
ATOM   56   C CD2 . TRP A 1 8   ? -3.395  4.976   10.704  1.00 20.56 ? 8   TRP A CD2 1 
ATOM   57   N NE1 . TRP A 1 8   ? -4.104  2.850   10.879  1.00 18.35 ? 8   TRP A NE1 1 
ATOM   58   C CE2 . TRP A 1 8   ? -3.345  3.810   11.500  1.00 20.43 ? 8   TRP A CE2 1 
ATOM   59   C CE3 . TRP A 1 8   ? -2.713  6.112   11.146  1.00 21.94 ? 8   TRP A CE3 1 
ATOM   60   C CZ2 . TRP A 1 8   ? -2.673  3.757   12.707  1.00 21.22 ? 8   TRP A CZ2 1 
ATOM   61   C CZ3 . TRP A 1 8   ? -2.044  6.056   12.343  1.00 25.08 ? 8   TRP A CZ3 1 
ATOM   62   C CH2 . TRP A 1 8   ? -2.043  4.883   13.122  1.00 26.01 ? 8   TRP A CH2 1 
ATOM   63   N N   . LYS A 1 9   ? -5.629  8.603   7.513   1.00 23.39 ? 9   LYS A N   1 
ATOM   64   C CA  . LYS A 1 9   ? -5.799  9.568   6.420   1.00 24.20 ? 9   LYS A CA  1 
ATOM   65   C C   . LYS A 1 9   ? -4.449  10.029  5.859   1.00 23.42 ? 9   LYS A C   1 
ATOM   66   O O   . LYS A 1 9   ? -3.547  10.379  6.617   1.00 24.01 ? 9   LYS A O   1 
ATOM   67   C CB  . LYS A 1 9   ? -6.606  10.782  6.898   1.00 23.88 ? 9   LYS A CB  1 
ATOM   68   C CG  . LYS A 1 9   ? -6.807  11.810  5.819   1.00 30.96 ? 9   LYS A CG  1 
ATOM   69   C CD  . LYS A 1 9   ? -8.014  12.721  6.045   1.00 37.48 ? 9   LYS A CD  1 
ATOM   70   C CE  . LYS A 1 9   ? -8.210  13.614  4.803   1.00 44.77 ? 9   LYS A CE  1 
ATOM   71   N NZ  . LYS A 1 9   ? -9.480  14.496  4.797   1.00 47.01 ? 9   LYS A NZ  1 
ATOM   72   N N   . LEU A 1 10  ? -4.302  10.002  4.540   1.00 22.38 ? 10  LEU A N   1 
ATOM   73   C CA  . LEU A 1 10  ? -3.070  10.437  3.928   1.00 22.51 ? 10  LEU A CA  1 
ATOM   74   C C   . LEU A 1 10  ? -2.880  11.916  4.172   1.00 22.36 ? 10  LEU A C   1 
ATOM   75   O O   . LEU A 1 10  ? -3.771  12.697  3.858   1.00 21.83 ? 10  LEU A O   1 
ATOM   76   C CB  . LEU A 1 10  ? -3.129  10.191  2.425   1.00 22.74 ? 10  LEU A CB  1 
ATOM   77   C CG  . LEU A 1 10  ? -1.844  10.578  1.720   1.00 22.42 ? 10  LEU A CG  1 
ATOM   78   C CD1 . LEU A 1 10  ? -0.841  9.393   1.948   1.00 23.43 ? 10  LEU A CD1 1 
ATOM   79   C CD2 . LEU A 1 10  ? -2.078  10.845  0.254   1.00 21.15 ? 10  LEU A CD2 1 
ATOM   80   N N   . VAL A 1 11  ? -1.742  12.297  4.738   1.00 22.19 ? 11  VAL A N   1 
ATOM   81   C CA  . VAL A 1 11  ? -1.473  13.712  5.008   1.00 23.40 ? 11  VAL A CA  1 
ATOM   82   C C   . VAL A 1 11  ? -0.326  14.287  4.190   1.00 23.46 ? 11  VAL A C   1 
ATOM   83   O O   . VAL A 1 11  ? -0.309  15.475  3.924   1.00 24.32 ? 11  VAL A O   1 
ATOM   84   C CB  . VAL A 1 11  ? -1.318  14.068  6.541   1.00 23.18 ? 11  VAL A CB  1 
ATOM   85   C CG1 . VAL A 1 11  ? -2.671  13.955  7.283   1.00 22.49 ? 11  VAL A CG1 1 
ATOM   86   C CG2 . VAL A 1 11  ? -0.279  13.254  7.207   1.00 23.18 ? 11  VAL A CG2 1 
ATOM   87   N N   . SER A 1 12  ? 0.621   13.452  3.775   1.00 23.82 ? 12  SER A N   1 
ATOM   88   C CA  . SER A 1 12  ? 1.729   13.927  2.944   1.00 23.50 ? 12  SER A CA  1 
ATOM   89   C C   . SER A 1 12  ? 2.222   12.817  2.005   1.00 23.65 ? 12  SER A C   1 
ATOM   90   O O   . SER A 1 12  ? 1.979   11.622  2.236   1.00 22.80 ? 12  SER A O   1 
ATOM   91   C CB  . SER A 1 12  ? 2.874   14.410  3.820   1.00 24.47 ? 12  SER A CB  1 
ATOM   92   O OG  . SER A 1 12  ? 3.531   13.324  4.445   1.00 24.84 ? 12  SER A OG  1 
ATOM   93   N N   . SER A 1 13  ? 2.918   13.210  0.946   1.00 23.06 ? 13  SER A N   1 
ATOM   94   C CA  . SER A 1 13  ? 3.382   12.261  -0.045  1.00 22.01 ? 13  SER A CA  1 
ATOM   95   C C   . SER A 1 13  ? 4.488   12.889  -0.924  1.00 21.67 ? 13  SER A C   1 
ATOM   96   O O   . SER A 1 13  ? 4.355   14.033  -1.393  1.00 21.14 ? 13  SER A O   1 
ATOM   97   C CB  . SER A 1 13  ? 2.185   11.805  -0.883  1.00 21.44 ? 13  SER A CB  1 
ATOM   98   O OG  . SER A 1 13  ? 2.569   10.928  -1.907  1.00 22.45 ? 13  SER A OG  1 
ATOM   99   N N   . GLU A 1 14  ? 5.587   12.148  -1.095  1.00 21.63 ? 14  GLU A N   1 
ATOM   100  C CA  . GLU A 1 14  ? 6.733   12.572  -1.913  1.00 22.44 ? 14  GLU A CA  1 
ATOM   101  C C   . GLU A 1 14  ? 7.112   11.476  -2.917  1.00 22.84 ? 14  GLU A C   1 
ATOM   102  O O   . GLU A 1 14  ? 7.220   10.281  -2.557  1.00 19.12 ? 14  GLU A O   1 
ATOM   103  C CB  . GLU A 1 14  ? 7.945   12.888  -1.034  1.00 23.21 ? 14  GLU A CB  1 
ATOM   104  C CG  . GLU A 1 14  ? 7.681   13.891  0.118   1.00 28.18 ? 14  GLU A CG  1 
ATOM   105  C CD  . GLU A 1 14  ? 7.807   13.324  1.554   1.00 34.66 ? 14  GLU A CD  1 
ATOM   106  O OE1 . GLU A 1 14  ? 7.020   13.770  2.414   1.00 35.88 ? 14  GLU A OE1 1 
ATOM   107  O OE2 . GLU A 1 14  ? 8.699   12.483  1.854   1.00 35.71 ? 14  GLU A OE2 1 
ATOM   108  N N   . ASN A 1 15  ? 7.278   11.907  -4.177  1.00 23.45 ? 15  ASN A N   1 
ATOM   109  C CA  . ASN A 1 15  ? 7.752   11.050  -5.269  1.00 24.17 ? 15  ASN A CA  1 
ATOM   110  C C   . ASN A 1 15  ? 6.749   9.993   -5.726  1.00 23.06 ? 15  ASN A C   1 
ATOM   111  O O   . ASN A 1 15  ? 7.107   9.078   -6.442  1.00 22.99 ? 15  ASN A O   1 
ATOM   112  C CB  . ASN A 1 15  ? 9.045   10.312  -4.863  1.00 25.21 ? 15  ASN A CB  1 
ATOM   113  C CG  . ASN A 1 15  ? 10.178  11.242  -4.483  1.00 29.20 ? 15  ASN A CG  1 
ATOM   114  O OD1 . ASN A 1 15  ? 10.446  12.260  -5.157  1.00 35.34 ? 15  ASN A OD1 1 
ATOM   115  N ND2 . ASN A 1 15  ? 10.884  10.883  -3.411  1.00 30.89 ? 15  ASN A ND2 1 
ATOM   116  N N   . PHE A 1 16  ? 5.492   10.127  -5.358  1.00 22.98 ? 16  PHE A N   1 
ATOM   117  C CA  . PHE A 1 16  ? 4.544   9.073   -5.691  1.00 23.02 ? 16  PHE A CA  1 
ATOM   118  C C   . PHE A 1 16  ? 4.260   9.009   -7.177  1.00 22.28 ? 16  PHE A C   1 
ATOM   119  O O   . PHE A 1 16  ? 4.120   7.937   -7.757  1.00 22.20 ? 16  PHE A O   1 
ATOM   120  C CB  . PHE A 1 16  ? 3.253   9.170   -4.868  1.00 22.23 ? 16  PHE A CB  1 
ATOM   121  C CG  . PHE A 1 16  ? 2.403   7.934   -4.943  1.00 25.03 ? 16  PHE A CG  1 
ATOM   122  C CD1 . PHE A 1 16  ? 2.941   6.690   -4.616  1.00 24.83 ? 16  PHE A CD1 1 
ATOM   123  C CD2 . PHE A 1 16  ? 1.059   8.013   -5.271  1.00 25.84 ? 16  PHE A CD2 1 
ATOM   124  C CE1 . PHE A 1 16  ? 2.178   5.575   -4.600  1.00 24.40 ? 16  PHE A CE1 1 
ATOM   125  C CE2 . PHE A 1 16  ? 0.270   6.878   -5.247  1.00 26.29 ? 16  PHE A CE2 1 
ATOM   126  C CZ  . PHE A 1 16  ? 0.839   5.652   -4.952  1.00 26.29 ? 16  PHE A CZ  1 
ATOM   127  N N   . ASP A 1 17  ? 4.144   10.170  -7.783  1.00 22.51 ? 17  ASP A N   1 
ATOM   128  C CA  . ASP A 1 17  ? 4.010   10.150  -9.234  1.00 23.12 ? 17  ASP A CA  1 
ATOM   129  C C   . ASP A 1 17  ? 5.207   9.418   -9.845  1.00 23.72 ? 17  ASP A C   1 
ATOM   130  O O   . ASP A 1 17  ? 5.040   8.593   -10.759 1.00 23.55 ? 17  ASP A O   1 
ATOM   131  C CB  . ASP A 1 17  ? 3.891   11.548  -9.812  1.00 22.77 ? 17  ASP A CB  1 
ATOM   132  C CG  . ASP A 1 17  ? 3.574   11.530  -11.276 1.00 23.22 ? 17  ASP A CG  1 
ATOM   133  O OD1 . ASP A 1 17  ? 2.586   10.893  -11.664 1.00 24.23 ? 17  ASP A OD1 1 
ATOM   134  O OD2 . ASP A 1 17  ? 4.285   12.099  -12.120 1.00 26.98 ? 17  ASP A OD2 1 
ATOM   135  N N   . ASP A 1 18  ? 6.419   9.726   -9.388  1.00 23.84 ? 18  ASP A N   1 
ATOM   136  C CA  . ASP A 1 18  ? 7.599   9.053   -9.955  1.00 25.22 ? 18  ASP A CA  1 
ATOM   137  C C   . ASP A 1 18  ? 7.504   7.571   -9.685  1.00 24.50 ? 18  ASP A C   1 
ATOM   138  O O   . ASP A 1 18  ? 7.768   6.795   -10.560 1.00 24.38 ? 18  ASP A O   1 
ATOM   139  C CB  . ASP A 1 18  ? 8.942   9.570   -9.383  1.00 25.66 ? 18  ASP A CB  1 
ATOM   140  C CG  . ASP A 1 18  ? 9.342   10.960  -9.913  1.00 28.20 ? 18  ASP A CG  1 
ATOM   141  O OD1 . ASP A 1 18  ? 8.874   11.405  -11.019 1.00 28.00 ? 18  ASP A OD1 1 
ATOM   142  O OD2 . ASP A 1 18  ? 10.115  11.689  -9.247  1.00 28.57 ? 18  ASP A OD2 1 
ATOM   143  N N   . TYR A 1 19  ? 7.121   7.180   -8.466  1.00 24.33 ? 19  TYR A N   1 
ATOM   144  C CA  . TYR A 1 19  ? 7.027   5.753   -8.150  1.00 23.73 ? 19  TYR A CA  1 
ATOM   145  C C   . TYR A 1 19  ? 6.031   5.062   -9.101  1.00 23.14 ? 19  TYR A C   1 
ATOM   146  O O   . TYR A 1 19  ? 6.304   4.024   -9.667  1.00 22.44 ? 19  TYR A O   1 
ATOM   147  C CB  . TYR A 1 19  ? 6.628   5.544   -6.685  1.00 22.86 ? 19  TYR A CB  1 
ATOM   148  C CG  . TYR A 1 19  ? 6.138   4.150   -6.404  1.00 23.64 ? 19  TYR A CG  1 
ATOM   149  C CD1 . TYR A 1 19  ? 7.041   3.099   -6.179  1.00 22.63 ? 19  TYR A CD1 1 
ATOM   150  C CD2 . TYR A 1 19  ? 4.778   3.861   -6.391  1.00 21.27 ? 19  TYR A CD2 1 
ATOM   151  C CE1 . TYR A 1 19  ? 6.600   1.826   -5.906  1.00 20.80 ? 19  TYR A CE1 1 
ATOM   152  C CE2 . TYR A 1 19  ? 4.339   2.603   -6.146  1.00 20.35 ? 19  TYR A CE2 1 
ATOM   153  C CZ  . TYR A 1 19  ? 5.246   1.573   -5.890  1.00 21.08 ? 19  TYR A CZ  1 
ATOM   154  O OH  . TYR A 1 19  ? 4.795   0.277   -5.666  1.00 20.33 ? 19  TYR A OH  1 
ATOM   155  N N   . MET A 1 20  ? 4.863   5.660   -9.261  1.00 22.65 ? 20  MET A N   1 
ATOM   156  C CA  . MET A 1 20  ? 3.866   5.074   -10.123 1.00 22.82 ? 20  MET A CA  1 
ATOM   157  C C   . MET A 1 20  ? 4.369   4.926   -11.552 1.00 22.99 ? 20  MET A C   1 
ATOM   158  O O   . MET A 1 20  ? 4.185   3.869   -12.200 1.00 21.96 ? 20  MET A O   1 
ATOM   159  C CB  . MET A 1 20  ? 2.580   5.913   -10.122 1.00 21.56 ? 20  MET A CB  1 
ATOM   160  C CG  . MET A 1 20  ? 1.829   5.784   -8.833  1.00 23.43 ? 20  MET A CG  1 
ATOM   161  S SD  . MET A 1 20  ? 0.136   6.437   -8.811  1.00 23.97 ? 20  MET A SD  1 
ATOM   162  C CE  . MET A 1 20  ? 0.398   8.293   -8.903  1.00 20.11 ? 20  MET A CE  1 
ATOM   163  N N   . LYS A 1 21  ? 4.947   6.013   -12.056 1.00 22.78 ? 21  LYS A N   1 
ATOM   164  C CA  . LYS A 1 21  ? 5.463   6.003   -13.413 1.00 24.19 ? 21  LYS A CA  1 
ATOM   165  C C   . LYS A 1 21  ? 6.438   4.813   -13.577 1.00 23.92 ? 21  LYS A C   1 
ATOM   166  O O   . LYS A 1 21  ? 6.361   4.041   -14.549 1.00 22.67 ? 21  LYS A O   1 
ATOM   167  C CB  . LYS A 1 21  ? 6.164   7.316   -13.732 1.00 25.11 ? 21  LYS A CB  1 
ATOM   168  C CG  . LYS A 1 21  ? 6.746   7.367   -15.125 1.00 28.41 ? 21  LYS A CG  1 
ATOM   169  C CD  . LYS A 1 21  ? 7.040   8.816   -15.475 1.00 36.41 ? 21  LYS A CD  1 
ATOM   170  C CE  . LYS A 1 21  ? 7.421   8.991   -16.922 1.00 40.04 ? 21  LYS A CE  1 
ATOM   171  N NZ  . LYS A 1 21  ? 7.952   10.376  -17.081 1.00 42.70 ? 21  LYS A NZ  1 
ATOM   172  N N   . GLU A 1 22  ? 7.314   4.646   -12.597 1.00 23.20 ? 22  GLU A N   1 
ATOM   173  C CA  . GLU A 1 22  ? 8.254   3.529   -12.645 1.00 24.31 ? 22  GLU A CA  1 
ATOM   174  C C   . GLU A 1 22  ? 7.563   2.182   -12.543 1.00 23.53 ? 22  GLU A C   1 
ATOM   175  O O   . GLU A 1 22  ? 7.995   1.235   -13.136 1.00 22.75 ? 22  GLU A O   1 
ATOM   176  C CB  . GLU A 1 22  ? 9.273   3.666   -11.534 1.00 24.14 ? 22  GLU A CB  1 
ATOM   177  C CG  . GLU A 1 22  ? 10.596  3.032   -11.847 1.00 27.97 ? 22  GLU A CG  1 
ATOM   178  C CD  . GLU A 1 22  ? 11.424  3.844   -12.794 1.00 26.90 ? 22  GLU A CD  1 
ATOM   179  O OE1 . GLU A 1 22  ? 10.957  4.882   -13.267 1.00 31.88 ? 22  GLU A OE1 1 
ATOM   180  O OE2 . GLU A 1 22  ? 12.537  3.425   -13.068 1.00 29.92 ? 22  GLU A OE2 1 
ATOM   181  N N   . VAL A 1 23  ? 6.441   2.107   -11.858 1.00 23.78 ? 23  VAL A N   1 
ATOM   182  C CA  . VAL A 1 23  ? 5.752   0.828   -11.777 1.00 25.06 ? 23  VAL A CA  1 
ATOM   183  C C   . VAL A 1 23  ? 5.156   0.488   -13.111 1.00 25.97 ? 23  VAL A C   1 
ATOM   184  O O   . VAL A 1 23  ? 4.995   -0.691  -13.443 1.00 28.06 ? 23  VAL A O   1 
ATOM   185  C CB  . VAL A 1 23  ? 4.624   0.852   -10.703 1.00 24.98 ? 23  VAL A CB  1 
ATOM   186  C CG1 . VAL A 1 23  ? 3.590   -0.202  -10.983 1.00 21.08 ? 23  VAL A CG1 1 
ATOM   187  C CG2 . VAL A 1 23  ? 5.259   0.690   -9.308  1.00 26.51 ? 23  VAL A CG2 1 
ATOM   188  N N   . GLY A 1 24  ? 4.858   1.508   -13.900 1.00 25.66 ? 24  GLY A N   1 
ATOM   189  C CA  . GLY A 1 24  ? 4.255   1.295   -15.198 1.00 26.10 ? 24  GLY A CA  1 
ATOM   190  C C   . GLY A 1 24  ? 2.830   1.818   -15.302 1.00 26.16 ? 24  GLY A C   1 
ATOM   191  O O   . GLY A 1 24  ? 2.141   1.503   -16.248 1.00 26.71 ? 24  GLY A O   1 
ATOM   192  N N   . VAL A 1 25  ? 2.391   2.614   -14.340 1.00 25.56 ? 25  VAL A N   1 
ATOM   193  C CA  . VAL A 1 25  ? 1.044   3.167   -14.365 1.00 26.00 ? 25  VAL A CA  1 
ATOM   194  C C   . VAL A 1 25  ? 0.919   4.298   -15.410 1.00 26.17 ? 25  VAL A C   1 
ATOM   195  O O   . VAL A 1 25  ? 1.714   5.238   -15.408 1.00 26.58 ? 25  VAL A O   1 
ATOM   196  C CB  . VAL A 1 25  ? 0.683   3.666   -12.953 1.00 25.97 ? 25  VAL A CB  1 
ATOM   197  C CG1 . VAL A 1 25  ? -0.765  4.137   -12.900 1.00 26.60 ? 25  VAL A CG1 1 
ATOM   198  C CG2 . VAL A 1 25  ? 1.001   2.550   -11.916 1.00 25.14 ? 25  VAL A CG2 1 
ATOM   199  N N   . GLY A 1 26  ? -0.071  4.191   -16.300 1.00 27.20 ? 26  GLY A N   1 
ATOM   200  C CA  . GLY A 1 26  ? -0.305  5.185   -17.354 1.00 26.82 ? 26  GLY A CA  1 
ATOM   201  C C   . GLY A 1 26  ? -0.703  6.533   -16.755 1.00 27.76 ? 26  GLY A C   1 
ATOM   202  O O   . GLY A 1 26  ? -1.155  6.604   -15.602 1.00 27.18 ? 26  GLY A O   1 
ATOM   203  N N   . PHE A 1 27  ? -0.572  7.596   -17.550 1.00 27.14 ? 27  PHE A N   1 
ATOM   204  C CA  . PHE A 1 27  ? -0.797  8.945   -17.076 1.00 26.96 ? 27  PHE A CA  1 
ATOM   205  C C   . PHE A 1 27  ? -2.148  9.267   -16.449 1.00 26.12 ? 27  PHE A C   1 
ATOM   206  O O   . PHE A 1 27  ? -2.200  10.003  -15.453 1.00 25.90 ? 27  PHE A O   1 
ATOM   207  C CB  . PHE A 1 27  ? -0.488  9.971   -18.175 1.00 28.54 ? 27  PHE A CB  1 
ATOM   208  C CG  . PHE A 1 27  ? -0.708  11.398  -17.754 1.00 28.77 ? 27  PHE A CG  1 
ATOM   209  C CD1 . PHE A 1 27  ? 0.347   12.169  -17.276 1.00 33.08 ? 27  PHE A CD1 1 
ATOM   210  C CD2 . PHE A 1 27  ? -1.962  11.970  -17.853 1.00 30.00 ? 27  PHE A CD2 1 
ATOM   211  C CE1 . PHE A 1 27  ? 0.138   13.524  -16.878 1.00 34.19 ? 27  PHE A CE1 1 
ATOM   212  C CE2 . PHE A 1 27  ? -2.193  13.298  -17.456 1.00 32.89 ? 27  PHE A CE2 1 
ATOM   213  C CZ  . PHE A 1 27  ? -1.135  14.091  -16.979 1.00 32.45 ? 27  PHE A CZ  1 
ATOM   214  N N   . ALA A 1 28  ? -3.229  8.766   -17.024 1.00 24.74 ? 28  ALA A N   1 
ATOM   215  C CA  . ALA A 1 28  ? -4.535  9.136   -16.516 1.00 24.69 ? 28  ALA A CA  1 
ATOM   216  C C   . ALA A 1 28  ? -4.709  8.548   -15.160 1.00 24.07 ? 28  ALA A C   1 
ATOM   217  O O   . ALA A 1 28  ? -5.157  9.212   -14.260 1.00 22.89 ? 28  ALA A O   1 
ATOM   218  C CB  . ALA A 1 28  ? -5.709  8.667   -17.474 1.00 25.22 ? 28  ALA A CB  1 
ATOM   219  N N   . THR A 1 29  ? -4.389  7.273   -14.988 1.00 24.65 ? 29  THR A N   1 
ATOM   220  C CA  . THR A 1 29  ? -4.503  6.745   -13.627 1.00 24.64 ? 29  THR A CA  1 
ATOM   221  C C   . THR A 1 29  ? -3.578  7.473   -12.618 1.00 24.42 ? 29  THR A C   1 
ATOM   222  O O   . THR A 1 29  ? -3.940  7.711   -11.463 1.00 22.59 ? 29  THR A O   1 
ATOM   223  C CB  . THR A 1 29  ? -4.248  5.266   -13.653 1.00 25.35 ? 29  THR A CB  1 
ATOM   224  O OG1 . THR A 1 29  ? -5.257  4.668   -14.472 1.00 22.74 ? 29  THR A OG1 1 
ATOM   225  C CG2 . THR A 1 29  ? -4.444  4.663   -12.264 1.00 22.27 ? 29  THR A CG2 1 
ATOM   226  N N   . ARG A 1 30  ? -2.388  7.840   -13.077 1.00 24.85 ? 30  ARG A N   1 
ATOM   227  C CA  . ARG A 1 30  ? -1.455  8.571   -12.218 1.00 25.32 ? 30  ARG A CA  1 
ATOM   228  C C   . ARG A 1 30  ? -2.046  9.876   -11.784 1.00 26.25 ? 30  ARG A C   1 
ATOM   229  O O   . ARG A 1 30  ? -1.930  10.276  -10.633 1.00 25.87 ? 30  ARG A O   1 
ATOM   230  C CB  . ARG A 1 30  ? -0.140  8.866   -12.941 1.00 25.38 ? 30  ARG A CB  1 
ATOM   231  C CG  . ARG A 1 30  ? 0.735   7.656   -13.190 1.00 24.13 ? 30  ARG A CG  1 
ATOM   232  C CD  . ARG A 1 30  ? 2.254   7.964   -13.275 1.00 29.14 ? 30  ARG A CD  1 
ATOM   233  N NE  . ARG A 1 30  ? 2.629   9.242   -13.922 1.00 29.94 ? 30  ARG A NE  1 
ATOM   234  C CZ  . ARG A 1 30  ? 2.857   9.423   -15.226 1.00 30.94 ? 30  ARG A CZ  1 
ATOM   235  N NH1 . ARG A 1 30  ? 2.721   8.415   -16.078 1.00 31.17 ? 30  ARG A NH1 1 
ATOM   236  N NH2 . ARG A 1 30  ? 3.211   10.631  -15.673 1.00 31.94 ? 30  ARG A NH2 1 
ATOM   237  N N   . LYS A 1 31  ? -2.659  10.581  -12.732 1.00 28.46 ? 31  LYS A N   1 
ATOM   238  C CA  . LYS A 1 31  ? -3.245  11.852  -12.382 1.00 29.61 ? 31  LYS A CA  1 
ATOM   239  C C   . LYS A 1 31  ? -4.253  11.660  -11.260 1.00 29.46 ? 31  LYS A C   1 
ATOM   240  O O   . LYS A 1 31  ? -4.094  12.253  -10.201 1.00 29.37 ? 31  LYS A O   1 
ATOM   241  C CB  . LYS A 1 31  ? -3.885  12.560  -13.566 1.00 30.29 ? 31  LYS A CB  1 
ATOM   242  C CG  . LYS A 1 31  ? -4.558  13.810  -13.116 1.00 31.01 ? 31  LYS A CG  1 
ATOM   243  C CD  . LYS A 1 31  ? -4.987  14.721  -14.255 1.00 36.18 ? 31  LYS A CD  1 
ATOM   244  C CE  . LYS A 1 31  ? -5.517  16.036  -13.623 1.00 36.62 ? 31  LYS A CE  1 
ATOM   245  N NZ  . LYS A 1 31  ? -4.742  17.218  -14.103 1.00 38.37 ? 31  LYS A NZ  1 
ATOM   246  N N   . VAL A 1 32  ? -5.253  10.803  -11.449 1.00 29.51 ? 32  VAL A N   1 
ATOM   247  C CA  . VAL A 1 32  ? -6.262  10.679  -10.387 1.00 29.96 ? 32  VAL A CA  1 
ATOM   248  C C   . VAL A 1 32  ? -5.811  9.973   -9.082  1.00 29.42 ? 32  VAL A C   1 
ATOM   249  O O   . VAL A 1 32  ? -6.230  10.368  -8.004  1.00 28.47 ? 32  VAL A O   1 
ATOM   250  C CB  . VAL A 1 32  ? -7.568  10.182  -10.936 1.00 30.97 ? 32  VAL A CB  1 
ATOM   251  C CG1 . VAL A 1 32  ? -8.611  10.121  -9.848  1.00 33.56 ? 32  VAL A CG1 1 
ATOM   252  C CG2 . VAL A 1 32  ? -8.048  11.162  -11.950 1.00 32.21 ? 32  VAL A CG2 1 
ATOM   253  N N   . ALA A 1 33  ? -4.957  8.950   -9.164  1.00 28.57 ? 33  ALA A N   1 
ATOM   254  C CA  . ALA A 1 33  ? -4.397  8.336   -7.945  1.00 27.90 ? 33  ALA A CA  1 
ATOM   255  C C   . ALA A 1 33  ? -3.495  9.342   -7.200  1.00 27.68 ? 33  ALA A C   1 
ATOM   256  O O   . ALA A 1 33  ? -3.570  9.458   -6.000  1.00 26.38 ? 33  ALA A O   1 
ATOM   257  C CB  . ALA A 1 33  ? -3.576  7.103   -8.286  1.00 27.79 ? 33  ALA A CB  1 
ATOM   258  N N   . GLY A 1 34  ? -2.634  10.061  -7.927  1.00 28.47 ? 34  GLY A N   1 
ATOM   259  C CA  . GLY A 1 34  ? -1.711  11.009  -7.301  1.00 28.67 ? 34  GLY A CA  1 
ATOM   260  C C   . GLY A 1 34  ? -2.442  12.098  -6.520  1.00 29.68 ? 34  GLY A C   1 
ATOM   261  O O   . GLY A 1 34  ? -2.025  12.505  -5.437  1.00 28.53 ? 34  GLY A O   1 
ATOM   262  N N   . MET A 1 35  ? -3.570  12.528  -7.074  1.00 29.54 ? 35  MET A N   1 
ATOM   263  C CA  . MET A 1 35  ? -4.354  13.632  -6.543  1.00 30.40 ? 35  MET A CA  1 
ATOM   264  C C   . MET A 1 35  ? -5.232  13.222  -5.363  1.00 29.39 ? 35  MET A C   1 
ATOM   265  O O   . MET A 1 35  ? -5.641  14.046  -4.550  1.00 28.00 ? 35  MET A O   1 
ATOM   266  C CB  . MET A 1 35  ? -5.277  14.129  -7.655  1.00 31.42 ? 35  MET A CB  1 
ATOM   267  C CG  . MET A 1 35  ? -4.810  15.331  -8.427  1.00 36.34 ? 35  MET A CG  1 
ATOM   268  S SD  . MET A 1 35  ? -6.068  15.891  -9.717  1.00 49.22 ? 35  MET A SD  1 
ATOM   269  C CE  . MET A 1 35  ? -6.882  14.359  -10.265 1.00 46.17 ? 35  MET A CE  1 
ATOM   270  N N   . ALA A 1 36  ? -5.530  11.929  -5.307  1.00 28.83 ? 36  ALA A N   1 
ATOM   271  C CA  . ALA A 1 36  ? -6.394  11.370  -4.285  1.00 28.09 ? 36  ALA A CA  1 
ATOM   272  C C   . ALA A 1 36  ? -5.795  11.450  -2.897  1.00 27.43 ? 36  ALA A C   1 
ATOM   273  O O   . ALA A 1 36  ? -4.587  11.421  -2.729  1.00 27.27 ? 36  ALA A O   1 
ATOM   274  C CB  . ALA A 1 36  ? -6.735  9.911   -4.639  1.00 26.54 ? 36  ALA A CB  1 
ATOM   275  N N   . LYS A 1 37  ? -6.672  11.500  -1.908  1.00 27.34 ? 37  LYS A N   1 
ATOM   276  C CA  . LYS A 1 37  ? -6.293  11.505  -0.495  1.00 28.16 ? 37  LYS A CA  1 
ATOM   277  C C   . LYS A 1 37  ? -7.077  10.368  0.192   1.00 27.45 ? 37  LYS A C   1 
ATOM   278  O O   . LYS A 1 37  ? -8.078  10.595  0.922   1.00 27.20 ? 37  LYS A O   1 
ATOM   279  C CB  . LYS A 1 37  ? -6.627  12.853  0.152   1.00 29.30 ? 37  LYS A CB  1 
ATOM   280  C CG  . LYS A 1 37  ? -5.942  14.039  -0.554  1.00 33.05 ? 37  LYS A CG  1 
ATOM   281  C CD  . LYS A 1 37  ? -6.217  15.357  0.115   1.00 41.02 ? 37  LYS A CD  1 
ATOM   282  C CE  . LYS A 1 37  ? -4.974  16.315  -0.024  1.00 47.37 ? 37  LYS A CE  1 
ATOM   283  N NZ  . LYS A 1 37  ? -5.206  17.778  0.405   1.00 47.65 ? 37  LYS A NZ  1 
ATOM   284  N N   . PRO A 1 38  ? -6.604  9.155   -0.047  1.00 25.44 ? 38  PRO A N   1 
ATOM   285  C CA  . PRO A 1 38  ? -7.308  7.955   0.386   1.00 25.35 ? 38  PRO A CA  1 
ATOM   286  C C   . PRO A 1 38  ? -7.270  7.750   1.883   1.00 25.95 ? 38  PRO A C   1 
ATOM   287  O O   . PRO A 1 38  ? -6.283  8.108   2.569   1.00 24.93 ? 38  PRO A O   1 
ATOM   288  C CB  . PRO A 1 38  ? -6.505  6.814   -0.258  1.00 25.03 ? 38  PRO A CB  1 
ATOM   289  C CG  . PRO A 1 38  ? -5.221  7.367   -0.630  1.00 25.07 ? 38  PRO A CG  1 
ATOM   290  C CD  . PRO A 1 38  ? -5.329  8.859   -0.716  1.00 25.07 ? 38  PRO A CD  1 
ATOM   291  N N   . ASN A 1 39  ? -8.343  7.166   2.391   1.00 25.79 ? 39  ASN A N   1 
ATOM   292  C CA  . ASN A 1 39  ? -8.297  6.684   3.739   1.00 27.11 ? 39  ASN A CA  1 
ATOM   293  C C   . ASN A 1 39  ? -7.791  5.261   3.668   1.00 27.49 ? 39  ASN A C   1 
ATOM   294  O O   . ASN A 1 39  ? -8.042  4.554   2.719   1.00 29.55 ? 39  ASN A O   1 
ATOM   295  C CB  . ASN A 1 39  ? -9.664  6.753   4.404   1.00 27.46 ? 39  ASN A CB  1 
ATOM   296  C CG  . ASN A 1 39  ? -10.097 8.184   4.675   1.00 28.69 ? 39  ASN A CG  1 
ATOM   297  O OD1 . ASN A 1 39  ? -9.335  8.994   5.246   1.00 28.72 ? 39  ASN A OD1 1 
ATOM   298  N ND2 . ASN A 1 39  ? -11.315 8.511   4.263   1.00 28.93 ? 39  ASN A ND2 1 
ATOM   299  N N   . MET A 1 40  ? -7.039  4.827   4.649   1.00 27.03 ? 40  MET A N   1 
ATOM   300  C CA  . MET A 1 40  ? -6.612  3.456   4.664   1.00 26.05 ? 40  MET A CA  1 
ATOM   301  C C   . MET A 1 40  ? -7.186  2.923   5.949   1.00 25.64 ? 40  MET A C   1 
ATOM   302  O O   . MET A 1 40  ? -6.871  3.438   6.998   1.00 25.41 ? 40  MET A O   1 
ATOM   303  C CB  . MET A 1 40  ? -5.085  3.378   4.648   1.00 25.81 ? 40  MET A CB  1 
ATOM   304  C CG  . MET A 1 40  ? -4.573  2.017   5.025   1.00 26.77 ? 40  MET A CG  1 
ATOM   305  S SD  . MET A 1 40  ? -2.807  1.728   5.071   1.00 24.23 ? 40  MET A SD  1 
ATOM   306  C CE  . MET A 1 40  ? -2.091  3.273   4.972   1.00 31.35 ? 40  MET A CE  1 
ATOM   307  N N   . ILE A 1 41  ? -8.066  1.934   5.877   1.00 25.12 ? 41  ILE A N   1 
ATOM   308  C CA  . ILE A 1 41  ? -8.731  1.476   7.079   1.00 25.98 ? 41  ILE A CA  1 
ATOM   309  C C   . ILE A 1 41  ? -8.373  0.069   7.281   1.00 26.67 ? 41  ILE A C   1 
ATOM   310  O O   . ILE A 1 41  ? -8.955  -0.766  6.627   1.00 28.77 ? 41  ILE A O   1 
ATOM   311  C CB  . ILE A 1 41  ? -10.204 1.323   6.862   1.00 26.23 ? 41  ILE A CB  1 
ATOM   312  C CG1 . ILE A 1 41  ? -10.932 2.686   6.632   1.00 27.45 ? 41  ILE A CG1 1 
ATOM   313  C CG2 . ILE A 1 41  ? -10.782 0.507   8.037   1.00 27.38 ? 41  ILE A CG2 1 
ATOM   314  C CD1 . ILE A 1 41  ? -12.401 2.542   6.279   1.00 31.86 ? 41  ILE A CD1 1 
ATOM   315  N N   . ILE A 1 42  ? -7.459  -0.196  8.211   1.00 25.37 ? 42  ILE A N   1 
ATOM   316  C CA  . ILE A 1 42  ? -6.906  -1.521  8.537   1.00 24.40 ? 42  ILE A CA  1 
ATOM   317  C C   . ILE A 1 42  ? -7.516  -2.193  9.757   1.00 23.80 ? 42  ILE A C   1 
ATOM   318  O O   . ILE A 1 42  ? -7.685  -1.560  10.807  1.00 23.83 ? 42  ILE A O   1 
ATOM   319  C CB  . ILE A 1 42  ? -5.397  -1.426  8.810   1.00 24.32 ? 42  ILE A CB  1 
ATOM   320  C CG1 . ILE A 1 42  ? -4.633  -1.015  7.537   1.00 25.34 ? 42  ILE A CG1 1 
ATOM   321  C CG2 . ILE A 1 42  ? -4.862  -2.777  9.432   1.00 23.11 ? 42  ILE A CG2 1 
ATOM   322  C CD1 . ILE A 1 42  ? -3.155  -0.453  7.780   1.00 20.69 ? 42  ILE A CD1 1 
ATOM   323  N N   . SER A 1 43  ? -7.802  -3.485  9.641   1.00 22.94 ? 43  SER A N   1 
ATOM   324  C CA  . SER A 1 43  ? -8.426  -4.247  10.729  1.00 23.24 ? 43  SER A CA  1 
ATOM   325  C C   . SER A 1 43  ? -7.883  -5.646  10.796  1.00 23.00 ? 43  SER A C   1 
ATOM   326  O O   . SER A 1 43  ? -7.347  -6.141  9.802   1.00 24.15 ? 43  SER A O   1 
ATOM   327  C CB  . SER A 1 43  ? -9.945  -4.359  10.473  1.00 24.24 ? 43  SER A CB  1 
ATOM   328  O OG  . SER A 1 43  ? -10.212 -5.152  9.302   1.00 19.97 ? 43  SER A OG  1 
ATOM   329  N N   . VAL A 1 44  ? -8.098  -6.341  11.909  1.00 23.72 ? 44  VAL A N   1 
ATOM   330  C CA  . VAL A 1 44  ? -7.634  -7.731  12.021  1.00 24.22 ? 44  VAL A CA  1 
ATOM   331  C C   . VAL A 1 44  ? -8.615  -8.666  12.737  1.00 24.52 ? 44  VAL A C   1 
ATOM   332  O O   . VAL A 1 44  ? -9.221  -8.298  13.724  1.00 24.11 ? 44  VAL A O   1 
ATOM   333  C CB  . VAL A 1 44  ? -6.340  -7.752  12.822  1.00 25.06 ? 44  VAL A CB  1 
ATOM   334  C CG1 . VAL A 1 44  ? -5.865  -9.146  13.046  1.00 27.52 ? 44  VAL A CG1 1 
ATOM   335  C CG2 . VAL A 1 44  ? -5.288  -6.948  12.125  1.00 27.46 ? 44  VAL A CG2 1 
ATOM   336  N N   . ASN A 1 45  ? -8.771  -9.874  12.220  1.00 25.54 ? 45  ASN A N   1 
ATOM   337  C CA  . ASN A 1 45  ? -9.571  -10.931 12.832  1.00 26.94 ? 45  ASN A CA  1 
ATOM   338  C C   . ASN A 1 45  ? -8.780  -12.279 12.858  1.00 27.66 ? 45  ASN A C   1 
ATOM   339  O O   . ASN A 1 45  ? -8.745  -13.015 11.879  1.00 25.88 ? 45  ASN A O   1 
ATOM   340  C CB  . ASN A 1 45  ? -10.886 -11.163 12.047  1.00 27.42 ? 45  ASN A CB  1 
ATOM   341  C CG  . ASN A 1 45  ? -11.849 -9.938  12.071  1.00 30.05 ? 45  ASN A CG  1 
ATOM   342  O OD1 . ASN A 1 45  ? -12.577 -9.727  13.020  1.00 32.96 ? 45  ASN A OD1 1 
ATOM   343  N ND2 . ASN A 1 45  ? -11.844 -9.158  11.008  1.00 33.30 ? 45  ASN A ND2 1 
ATOM   344  N N   . GLY A 1 46  ? -8.180  -12.625 13.984  1.00 28.70 ? 46  GLY A N   1 
ATOM   345  C CA  . GLY A 1 46  ? -7.422  -13.857 14.030  1.00 29.40 ? 46  GLY A CA  1 
ATOM   346  C C   . GLY A 1 46  ? -6.233  -13.765 13.074  1.00 29.08 ? 46  GLY A C   1 
ATOM   347  O O   . GLY A 1 46  ? -5.424  -12.867 13.149  1.00 29.68 ? 46  GLY A O   1 
ATOM   348  N N   . ASP A 1 47  ? -6.144  -14.659 12.121  1.00 29.47 ? 47  ASP A N   1 
ATOM   349  C CA  . ASP A 1 47  ? -4.998  -14.585 11.251  1.00 30.21 ? 47  ASP A CA  1 
ATOM   350  C C   . ASP A 1 47  ? -5.205  -13.779 9.973   1.00 28.12 ? 47  ASP A C   1 
ATOM   351  O O   . ASP A 1 47  ? -4.231  -13.506 9.243   1.00 27.13 ? 47  ASP A O   1 
ATOM   352  C CB  . ASP A 1 47  ? -4.510  -15.981 10.975  1.00 32.08 ? 47  ASP A CB  1 
ATOM   353  C CG  . ASP A 1 47  ? -5.609  -16.839 10.513  1.00 36.05 ? 47  ASP A CG  1 
ATOM   354  O OD1 . ASP A 1 47  ? -6.450  -16.333 9.762   1.00 36.83 ? 47  ASP A OD1 1 
ATOM   355  O OD2 . ASP A 1 47  ? -5.767  -18.021 10.878  1.00 45.47 ? 47  ASP A OD2 1 
ATOM   356  N N   . VAL A 1 48  ? -6.449  -13.357 9.732   1.00 26.30 ? 48  VAL A N   1 
ATOM   357  C CA  . VAL A 1 48  ? -6.770  -12.550 8.562   1.00 24.91 ? 48  VAL A CA  1 
ATOM   358  C C   . VAL A 1 48  ? -6.715  -11.046 8.844   1.00 24.35 ? 48  VAL A C   1 
ATOM   359  O O   . VAL A 1 48  ? -7.429  -10.515 9.694   1.00 24.87 ? 48  VAL A O   1 
ATOM   360  C CB  . VAL A 1 48  ? -8.169  -12.844 8.031   1.00 25.71 ? 48  VAL A CB  1 
ATOM   361  C CG1 . VAL A 1 48  ? -8.355  -12.221 6.663   1.00 24.41 ? 48  VAL A CG1 1 
ATOM   362  C CG2 . VAL A 1 48  ? -8.445  -14.356 8.003   1.00 23.31 ? 48  VAL A CG2 1 
ATOM   363  N N   . ILE A 1 49  ? -5.857  -10.364 8.116   1.00 23.04 ? 49  ILE A N   1 
ATOM   364  C CA  . ILE A 1 49  ? -5.756  -8.943  8.202   1.00 21.63 ? 49  ILE A CA  1 
ATOM   365  C C   . ILE A 1 49  ? -6.424  -8.416  6.952   1.00 21.39 ? 49  ILE A C   1 
ATOM   366  O O   . ILE A 1 49  ? -6.252  -8.978  5.875   1.00 20.39 ? 49  ILE A O   1 
ATOM   367  C CB  . ILE A 1 49  ? -4.273  -8.524  8.139   1.00 21.55 ? 49  ILE A CB  1 
ATOM   368  C CG1 . ILE A 1 49  ? -3.543  -8.890  9.431   1.00 21.11 ? 49  ILE A CG1 1 
ATOM   369  C CG2 . ILE A 1 49  ? -4.167  -7.025  7.780   1.00 19.39 ? 49  ILE A CG2 1 
ATOM   370  C CD1 . ILE A 1 49  ? -1.965  -9.162  9.218   1.00 15.16 ? 49  ILE A CD1 1 
ATOM   371  N N   . THR A 1 50  ? -7.149  -7.319  7.095   1.00 20.58 ? 50  THR A N   1 
ATOM   372  C CA  . THR A 1 50  ? -7.816  -6.669  5.995   1.00 19.91 ? 50  THR A CA  1 
ATOM   373  C C   . THR A 1 50  ? -7.363  -5.176  5.910   1.00 20.31 ? 50  THR A C   1 
ATOM   374  O O   . THR A 1 50  ? -7.470  -4.397  6.873   1.00 18.87 ? 50  THR A O   1 
ATOM   375  C CB  . THR A 1 50  ? -9.355  -6.682  6.223   1.00 20.21 ? 50  THR A CB  1 
ATOM   376  O OG1 . THR A 1 50  ? -9.862  -8.017  6.294   1.00 21.46 ? 50  THR A OG1 1 
ATOM   377  C CG2 . THR A 1 50  ? -10.128 -6.067  5.021   1.00 20.49 ? 50  THR A CG2 1 
ATOM   378  N N   . ILE A 1 51  ? -6.877  -4.785  4.744   1.00 20.28 ? 51  ILE A N   1 
ATOM   379  C CA  . ILE A 1 51  ? -6.573  -3.394  4.467   1.00 21.31 ? 51  ILE A CA  1 
ATOM   380  C C   . ILE A 1 51  ? -7.420  -2.821  3.313   1.00 21.65 ? 51  ILE A C   1 
ATOM   381  O O   . ILE A 1 51  ? -7.304  -3.324  2.179   1.00 22.22 ? 51  ILE A O   1 
ATOM   382  C CB  . ILE A 1 51  ? -5.093  -3.237  4.124   1.00 20.97 ? 51  ILE A CB  1 
ATOM   383  C CG1 . ILE A 1 51  ? -4.242  -3.764  5.276   1.00 23.26 ? 51  ILE A CG1 1 
ATOM   384  C CG2 . ILE A 1 51  ? -4.799  -1.785  3.824   1.00 20.86 ? 51  ILE A CG2 1 
ATOM   385  C CD1 . ILE A 1 51  ? -2.832  -4.087  4.875   1.00 17.58 ? 51  ILE A CD1 1 
ATOM   386  N N   . LYS A 1 52  ? -8.253  -1.807  3.607   1.00 21.25 ? 52  LYS A N   1 
ATOM   387  C CA  . LYS A 1 52  ? -9.114  -1.090  2.630   1.00 23.02 ? 52  LYS A CA  1 
ATOM   388  C C   . LYS A 1 52  ? -8.507  0.262   2.343   1.00 22.33 ? 52  LYS A C   1 
ATOM   389  O O   . LYS A 1 52  ? -7.952  0.862   3.246   1.00 22.96 ? 52  LYS A O   1 
ATOM   390  C CB  . LYS A 1 52  ? -10.501 -0.764  3.239   1.00 22.71 ? 52  LYS A CB  1 
ATOM   391  C CG  . LYS A 1 52  ? -11.248 -1.951  3.849   1.00 25.43 ? 52  LYS A CG  1 
ATOM   392  C CD  . LYS A 1 52  ? -12.615 -1.563  4.382   1.00 23.68 ? 52  LYS A CD  1 
ATOM   393  C CE  . LYS A 1 52  ? -13.480 -2.778  4.658   1.00 20.19 ? 52  LYS A CE  1 
ATOM   394  N NZ  . LYS A 1 52  ? -14.834 -2.396  5.261   1.00 24.00 ? 52  LYS A NZ  1 
ATOM   395  N N   . SER A 1 53  ? -8.615  0.745   1.111   1.00 22.49 ? 53  SER A N   1 
ATOM   396  C CA  . SER A 1 53  ? -8.065  2.036   0.762   1.00 22.85 ? 53  SER A CA  1 
ATOM   397  C C   . SER A 1 53  ? -9.237  2.622   0.049   1.00 23.33 ? 53  SER A C   1 
ATOM   398  O O   . SER A 1 53  ? -9.724  2.033   -0.918  1.00 22.92 ? 53  SER A O   1 
ATOM   399  C CB  . SER A 1 53  ? -6.882  1.880   -0.165  1.00 22.87 ? 53  SER A CB  1 
ATOM   400  O OG  . SER A 1 53  ? -6.534  3.119   -0.724  1.00 22.75 ? 53  SER A OG  1 
ATOM   401  N N   . GLU A 1 54  ? -9.715  3.765   0.542   1.00 23.11 ? 54  GLU A N   1 
ATOM   402  C CA  . GLU A 1 54  ? -10.935 4.362   0.029   1.00 24.36 ? 54  GLU A CA  1 
ATOM   403  C C   . GLU A 1 54  ? -10.720 5.815   -0.364  1.00 24.98 ? 54  GLU A C   1 
ATOM   404  O O   . GLU A 1 54  ? -10.093 6.568   0.407   1.00 24.79 ? 54  GLU A O   1 
ATOM   405  C CB  . GLU A 1 54  ? -12.073 4.292   1.075   1.00 24.28 ? 54  GLU A CB  1 
ATOM   406  C CG  . GLU A 1 54  ? -12.498 2.876   1.487   1.00 26.99 ? 54  GLU A CG  1 
ATOM   407  C CD  . GLU A 1 54  ? -13.547 2.866   2.600   1.00 34.18 ? 54  GLU A CD  1 
ATOM   408  O OE1 . GLU A 1 54  ? -14.013 3.970   2.985   1.00 34.98 ? 54  GLU A OE1 1 
ATOM   409  O OE2 . GLU A 1 54  ? -13.927 1.758   3.081   1.00 33.25 ? 54  GLU A OE2 1 
ATOM   410  N N   . SER A 1 55  ? -11.232 6.193   -1.548  1.00 24.21 ? 55  SER A N   1 
ATOM   411  C CA  . SER A 1 55  ? -11.156 7.573   -2.093  1.00 24.35 ? 55  SER A CA  1 
ATOM   412  C C   . SER A 1 55  ? -12.162 7.691   -3.219  1.00 25.29 ? 55  SER A C   1 
ATOM   413  O O   . SER A 1 55  ? -12.651 6.649   -3.668  1.00 25.75 ? 55  SER A O   1 
ATOM   414  C CB  . SER A 1 55  ? -9.784  7.870   -2.699  1.00 24.03 ? 55  SER A CB  1 
ATOM   415  O OG  . SER A 1 55  ? -9.617  7.233   -3.970  1.00 23.95 ? 55  SER A OG  1 
ATOM   416  N N   . THR A 1 56  ? -12.413 8.912   -3.711  1.00 25.28 ? 56  THR A N   1 
ATOM   417  C CA  . THR A 1 56  ? -13.385 9.159   -4.773  1.00 27.28 ? 56  THR A CA  1 
ATOM   418  C C   . THR A 1 56  ? -12.943 8.584   -6.083  1.00 27.11 ? 56  THR A C   1 
ATOM   419  O O   . THR A 1 56  ? -13.756 8.364   -6.982  1.00 27.13 ? 56  THR A O   1 
ATOM   420  C CB  . THR A 1 56  ? -13.693 10.669  -4.967  1.00 27.50 ? 56  THR A CB  1 
ATOM   421  O OG1 . THR A 1 56  ? -12.473 11.386  -5.161  1.00 29.52 ? 56  THR A OG1 1 
ATOM   422  C CG2 . THR A 1 56  ? -14.281 11.321  -3.636  1.00 30.47 ? 56  THR A CG2 1 
ATOM   423  N N   . PHE A 1 57  ? -11.644 8.374   -6.200  1.00 27.58 ? 57  PHE A N   1 
ATOM   424  C CA  . PHE A 1 57  ? -11.058 7.758   -7.380  1.00 28.07 ? 57  PHE A CA  1 
ATOM   425  C C   . PHE A 1 57  ? -11.425 6.277   -7.403  1.00 28.20 ? 57  PHE A C   1 
ATOM   426  O O   . PHE A 1 57  ? -12.047 5.801   -8.340  1.00 29.57 ? 57  PHE A O   1 
ATOM   427  C CB  . PHE A 1 57  ? -9.541  7.889   -7.315  1.00 28.18 ? 57  PHE A CB  1 
ATOM   428  C CG  . PHE A 1 57  ? -8.804  6.865   -8.116  1.00 27.12 ? 57  PHE A CG  1 
ATOM   429  C CD1 . PHE A 1 57  ? -9.119  6.637   -9.412  1.00 30.86 ? 57  PHE A CD1 1 
ATOM   430  C CD2 . PHE A 1 57  ? -7.794  6.124   -7.547  1.00 32.55 ? 57  PHE A CD2 1 
ATOM   431  C CE1 . PHE A 1 57  ? -8.432  5.685   -10.144 1.00 34.09 ? 57  PHE A CE1 1 
ATOM   432  C CE2 . PHE A 1 57  ? -7.114  5.178   -8.283  1.00 30.84 ? 57  PHE A CE2 1 
ATOM   433  C CZ  . PHE A 1 57  ? -7.425  4.973   -9.557  1.00 28.85 ? 57  PHE A CZ  1 
ATOM   434  N N   . LYS A 1 58  ? -11.031 5.549   -6.363  1.00 28.45 ? 58  LYS A N   1 
ATOM   435  C CA  . LYS A 1 58  ? -11.277 4.100   -6.306  1.00 27.61 ? 58  LYS A CA  1 
ATOM   436  C C   . LYS A 1 58  ? -11.281 3.586   -4.869  1.00 26.43 ? 58  LYS A C   1 
ATOM   437  O O   . LYS A 1 58  ? -10.605 4.140   -4.008  1.00 26.44 ? 58  LYS A O   1 
ATOM   438  C CB  . LYS A 1 58  ? -10.231 3.318   -7.136  1.00 28.62 ? 58  LYS A CB  1 
ATOM   439  C CG  . LYS A 1 58  ? -10.773 2.052   -7.833  1.00 31.84 ? 58  LYS A CG  1 
ATOM   440  C CD  . LYS A 1 58  ? -9.674  1.298   -8.645  1.00 37.03 ? 58  LYS A CD  1 
ATOM   441  C CE  . LYS A 1 58  ? -10.129 -0.104  -9.060  1.00 39.31 ? 58  LYS A CE  1 
ATOM   442  N NZ  . LYS A 1 58  ? -9.119  -0.892  -9.922  1.00 45.93 ? 58  LYS A NZ  1 
ATOM   443  N N   . ASN A 1 59  ? -12.111 2.578   -4.610  1.00 24.77 ? 59  ASN A N   1 
ATOM   444  C CA  . ASN A 1 59  ? -12.085 1.832   -3.367  1.00 23.90 ? 59  ASN A CA  1 
ATOM   445  C C   . ASN A 1 59  ? -11.467 0.454   -3.614  1.00 22.92 ? 59  ASN A C   1 
ATOM   446  O O   . ASN A 1 59  ? -11.906 -0.284  -4.489  1.00 22.00 ? 59  ASN A O   1 
ATOM   447  C CB  . ASN A 1 59  ? -13.478 1.640   -2.750  1.00 24.52 ? 59  ASN A CB  1 
ATOM   448  C CG  . ASN A 1 59  ? -14.120 2.961   -2.303  1.00 29.22 ? 59  ASN A CG  1 
ATOM   449  O OD1 . ASN A 1 59  ? -13.622 4.045   -2.610  1.00 34.26 ? 59  ASN A OD1 1 
ATOM   450  N ND2 . ASN A 1 59  ? -15.265 2.862   -1.620  1.00 32.55 ? 59  ASN A ND2 1 
ATOM   451  N N   . THR A 1 60  ? -10.447 0.102   -2.846  1.00 21.73 ? 60  THR A N   1 
ATOM   452  C CA  . THR A 1 60  ? -9.899  -1.234  -2.980  1.00 21.60 ? 60  THR A CA  1 
ATOM   453  C C   . THR A 1 60  ? -9.823  -1.887  -1.641  1.00 22.48 ? 60  THR A C   1 
ATOM   454  O O   . THR A 1 60  ? -10.029 -1.250  -0.587  1.00 22.40 ? 60  THR A O   1 
ATOM   455  C CB  . THR A 1 60  ? -8.488  -1.279  -3.562  1.00 21.50 ? 60  THR A CB  1 
ATOM   456  O OG1 . THR A 1 60  ? -7.540  -0.773  -2.601  1.00 19.53 ? 60  THR A OG1 1 
ATOM   457  C CG2 . THR A 1 60  ? -8.356  -0.367  -4.790  1.00 22.61 ? 60  THR A CG2 1 
ATOM   458  N N   . GLU A 1 61  ? -9.461  -3.164  -1.698  1.00 21.70 ? 61  GLU A N   1 
ATOM   459  C CA  . GLU A 1 61  ? -9.390  -3.981  -0.524  1.00 21.57 ? 61  GLU A CA  1 
ATOM   460  C C   . GLU A 1 61  ? -8.630  -5.286  -0.647  1.00 21.51 ? 61  GLU A C   1 
ATOM   461  O O   . GLU A 1 61  ? -8.834  -6.053  -1.594  1.00 20.55 ? 61  GLU A O   1 
ATOM   462  C CB  . GLU A 1 61  ? -10.808 -4.307  -0.043  1.00 22.22 ? 61  GLU A CB  1 
ATOM   463  C CG  . GLU A 1 61  ? -10.846 -4.928  1.348   1.00 23.19 ? 61  GLU A CG  1 
ATOM   464  C CD  . GLU A 1 61  ? -12.224 -5.407  1.752   1.00 24.47 ? 61  GLU A CD  1 
ATOM   465  O OE1 . GLU A 1 61  ? -13.148 -4.582  1.742   1.00 23.44 ? 61  GLU A OE1 1 
ATOM   466  O OE2 . GLU A 1 61  ? -12.373 -6.608  2.066   1.00 22.12 ? 61  GLU A OE2 1 
ATOM   467  N N   . ILE A 1 62  ? -7.797  -5.560  0.349   1.00 20.89 ? 62  ILE A N   1 
ATOM   468  C CA  . ILE A 1 62  ? -7.147  -6.871  0.398   1.00 21.77 ? 62  ILE A CA  1 
ATOM   469  C C   . ILE A 1 62  ? -7.287  -7.555  1.731   1.00 22.27 ? 62  ILE A C   1 
ATOM   470  O O   . ILE A 1 62  ? -7.287  -6.921  2.800   1.00 22.42 ? 62  ILE A O   1 
ATOM   471  C CB  . ILE A 1 62  ? -5.655  -6.793  -0.004  1.00 21.77 ? 62  ILE A CB  1 
ATOM   472  C CG1 . ILE A 1 62  ? -4.885  -5.858  0.887   1.00 18.95 ? 62  ILE A CG1 1 
ATOM   473  C CG2 . ILE A 1 62  ? -5.517  -6.301  -1.435  1.00 23.51 ? 62  ILE A CG2 1 
ATOM   474  C CD1 . ILE A 1 62  ? -3.331  -5.917  0.553   1.00 17.78 ? 62  ILE A CD1 1 
ATOM   475  N N   . SER A 1 63  ? -7.471  -8.865  1.679   1.00 23.26 ? 63  SER A N   1 
ATOM   476  C CA  . SER A 1 63  ? -7.554  -9.645  2.920   1.00 24.22 ? 63  SER A CA  1 
ATOM   477  C C   . SER A 1 63  ? -6.497  -10.732 2.798   1.00 24.17 ? 63  SER A C   1 
ATOM   478  O O   . SER A 1 63  ? -6.344  -11.325 1.728   1.00 22.92 ? 63  SER A O   1 
ATOM   479  C CB  . SER A 1 63  ? -8.920  -10.264 3.102   1.00 23.95 ? 63  SER A CB  1 
ATOM   480  O OG  . SER A 1 63  ? -9.615  -9.599  4.124   1.00 26.62 ? 63  SER A OG  1 
ATOM   481  N N   . PHE A 1 64  ? -5.765  -10.992 3.878   1.00 23.46 ? 64  PHE A N   1 
ATOM   482  C CA  . PHE A 1 64  ? -4.668  -11.895 3.727   1.00 24.22 ? 64  PHE A CA  1 
ATOM   483  C C   . PHE A 1 64  ? -4.165  -12.337 5.052   1.00 24.02 ? 64  PHE A C   1 
ATOM   484  O O   . PHE A 1 64  ? -4.414  -11.706 6.069   1.00 24.18 ? 64  PHE A O   1 
ATOM   485  C CB  . PHE A 1 64  ? -3.523  -11.182 2.987   1.00 24.78 ? 64  PHE A CB  1 
ATOM   486  C CG  . PHE A 1 64  ? -3.047  -9.958  3.703   1.00 23.80 ? 64  PHE A CG  1 
ATOM   487  C CD1 . PHE A 1 64  ? -3.716  -8.752  3.563   1.00 24.38 ? 64  PHE A CD1 1 
ATOM   488  C CD2 . PHE A 1 64  ? -1.979  -10.028 4.574   1.00 24.81 ? 64  PHE A CD2 1 
ATOM   489  C CE1 . PHE A 1 64  ? -3.292  -7.643  4.263   1.00 22.24 ? 64  PHE A CE1 1 
ATOM   490  C CE2 . PHE A 1 64  ? -1.569  -8.927  5.285   1.00 21.27 ? 64  PHE A CE2 1 
ATOM   491  C CZ  . PHE A 1 64  ? -2.225  -7.736  5.115   1.00 21.53 ? 64  PHE A CZ  1 
ATOM   492  N N   . ILE A 1 65  ? -3.433  -13.440 4.994   1.00 23.76 ? 65  ILE A N   1 
ATOM   493  C CA  . ILE A 1 65  ? -2.781  -14.066 6.105   1.00 23.70 ? 65  ILE A CA  1 
ATOM   494  C C   . ILE A 1 65  ? -1.263  -13.894 5.861   1.00 23.50 ? 65  ILE A C   1 
ATOM   495  O O   . ILE A 1 65  ? -0.768  -14.298 4.829   1.00 23.60 ? 65  ILE A O   1 
ATOM   496  C CB  . ILE A 1 65  ? -3.127  -15.562 6.060   1.00 25.01 ? 65  ILE A CB  1 
ATOM   497  C CG1 . ILE A 1 65  ? -4.512  -15.821 6.668   1.00 27.09 ? 65  ILE A CG1 1 
ATOM   498  C CG2 . ILE A 1 65  ? -2.082  -16.382 6.824   1.00 25.83 ? 65  ILE A CG2 1 
ATOM   499  C CD1 . ILE A 1 65  ? -5.046  -17.207 6.351   1.00 30.93 ? 65  ILE A CD1 1 
ATOM   500  N N   . LEU A 1 66  ? -0.546  -13.277 6.799   1.00 23.01 ? 66  LEU A N   1 
ATOM   501  C CA  . LEU A 1 66  ? 0.921   -13.125 6.776   1.00 23.02 ? 66  LEU A CA  1 
ATOM   502  C C   . LEU A 1 66  ? 1.626   -14.359 6.302   1.00 22.67 ? 66  LEU A C   1 
ATOM   503  O O   . LEU A 1 66  ? 1.382   -15.451 6.810   1.00 21.59 ? 66  LEU A O   1 
ATOM   504  C CB  . LEU A 1 66  ? 1.465   -12.828 8.178   1.00 22.74 ? 66  LEU A CB  1 
ATOM   505  C CG  . LEU A 1 66  ? 1.173   -11.453 8.764   1.00 24.95 ? 66  LEU A CG  1 
ATOM   506  C CD1 . LEU A 1 66  ? 1.532   -11.379 10.325  1.00 22.61 ? 66  LEU A CD1 1 
ATOM   507  C CD2 . LEU A 1 66  ? 1.828   -10.351 7.900   1.00 21.80 ? 66  LEU A CD2 1 
ATOM   508  N N   . GLY A 1 67  ? 2.482   -14.167 5.310   1.00 23.17 ? 67  GLY A N   1 
ATOM   509  C CA  . GLY A 1 67  ? 3.263   -15.251 4.730   1.00 24.62 ? 67  GLY A CA  1 
ATOM   510  C C   . GLY A 1 67  ? 2.617   -16.080 3.635   1.00 25.80 ? 67  GLY A C   1 
ATOM   511  O O   . GLY A 1 67  ? 3.335   -16.799 2.878   1.00 26.64 ? 67  GLY A O   1 
ATOM   512  N N   . GLN A 1 68  ? 1.290   -15.990 3.504   1.00 25.71 ? 68  GLN A N   1 
ATOM   513  C CA  . GLN A 1 68  ? 0.604   -16.770 2.476   1.00 26.31 ? 68  GLN A CA  1 
ATOM   514  C C   . GLN A 1 68  ? 0.428   -15.915 1.212   1.00 26.36 ? 68  GLN A C   1 
ATOM   515  O O   . GLN A 1 68  ? -0.251  -14.889 1.225   1.00 25.52 ? 68  GLN A O   1 
ATOM   516  C CB  . GLN A 1 68  ? -0.713  -17.332 2.975   1.00 25.60 ? 68  GLN A CB  1 
ATOM   517  C CG  . GLN A 1 68  ? -1.590  -17.873 1.825   1.00 30.58 ? 68  GLN A CG  1 
ATOM   518  C CD  . GLN A 1 68  ? -2.959  -18.376 2.288   1.00 36.61 ? 68  GLN A CD  1 
ATOM   519  O OE1 . GLN A 1 68  ? -3.111  -18.816 3.420   1.00 39.63 ? 68  GLN A OE1 1 
ATOM   520  N NE2 . GLN A 1 68  ? -3.948  -18.297 1.423   1.00 39.35 ? 68  GLN A NE2 1 
ATOM   521  N N   . GLU A 1 69  ? 1.071   -16.315 0.127   1.00 26.26 ? 69  GLU A N   1 
ATOM   522  C CA  . GLU A 1 69  ? 0.999   -15.544 -1.097  1.00 26.42 ? 69  GLU A CA  1 
ATOM   523  C C   . GLU A 1 69  ? -0.438  -15.561 -1.669  1.00 26.08 ? 69  GLU A C   1 
ATOM   524  O O   . GLU A 1 69  ? -1.112  -16.588 -1.600  1.00 25.99 ? 69  GLU A O   1 
ATOM   525  C CB  . GLU A 1 69  ? 2.035   -16.069 -2.109  1.00 26.70 ? 69  GLU A CB  1 
ATOM   526  C CG  . GLU A 1 69  ? 1.818   -15.625 -3.547  1.00 29.43 ? 69  GLU A CG  1 
ATOM   527  C CD  . GLU A 1 69  ? 2.858   -16.154 -4.537  1.00 31.91 ? 69  GLU A CD  1 
ATOM   528  O OE1 . GLU A 1 69  ? 2.547   -17.114 -5.240  1.00 35.39 ? 69  GLU A OE1 1 
ATOM   529  O OE2 . GLU A 1 69  ? 3.970   -15.583 -4.687  1.00 34.18 ? 69  GLU A OE2 1 
ATOM   530  N N   . PHE A 1 70  ? -0.931  -14.420 -2.158  1.00 25.39 ? 70  PHE A N   1 
ATOM   531  C CA  . PHE A 1 70  ? -2.309  -14.327 -2.700  1.00 24.98 ? 70  PHE A CA  1 
ATOM   532  C C   . PHE A 1 70  ? -2.336  -13.560 -3.994  1.00 25.03 ? 70  PHE A C   1 
ATOM   533  O O   . PHE A 1 70  ? -1.362  -12.901 -4.318  1.00 24.93 ? 70  PHE A O   1 
ATOM   534  C CB  . PHE A 1 70  ? -3.302  -13.723 -1.682  1.00 23.46 ? 70  PHE A CB  1 
ATOM   535  C CG  . PHE A 1 70  ? -2.957  -12.305 -1.212  1.00 24.65 ? 70  PHE A CG  1 
ATOM   536  C CD1 . PHE A 1 70  ? -1.941  -12.072 -0.289  1.00 21.09 ? 70  PHE A CD1 1 
ATOM   537  C CD2 . PHE A 1 70  ? -3.697  -11.213 -1.653  1.00 23.31 ? 70  PHE A CD2 1 
ATOM   538  C CE1 . PHE A 1 70  ? -1.642  -10.793 0.131   1.00 20.94 ? 70  PHE A CE1 1 
ATOM   539  C CE2 . PHE A 1 70  ? -3.422  -9.926  -1.186  1.00 22.26 ? 70  PHE A CE2 1 
ATOM   540  C CZ  . PHE A 1 70  ? -2.381  -9.728  -0.297  1.00 20.16 ? 70  PHE A CZ  1 
ATOM   541  N N   . ASP A 1 71  ? -3.439  -13.639 -4.747  1.00 26.50 ? 71  ASP A N   1 
ATOM   542  C CA  . ASP A 1 71  ? -3.576  -12.861 -5.972  1.00 26.93 ? 71  ASP A CA  1 
ATOM   543  C C   . ASP A 1 71  ? -4.150  -11.538 -5.621  1.00 27.28 ? 71  ASP A C   1 
ATOM   544  O O   . ASP A 1 71  ? -5.136  -11.478 -4.919  1.00 27.54 ? 71  ASP A O   1 
ATOM   545  C CB  . ASP A 1 71  ? -4.510  -13.537 -6.989  1.00 27.35 ? 71  ASP A CB  1 
ATOM   546  C CG  . ASP A 1 71  ? -4.009  -14.902 -7.415  1.00 29.58 ? 71  ASP A CG  1 
ATOM   547  O OD1 . ASP A 1 71  ? -2.837  -15.055 -7.767  1.00 25.45 ? 71  ASP A OD1 1 
ATOM   548  O OD2 . ASP A 1 71  ? -4.724  -15.906 -7.398  1.00 34.54 ? 71  ASP A OD2 1 
ATOM   549  N N   . GLU A 1 72  ? -3.560  -10.461 -6.139  1.00 27.58 ? 72  GLU A N   1 
ATOM   550  C CA  . GLU A 1 72  ? -4.111  -9.138  -5.917  1.00 27.08 ? 72  GLU A CA  1 
ATOM   551  C C   . GLU A 1 72  ? -4.475  -8.407  -7.205  1.00 27.65 ? 72  GLU A C   1 
ATOM   552  O O   . GLU A 1 72  ? -3.772  -8.493  -8.223  1.00 28.77 ? 72  GLU A O   1 
ATOM   553  C CB  . GLU A 1 72  ? -3.149  -8.282  -5.102  1.00 27.59 ? 72  GLU A CB  1 
ATOM   554  C CG  . GLU A 1 72  ? -3.636  -6.859  -4.857  1.00 26.95 ? 72  GLU A CG  1 
ATOM   555  C CD  . GLU A 1 72  ? -2.625  -5.997  -4.114  1.00 25.02 ? 72  GLU A CD  1 
ATOM   556  O OE1 . GLU A 1 72  ? -1.468  -6.441  -3.918  1.00 19.40 ? 72  GLU A OE1 1 
ATOM   557  O OE2 . GLU A 1 72  ? -2.993  -4.853  -3.756  1.00 26.47 ? 72  GLU A OE2 1 
ATOM   558  N N   . VAL A 1 73  ? -5.604  -7.725  -7.191  1.00 26.54 ? 73  VAL A N   1 
ATOM   559  C CA  . VAL A 1 73  ? -5.887  -6.828  -8.285  1.00 27.16 ? 73  VAL A CA  1 
ATOM   560  C C   . VAL A 1 73  ? -5.621  -5.393  -7.787  1.00 26.29 ? 73  VAL A C   1 
ATOM   561  O O   . VAL A 1 73  ? -6.246  -4.927  -6.845  1.00 25.65 ? 73  VAL A O   1 
ATOM   562  C CB  . VAL A 1 73  ? -7.317  -7.027  -8.791  1.00 27.89 ? 73  VAL A CB  1 
ATOM   563  C CG1 . VAL A 1 73  ? -7.677  -5.970  -9.820  1.00 27.43 ? 73  VAL A CG1 1 
ATOM   564  C CG2 . VAL A 1 73  ? -7.450  -8.451  -9.367  1.00 26.51 ? 73  VAL A CG2 1 
ATOM   565  N N   . THR A 1 74  ? -4.643  -4.702  -8.360  1.00 25.86 ? 74  THR A N   1 
ATOM   566  C CA  . THR A 1 74  ? -4.363  -3.349  -7.843  1.00 25.08 ? 74  THR A CA  1 
ATOM   567  C C   . THR A 1 74  ? -5.296  -2.274  -8.439  1.00 25.07 ? 74  THR A C   1 
ATOM   568  O O   . THR A 1 74  ? -6.066  -2.553  -9.354  1.00 24.50 ? 74  THR A O   1 
ATOM   569  C CB  . THR A 1 74  ? -2.876  -2.958  -8.035  1.00 24.95 ? 74  THR A CB  1 
ATOM   570  O OG1 . THR A 1 74  ? -2.617  -2.764  -9.419  1.00 22.53 ? 74  THR A OG1 1 
ATOM   571  C CG2 . THR A 1 74  ? -1.930  -4.093  -7.675  1.00 23.90 ? 74  THR A CG2 1 
ATOM   572  N N   . ALA A 1 75  ? -5.246  -1.059  -7.881  1.00 25.55 ? 75  ALA A N   1 
ATOM   573  C CA  . ALA A 1 75  ? -6.102  0.041   -8.341  1.00 27.66 ? 75  ALA A CA  1 
ATOM   574  C C   . ALA A 1 75  ? -5.712  0.443   -9.762  1.00 28.55 ? 75  ALA A C   1 
ATOM   575  O O   . ALA A 1 75  ? -6.523  1.020   -10.501 1.00 30.33 ? 75  ALA A O   1 
ATOM   576  C CB  . ALA A 1 75  ? -6.021  1.232   -7.394  1.00 26.84 ? 75  ALA A CB  1 
ATOM   577  N N   . ASP A 1 76  ? -4.467  0.111   -10.128 1.00 29.53 ? 76  ASP A N   1 
ATOM   578  C CA  . ASP A 1 76  ? -3.930  0.352   -11.469 1.00 30.52 ? 76  ASP A CA  1 
ATOM   579  C C   . ASP A 1 76  ? -3.926  -0.958  -12.260 1.00 32.61 ? 76  ASP A C   1 
ATOM   580  O O   . ASP A 1 76  ? -3.130  -1.207  -13.201 1.00 34.44 ? 76  ASP A O   1 
ATOM   581  C CB  . ASP A 1 76  ? -2.567  1.035   -11.411 1.00 30.42 ? 76  ASP A CB  1 
ATOM   582  C CG  . ASP A 1 76  ? -1.477  0.109   -10.984 1.00 29.63 ? 76  ASP A CG  1 
ATOM   583  O OD1 . ASP A 1 76  ? -1.449  -0.310  -9.807  1.00 27.12 ? 76  ASP A OD1 1 
ATOM   584  O OD2 . ASP A 1 76  ? -0.611  -0.241  -11.789 1.00 26.18 ? 76  ASP A OD2 1 
ATOM   585  N N   . ASP A 1 77  ? -4.921  -1.752  -11.878 1.00 32.78 ? 77  ASP A N   1 
ATOM   586  C CA  . ASP A 1 77  ? -5.290  -2.990  -12.543 1.00 32.67 ? 77  ASP A CA  1 
ATOM   587  C C   . ASP A 1 77  ? -4.140  -3.953  -12.871 1.00 31.78 ? 77  ASP A C   1 
ATOM   588  O O   . ASP A 1 77  ? -4.187  -4.717  -13.842 1.00 30.83 ? 77  ASP A O   1 
ATOM   589  C CB  . ASP A 1 77  ? -6.109  -2.686  -13.801 1.00 33.42 ? 77  ASP A CB  1 
ATOM   590  C CG  . ASP A 1 77  ? -7.332  -1.786  -13.539 1.00 38.25 ? 77  ASP A CG  1 
ATOM   591  O OD1 . ASP A 1 77  ? -8.264  -2.262  -12.835 1.00 44.72 ? 77  ASP A OD1 1 
ATOM   592  O OD2 . ASP A 1 77  ? -7.475  -0.615  -14.012 1.00 38.65 ? 77  ASP A OD2 1 
ATOM   593  N N   . ARG A 1 78  ? -3.102  -3.933  -12.071 1.00 30.50 ? 78  ARG A N   1 
ATOM   594  C CA  . ARG A 1 78  ? -2.084  -4.971  -12.267 1.00 30.56 ? 78  ARG A CA  1 
ATOM   595  C C   . ARG A 1 78  ? -2.602  -6.234  -11.612 1.00 30.37 ? 78  ARG A C   1 
ATOM   596  O O   . ARG A 1 78  ? -3.370  -6.170  -10.665 1.00 30.93 ? 78  ARG A O   1 
ATOM   597  C CB  . ARG A 1 78  ? -0.739  -4.582  -11.646 1.00 29.40 ? 78  ARG A CB  1 
ATOM   598  C CG  . ARG A 1 78  ? 0.035   -3.587  -12.473 1.00 27.95 ? 78  ARG A CG  1 
ATOM   599  C CD  . ARG A 1 78  ? 1.262   -3.054  -11.739 1.00 25.81 ? 78  ARG A CD  1 
ATOM   600  N NE  . ARG A 1 78  ? 0.832   -2.259  -10.605 1.00 21.06 ? 78  ARG A NE  1 
ATOM   601  C CZ  . ARG A 1 78  ? 1.245   -2.322  -9.355  1.00 21.78 ? 78  ARG A CZ  1 
ATOM   602  N NH1 . ARG A 1 78  ? 2.194   -3.172  -8.989  1.00 18.57 ? 78  ARG A NH1 1 
ATOM   603  N NH2 . ARG A 1 78  ? 0.681   -1.498  -8.467  1.00 18.00 ? 78  ARG A NH2 1 
ATOM   604  N N   . LYS A 1 79  ? -2.210  -7.376  -12.146 1.00 30.28 ? 79  LYS A N   1 
ATOM   605  C CA  . LYS A 1 79  ? -2.549  -8.638  -11.543 1.00 30.26 ? 79  LYS A CA  1 
ATOM   606  C C   . LYS A 1 79  ? -1.229  -9.189  -11.038 1.00 29.26 ? 79  LYS A C   1 
ATOM   607  O O   . LYS A 1 79  ? -0.396  -9.677  -11.811 1.00 29.03 ? 79  LYS A O   1 
ATOM   608  C CB  . LYS A 1 79  ? -3.262  -9.558  -12.543 1.00 31.15 ? 79  LYS A CB  1 
ATOM   609  C CG  . LYS A 1 79  ? -4.712  -9.049  -12.843 1.00 34.41 ? 79  LYS A CG  1 
ATOM   610  C CD  . LYS A 1 79  ? -5.382  -9.879  -13.952 1.00 41.53 ? 79  LYS A CD  1 
ATOM   611  C CE  . LYS A 1 79  ? -6.780  -9.404  -14.339 1.00 43.37 ? 79  LYS A CE  1 
ATOM   612  N NZ  . LYS A 1 79  ? -7.272  -10.257 -15.469 1.00 45.79 ? 79  LYS A NZ  1 
ATOM   613  N N   . VAL A 1 80  ? -1.063  -9.124  -9.723  1.00 27.51 ? 80  VAL A N   1 
ATOM   614  C CA  . VAL A 1 80  ? 0.204   -9.376  -9.110  1.00 25.11 ? 80  VAL A CA  1 
ATOM   615  C C   . VAL A 1 80  ? 0.174   -10.527 -8.100  1.00 25.15 ? 80  VAL A C   1 
ATOM   616  O O   . VAL A 1 80  ? -0.883  -10.869 -7.568  1.00 23.34 ? 80  VAL A O   1 
ATOM   617  C CB  . VAL A 1 80  ? 0.594   -8.089  -8.355  1.00 25.48 ? 80  VAL A CB  1 
ATOM   618  C CG1 . VAL A 1 80  ? 0.826   -6.901  -9.334  1.00 23.93 ? 80  VAL A CG1 1 
ATOM   619  C CG2 . VAL A 1 80  ? -0.487  -7.705  -7.337  1.00 23.24 ? 80  VAL A CG2 1 
ATOM   620  N N   . LYS A 1 81  ? 1.344   -11.108 -7.809  1.00 24.29 ? 81  LYS A N   1 
ATOM   621  C CA  . LYS A 1 81  ? 1.405   -12.077 -6.734  1.00 23.78 ? 81  LYS A CA  1 
ATOM   622  C C   . LYS A 1 81  ? 1.880   -11.321 -5.489  1.00 23.76 ? 81  LYS A C   1 
ATOM   623  O O   . LYS A 1 81  ? 2.959   -10.732 -5.470  1.00 24.69 ? 81  LYS A O   1 
ATOM   624  C CB  . LYS A 1 81  ? 2.345   -13.237 -7.085  1.00 23.64 ? 81  LYS A CB  1 
ATOM   625  C CG  . LYS A 1 81  ? 1.805   -14.221 -8.114  1.00 24.50 ? 81  LYS A CG  1 
ATOM   626  C CD  . LYS A 1 81  ? 0.529   -14.940 -7.685  1.00 25.32 ? 81  LYS A CD  1 
ATOM   627  C CE  . LYS A 1 81  ? 0.221   -16.081 -8.651  1.00 31.28 ? 81  LYS A CE  1 
ATOM   628  N NZ  . LYS A 1 81  ? -1.216  -16.478 -8.695  1.00 34.45 ? 81  LYS A NZ  1 
ATOM   629  N N   . SER A 1 82  ? 1.094   -11.357 -4.434  1.00 23.18 ? 82  SER A N   1 
ATOM   630  C CA  . SER A 1 82  ? 1.392   -10.549 -3.269  1.00 24.03 ? 82  SER A CA  1 
ATOM   631  C C   . SER A 1 82  ? 1.812   -11.344 -2.033  1.00 23.83 ? 82  SER A C   1 
ATOM   632  O O   . SER A 1 82  ? 1.242   -12.399 -1.770  1.00 25.29 ? 82  SER A O   1 
ATOM   633  C CB  . SER A 1 82  ? 0.174   -9.680  -2.966  1.00 23.23 ? 82  SER A CB  1 
ATOM   634  O OG  . SER A 1 82  ? 0.218   -8.540  -3.761  1.00 24.63 ? 82  SER A OG  1 
ATOM   635  N N   . THR A 1 83  ? 2.818   -10.879 -1.295  1.00 24.62 ? 83  THR A N   1 
ATOM   636  C CA  . THR A 1 83  ? 3.217   -11.591 -0.070  1.00 24.90 ? 83  THR A CA  1 
ATOM   637  C C   . THR A 1 83  ? 3.637   -10.715 1.074   1.00 24.93 ? 83  THR A C   1 
ATOM   638  O O   . THR A 1 83  ? 4.785   -10.236 1.156   1.00 27.25 ? 83  THR A O   1 
ATOM   639  C CB  . THR A 1 83  ? 4.317   -12.588 -0.328  1.00 24.80 ? 83  THR A CB  1 
ATOM   640  O OG1 . THR A 1 83  ? 3.878   -13.551 -1.311  1.00 25.59 ? 83  THR A OG1 1 
ATOM   641  C CG2 . THR A 1 83  ? 4.503   -13.403 0.937   1.00 23.76 ? 83  THR A CG2 1 
ATOM   642  N N   . ILE A 1 84  ? 2.686   -10.565 1.962   1.00 24.51 ? 84  ILE A N   1 
ATOM   643  C CA  . ILE A 1 84  ? 2.814   -9.709  3.125   1.00 25.25 ? 84  ILE A CA  1 
ATOM   644  C C   . ILE A 1 84  ? 3.256   -10.453 4.374   1.00 25.48 ? 84  ILE A C   1 
ATOM   645  O O   . ILE A 1 84  ? 2.659   -11.461 4.737   1.00 25.67 ? 84  ILE A O   1 
ATOM   646  C CB  . ILE A 1 84  ? 1.473   -9.018  3.328   1.00 24.20 ? 84  ILE A CB  1 
ATOM   647  C CG1 . ILE A 1 84  ? 1.082   -8.376  2.021   1.00 22.86 ? 84  ILE A CG1 1 
ATOM   648  C CG2 . ILE A 1 84  ? 1.536   -8.059  4.485   1.00 24.59 ? 84  ILE A CG2 1 
ATOM   649  C CD1 . ILE A 1 84  ? -0.175  -7.508  2.069   1.00 24.23 ? 84  ILE A CD1 1 
ATOM   650  N N   . THR A 1 85  ? 4.331   -9.957  4.986   1.00 26.07 ? 85  THR A N   1 
ATOM   651  C CA  . THR A 1 85  ? 4.903   -10.479 6.225   1.00 27.09 ? 85  THR A CA  1 
ATOM   652  C C   . THR A 1 85  ? 5.089   -9.387  7.291   1.00 27.92 ? 85  THR A C   1 
ATOM   653  O O   . THR A 1 85  ? 4.977   -8.192  6.998   1.00 27.16 ? 85  THR A O   1 
ATOM   654  C CB  . THR A 1 85  ? 6.262   -11.050 5.894   1.00 26.79 ? 85  THR A CB  1 
ATOM   655  O OG1 . THR A 1 85  ? 6.979   -10.082 5.113   1.00 26.18 ? 85  THR A OG1 1 
ATOM   656  C CG2 . THR A 1 85  ? 6.089   -12.222 4.947   1.00 29.51 ? 85  THR A CG2 1 
ATOM   657  N N   . LEU A 1 86  ? 5.361   -9.804  8.524   1.00 29.12 ? 86  LEU A N   1 
ATOM   658  C CA  . LEU A 1 86  ? 5.669   -8.898  9.619   1.00 31.43 ? 86  LEU A CA  1 
ATOM   659  C C   . LEU A 1 86  ? 7.136   -9.138  9.926   1.00 32.36 ? 86  LEU A C   1 
ATOM   660  O O   . LEU A 1 86  ? 7.527   -10.280 10.178  1.00 33.07 ? 86  LEU A O   1 
ATOM   661  C CB  . LEU A 1 86  ? 4.814   -9.220  10.839  1.00 31.31 ? 86  LEU A CB  1 
ATOM   662  C CG  . LEU A 1 86  ? 4.596   -8.094  11.834  1.00 33.63 ? 86  LEU A CG  1 
ATOM   663  C CD1 . LEU A 1 86  ? 4.152   -6.868  11.087  1.00 36.13 ? 86  LEU A CD1 1 
ATOM   664  C CD2 . LEU A 1 86  ? 3.576   -8.512  12.880  1.00 36.71 ? 86  LEU A CD2 1 
ATOM   665  N N   . ASP A 1 87  ? 7.932   -8.072  9.887   1.00 32.79 ? 87  ASP A N   1 
ATOM   666  C CA  . ASP A 1 87  ? 9.391   -8.129  10.047  1.00 33.99 ? 87  ASP A CA  1 
ATOM   667  C C   . ASP A 1 87  ? 9.782   -6.926  10.945  1.00 33.82 ? 87  ASP A C   1 
ATOM   668  O O   . ASP A 1 87  ? 9.596   -5.772  10.574  1.00 34.41 ? 87  ASP A O   1 
ATOM   669  C CB  . ASP A 1 87  ? 10.039  -8.025  8.641   1.00 34.95 ? 87  ASP A CB  1 
ATOM   670  C CG  . ASP A 1 87  ? 11.507  -8.520  8.581   1.00 36.81 ? 87  ASP A CG  1 
ATOM   671  O OD1 . ASP A 1 87  ? 12.059  -8.658  7.436   1.00 38.25 ? 87  ASP A OD1 1 
ATOM   672  O OD2 . ASP A 1 87  ? 12.185  -8.774  9.598   1.00 37.61 ? 87  ASP A OD2 1 
ATOM   673  N N   . GLY A 1 88  ? 10.241  -7.198  12.160  1.00 33.91 ? 88  GLY A N   1 
ATOM   674  C CA  . GLY A 1 88  ? 10.638  -6.146  13.102  1.00 32.90 ? 88  GLY A CA  1 
ATOM   675  C C   . GLY A 1 88  ? 9.630   -5.009  13.283  1.00 31.88 ? 88  GLY A C   1 
ATOM   676  O O   . GLY A 1 88  ? 9.984   -3.828  13.432  1.00 30.96 ? 88  GLY A O   1 
ATOM   677  N N   . GLY A 1 89  ? 8.364   -5.380  13.287  1.00 31.06 ? 89  GLY A N   1 
ATOM   678  C CA  . GLY A 1 89  ? 7.288   -4.423  13.400  1.00 30.97 ? 89  GLY A CA  1 
ATOM   679  C C   . GLY A 1 89  ? 6.836   -3.670  12.151  1.00 30.42 ? 89  GLY A C   1 
ATOM   680  O O   . GLY A 1 89  ? 6.000   -2.777  12.294  1.00 31.66 ? 89  GLY A O   1 
ATOM   681  N N   . VAL A 1 90  ? 7.378   -4.007  10.968  1.00 29.13 ? 90  VAL A N   1 
ATOM   682  C CA  . VAL A 1 90  ? 7.026   -3.376  9.687   1.00 28.02 ? 90  VAL A CA  1 
ATOM   683  C C   . VAL A 1 90  ? 6.231   -4.378  8.873   1.00 27.03 ? 90  VAL A C   1 
ATOM   684  O O   . VAL A 1 90  ? 6.545   -5.570  8.891   1.00 27.76 ? 90  VAL A O   1 
ATOM   685  C CB  . VAL A 1 90  ? 8.279   -2.976  8.896   1.00 27.96 ? 90  VAL A CB  1 
ATOM   686  C CG1 . VAL A 1 90  ? 7.903   -2.436  7.511   1.00 28.26 ? 90  VAL A CG1 1 
ATOM   687  C CG2 . VAL A 1 90  ? 9.120   -1.963  9.641   1.00 26.86 ? 90  VAL A CG2 1 
ATOM   688  N N   . LEU A 1 91  ? 5.131   -3.933  8.280   1.00 24.96 ? 91  LEU A N   1 
ATOM   689  C CA  . LEU A 1 91  ? 4.401   -4.842  7.406   1.00 23.70 ? 91  LEU A CA  1 
ATOM   690  C C   . LEU A 1 91  ? 4.968   -4.607  6.045   1.00 22.59 ? 91  LEU A C   1 
ATOM   691  O O   . LEU A 1 91  ? 4.868   -3.512  5.509   1.00 22.33 ? 91  LEU A O   1 
ATOM   692  C CB  . LEU A 1 91  ? 2.889   -4.625  7.381   1.00 22.28 ? 91  LEU A CB  1 
ATOM   693  C CG  . LEU A 1 91  ? 2.006   -5.018  8.550   1.00 23.93 ? 91  LEU A CG  1 
ATOM   694  C CD1 . LEU A 1 91  ? 0.772   -4.130  8.548   1.00 23.44 ? 91  LEU A CD1 1 
ATOM   695  C CD2 . LEU A 1 91  ? 1.611   -6.491  8.500   1.00 23.83 ? 91  LEU A CD2 1 
ATOM   696  N N   . VAL A 1 92  ? 5.588   -5.647  5.503   1.00 23.15 ? 92  VAL A N   1 
ATOM   697  C CA  . VAL A 1 92  ? 6.270   -5.611  4.231   1.00 23.29 ? 92  VAL A CA  1 
ATOM   698  C C   . VAL A 1 92  ? 5.378   -6.299  3.209   1.00 23.99 ? 92  VAL A C   1 
ATOM   699  O O   . VAL A 1 92  ? 5.046   -7.465  3.376   1.00 23.70 ? 92  VAL A O   1 
ATOM   700  C CB  . VAL A 1 92  ? 7.593   -6.374  4.368   1.00 24.68 ? 92  VAL A CB  1 
ATOM   701  C CG1 . VAL A 1 92  ? 8.307   -6.474  2.981   1.00 23.85 ? 92  VAL A CG1 1 
ATOM   702  C CG2 . VAL A 1 92  ? 8.476   -5.709  5.470   1.00 25.78 ? 92  VAL A CG2 1 
ATOM   703  N N   . HIS A 1 93  ? 4.982   -5.594  2.152   1.00 23.64 ? 93  HIS A N   1 
ATOM   704  C CA  . HIS A 1 93  ? 4.083   -6.190  1.174   1.00 23.87 ? 93  HIS A CA  1 
ATOM   705  C C   . HIS A 1 93  ? 4.888   -6.461  -0.096  1.00 23.45 ? 93  HIS A C   1 
ATOM   706  O O   . HIS A 1 93  ? 5.453   -5.494  -0.594  1.00 23.41 ? 93  HIS A O   1 
ATOM   707  C CB  . HIS A 1 93  ? 2.944   -5.166  0.895   1.00 23.79 ? 93  HIS A CB  1 
ATOM   708  C CG  . HIS A 1 93  ? 1.949   -5.615  -0.128  1.00 25.07 ? 93  HIS A CG  1 
ATOM   709  N ND1 . HIS A 1 93  ? 0.802   -4.907  -0.419  1.00 23.64 ? 93  HIS A ND1 1 
ATOM   710  C CD2 . HIS A 1 93  ? 1.930   -6.710  -0.923  1.00 26.46 ? 93  HIS A CD2 1 
ATOM   711  C CE1 . HIS A 1 93  ? 0.126   -5.543  -1.359  1.00 24.22 ? 93  HIS A CE1 1 
ATOM   712  N NE2 . HIS A 1 93  ? 0.783   -6.641  -1.677  1.00 25.01 ? 93  HIS A NE2 1 
ATOM   713  N N   . VAL A 1 94  ? 4.908   -7.670  -0.686  1.00 23.76 ? 94  VAL A N   1 
ATOM   714  C CA  . VAL A 1 94  ? 5.665   -7.712  -1.944  1.00 22.58 ? 94  VAL A CA  1 
ATOM   715  C C   . VAL A 1 94  ? 4.739   -8.117  -3.027  1.00 22.14 ? 94  VAL A C   1 
ATOM   716  O O   . VAL A 1 94  ? 3.921   -8.979  -2.794  1.00 22.38 ? 94  VAL A O   1 
ATOM   717  C CB  . VAL A 1 94  ? 6.947   -8.576  -1.892  1.00 23.14 ? 94  VAL A CB  1 
ATOM   718  C CG1 . VAL A 1 94  ? 7.795   -8.438  -3.173  1.00 20.14 ? 94  VAL A CG1 1 
ATOM   719  C CG2 . VAL A 1 94  ? 7.759   -8.047  -0.835  1.00 26.72 ? 94  VAL A CG2 1 
ATOM   720  N N   . GLN A 1 95  ? 4.823   -7.402  -4.157  1.00 21.44 ? 95  GLN A N   1 
ATOM   721  C CA  . GLN A 1 95  ? 4.081   -7.663  -5.381  1.00 21.54 ? 95  GLN A CA  1 
ATOM   722  C C   . GLN A 1 95  ? 5.058   -8.105  -6.513  1.00 23.00 ? 95  GLN A C   1 
ATOM   723  O O   . GLN A 1 95  ? 6.027   -7.401  -6.823  1.00 23.44 ? 95  GLN A O   1 
ATOM   724  C CB  . GLN A 1 95  ? 3.337   -6.396  -5.763  1.00 20.72 ? 95  GLN A CB  1 
ATOM   725  C CG  . GLN A 1 95  ? 2.259   -5.943  -4.701  1.00 19.30 ? 95  GLN A CG  1 
ATOM   726  C CD  . GLN A 1 95  ? 1.417   -4.703  -5.107  1.00 18.52 ? 95  GLN A CD  1 
ATOM   727  O OE1 . GLN A 1 95  ? 1.937   -3.788  -5.733  1.00 12.47 ? 95  GLN A OE1 1 
ATOM   728  N NE2 . GLN A 1 95  ? 0.128   -4.683  -4.732  1.00 16.96 ? 95  GLN A NE2 1 
ATOM   729  N N   . LYS A 1 96  ? 4.801   -9.276  -7.104  1.00 23.69 ? 96  LYS A N   1 
ATOM   730  C CA  . LYS A 1 96  ? 5.600   -9.841  -8.205  1.00 25.27 ? 96  LYS A CA  1 
ATOM   731  C C   . LYS A 1 96  ? 4.646   -9.945  -9.378  1.00 24.46 ? 96  LYS A C   1 
ATOM   732  O O   . LYS A 1 96  ? 3.503   -10.389 -9.238  1.00 25.38 ? 96  LYS A O   1 
ATOM   733  C CB  . LYS A 1 96  ? 6.063   -11.230 -7.823  1.00 26.40 ? 96  LYS A CB  1 
ATOM   734  C CG  . LYS A 1 96  ? 6.553   -11.304 -6.355  1.00 28.95 ? 96  LYS A CG  1 
ATOM   735  C CD  . LYS A 1 96  ? 7.787   -12.255 -6.164  1.00 34.76 ? 96  LYS A CD  1 
ATOM   736  C CE  . LYS A 1 96  ? 8.558   -11.902 -4.888  1.00 35.78 ? 96  LYS A CE  1 
ATOM   737  N NZ  . LYS A 1 96  ? 9.756   -12.794 -4.650  1.00 39.32 ? 96  LYS A NZ  1 
ATOM   738  N N   . TRP A 1 97  ? 5.114   -9.531  -10.546 1.00 24.75 ? 97  TRP A N   1 
ATOM   739  C CA  . TRP A 1 97  ? 4.341   -9.621  -11.779 1.00 24.04 ? 97  TRP A CA  1 
ATOM   740  C C   . TRP A 1 97  ? 5.260   -9.394  -12.964 1.00 25.00 ? 97  TRP A C   1 
ATOM   741  O O   . TRP A 1 97  ? 5.974   -8.417  -13.000 1.00 23.87 ? 97  TRP A O   1 
ATOM   742  C CB  . TRP A 1 97  ? 3.149   -8.663  -11.789 1.00 22.20 ? 97  TRP A CB  1 
ATOM   743  C CG  . TRP A 1 97  ? 3.447   -7.290  -12.192 1.00 23.30 ? 97  TRP A CG  1 
ATOM   744  C CD1 . TRP A 1 97  ? 3.175   -6.719  -13.411 1.00 21.70 ? 97  TRP A CD1 1 
ATOM   745  C CD2 . TRP A 1 97  ? 4.097   -6.273  -11.411 1.00 21.80 ? 97  TRP A CD2 1 
ATOM   746  N NE1 . TRP A 1 97  ? 3.583   -5.409  -13.421 1.00 22.99 ? 97  TRP A NE1 1 
ATOM   747  C CE2 . TRP A 1 97  ? 4.141   -5.101  -12.208 1.00 23.14 ? 97  TRP A CE2 1 
ATOM   748  C CE3 . TRP A 1 97  ? 4.608   -6.214  -10.106 1.00 22.31 ? 97  TRP A CE3 1 
ATOM   749  C CZ2 . TRP A 1 97  ? 4.689   -3.899  -11.757 1.00 23.57 ? 97  TRP A CZ2 1 
ATOM   750  C CZ3 . TRP A 1 97  ? 5.154   -5.015  -9.659  1.00 30.46 ? 97  TRP A CZ3 1 
ATOM   751  C CH2 . TRP A 1 97  ? 5.190   -3.872  -10.491 1.00 27.74 ? 97  TRP A CH2 1 
ATOM   752  N N   . ASP A 1 98  ? 5.284   -10.353 -13.890 1.00 27.45 ? 98  ASP A N   1 
ATOM   753  C CA  . ASP A 1 98  ? 6.092   -10.248 -15.124 1.00 28.36 ? 98  ASP A CA  1 
ATOM   754  C C   . ASP A 1 98  ? 7.616   -10.267 -14.807 1.00 28.72 ? 98  ASP A C   1 
ATOM   755  O O   . ASP A 1 98  ? 8.432   -9.724  -15.539 1.00 30.36 ? 98  ASP A O   1 
ATOM   756  C CB  . ASP A 1 98  ? 5.637   -9.003  -15.904 1.00 28.00 ? 98  ASP A CB  1 
ATOM   757  C CG  . ASP A 1 98  ? 4.213   -9.167  -16.504 1.00 28.33 ? 98  ASP A CG  1 
ATOM   758  O OD1 . ASP A 1 98  ? 3.727   -10.316 -16.578 1.00 29.53 ? 98  ASP A OD1 1 
ATOM   759  O OD2 . ASP A 1 98  ? 3.502   -8.247  -16.956 1.00 21.80 ? 98  ASP A OD2 1 
ATOM   760  N N   . GLY A 1 99  ? 7.985   -10.904 -13.712 1.00 29.53 ? 99  GLY A N   1 
ATOM   761  C CA  . GLY A 1 99  ? 9.371   -10.882 -13.309 1.00 29.49 ? 99  GLY A CA  1 
ATOM   762  C C   . GLY A 1 99  ? 9.764   -9.523  -12.749 1.00 29.43 ? 99  GLY A C   1 
ATOM   763  O O   . GLY A 1 99  ? 10.965  -9.238  -12.575 1.00 29.02 ? 99  GLY A O   1 
ATOM   764  N N   . LYS A 1 100 ? 8.754   -8.685  -12.482 1.00 28.12 ? 100 LYS A N   1 
ATOM   765  C CA  . LYS A 1 100 ? 8.952   -7.384  -11.831 1.00 27.83 ? 100 LYS A CA  1 
ATOM   766  C C   . LYS A 1 100 ? 8.615   -7.457  -10.326 1.00 27.67 ? 100 LYS A C   1 
ATOM   767  O O   . LYS A 1 100 ? 7.897   -8.355  -9.890  1.00 28.11 ? 100 LYS A O   1 
ATOM   768  C CB  . LYS A 1 100 ? 8.136   -6.304  -12.538 1.00 28.95 ? 100 LYS A CB  1 
ATOM   769  C CG  . LYS A 1 100 ? 8.572   -6.054  -13.961 1.00 27.12 ? 100 LYS A CG  1 
ATOM   770  C CD  . LYS A 1 100 ? 8.092   -4.716  -14.412 1.00 28.27 ? 100 LYS A CD  1 
ATOM   771  C CE  . LYS A 1 100 ? 6.736   -4.800  -15.034 1.00 27.31 ? 100 LYS A CE  1 
ATOM   772  N NZ  . LYS A 1 100 ? 6.650   -3.780  -16.096 1.00 28.82 ? 100 LYS A NZ  1 
ATOM   773  N N   . SER A 1 101 ? 9.182   -6.550  -9.534  1.00 28.21 ? 101 SER A N   1 
ATOM   774  C CA  . SER A 1 101 ? 8.960   -6.531  -8.095  1.00 27.55 ? 101 SER A CA  1 
ATOM   775  C C   . SER A 1 101 ? 8.891   -5.096  -7.604  1.00 25.83 ? 101 SER A C   1 
ATOM   776  O O   . SER A 1 101 ? 9.625   -4.221  -8.053  1.00 24.82 ? 101 SER A O   1 
ATOM   777  C CB  . SER A 1 101 ? 10.092  -7.283  -7.395  1.00 29.25 ? 101 SER A CB  1 
ATOM   778  O OG  . SER A 1 101 ? 10.186  -6.874  -6.059  1.00 33.28 ? 101 SER A OG  1 
ATOM   779  N N   . THR A 1 102 ? 7.989   -4.870  -6.647  1.00 24.84 ? 102 THR A N   1 
ATOM   780  C CA  . THR A 1 102 ? 7.907   -3.612  -5.967  1.00 23.05 ? 102 THR A CA  1 
ATOM   781  C C   . THR A 1 102 ? 7.582   -3.951  -4.521  1.00 23.25 ? 102 THR A C   1 
ATOM   782  O O   . THR A 1 102 ? 6.878   -4.931  -4.221  1.00 22.82 ? 102 THR A O   1 
ATOM   783  C CB  . THR A 1 102 ? 6.850   -2.683  -6.579  1.00 23.77 ? 102 THR A CB  1 
ATOM   784  O OG1 . THR A 1 102 ? 6.866   -1.404  -5.906  1.00 21.91 ? 102 THR A OG1 1 
ATOM   785  C CG2 . THR A 1 102 ? 5.403   -3.237  -6.365  1.00 19.52 ? 102 THR A CG2 1 
ATOM   786  N N   . THR A 1 103 ? 8.102   -3.148  -3.606  1.00 21.26 ? 103 THR A N   1 
ATOM   787  C CA  . THR A 1 103 ? 7.887   -3.484  -2.243  1.00 20.43 ? 103 THR A CA  1 
ATOM   788  C C   . THR A 1 103 ? 7.329   -2.339  -1.469  1.00 19.60 ? 103 THR A C   1 
ATOM   789  O O   . THR A 1 103 ? 7.827   -1.234  -1.599  1.00 19.73 ? 103 THR A O   1 
ATOM   790  C CB  . THR A 1 103 ? 9.192   -3.957  -1.669  1.00 20.60 ? 103 THR A CB  1 
ATOM   791  O OG1 . THR A 1 103 ? 9.500   -5.224  -2.250  1.00 21.58 ? 103 THR A OG1 1 
ATOM   792  C CG2 . THR A 1 103 ? 9.023   -4.257  -0.114  1.00 19.77 ? 103 THR A CG2 1 
ATOM   793  N N   . ILE A 1 104 ? 6.295   -2.599  -0.674  1.00 19.08 ? 104 ILE A N   1 
ATOM   794  C CA  . ILE A 1 104 ? 5.642   -1.555  0.120   1.00 19.50 ? 104 ILE A CA  1 
ATOM   795  C C   . ILE A 1 104 ? 5.674   -1.831  1.627   1.00 19.43 ? 104 ILE A C   1 
ATOM   796  O O   . ILE A 1 104 ? 5.096   -2.784  2.101   1.00 19.47 ? 104 ILE A O   1 
ATOM   797  C CB  . ILE A 1 104 ? 4.188   -1.415  -0.332  1.00 20.37 ? 104 ILE A CB  1 
ATOM   798  C CG1 . ILE A 1 104 ? 4.140   -1.314  -1.841  1.00 21.92 ? 104 ILE A CG1 1 
ATOM   799  C CG2 . ILE A 1 104 ? 3.514   -0.209  0.326   1.00 20.76 ? 104 ILE A CG2 1 
ATOM   800  C CD1 . ILE A 1 104 ? 3.027   -2.124  -2.420  1.00 29.62 ? 104 ILE A CD1 1 
ATOM   801  N N   . LYS A 1 105 ? 6.306   -0.957  2.398   1.00 20.18 ? 105 LYS A N   1 
ATOM   802  C CA  . LYS A 1 105 ? 6.443   -1.195  3.826   1.00 20.91 ? 105 LYS A CA  1 
ATOM   803  C C   . LYS A 1 105 ? 5.566   -0.198  4.587   1.00 20.97 ? 105 LYS A C   1 
ATOM   804  O O   . LYS A 1 105 ? 5.555   0.982   4.245   1.00 21.07 ? 105 LYS A O   1 
ATOM   805  C CB  . LYS A 1 105 ? 7.883   -0.934  4.279   1.00 19.96 ? 105 LYS A CB  1 
ATOM   806  C CG  . LYS A 1 105 ? 9.024   -1.729  3.702   1.00 23.84 ? 105 LYS A CG  1 
ATOM   807  C CD  . LYS A 1 105 ? 10.300  -1.240  4.395   1.00 29.77 ? 105 LYS A CD  1 
ATOM   808  C CE  . LYS A 1 105 ? 11.598  -1.806  3.851   1.00 32.86 ? 105 LYS A CE  1 
ATOM   809  N NZ  . LYS A 1 105 ? 11.466  -3.210  3.389   1.00 33.20 ? 105 LYS A NZ  1 
ATOM   810  N N   . ARG A 1 106 ? 4.880   -0.654  5.614   1.00 20.94 ? 106 ARG A N   1 
ATOM   811  C CA  . ARG A 1 106 ? 4.075   0.244   6.428   1.00 23.10 ? 106 ARG A CA  1 
ATOM   812  C C   . ARG A 1 106 ? 4.651   0.126   7.817   1.00 24.04 ? 106 ARG A C   1 
ATOM   813  O O   . ARG A 1 106 ? 4.838   -0.972  8.290   1.00 23.59 ? 106 ARG A O   1 
ATOM   814  C CB  . ARG A 1 106 ? 2.593   -0.180  6.458   1.00 22.90 ? 106 ARG A CB  1 
ATOM   815  C CG  . ARG A 1 106 ? 1.854   -0.271  5.094   1.00 24.46 ? 106 ARG A CG  1 
ATOM   816  C CD  . ARG A 1 106 ? 0.373   -0.815  5.226   1.00 28.38 ? 106 ARG A CD  1 
ATOM   817  N NE  . ARG A 1 106 ? -0.449  -0.478  4.081   1.00 27.96 ? 106 ARG A NE  1 
ATOM   818  C CZ  . ARG A 1 106 ? -0.339  -1.061  2.910   1.00 28.18 ? 106 ARG A CZ  1 
ATOM   819  N NH1 . ARG A 1 106 ? 0.539   -2.025  2.756   1.00 24.48 ? 106 ARG A NH1 1 
ATOM   820  N NH2 . ARG A 1 106 ? -1.130  -0.693  1.909   1.00 30.37 ? 106 ARG A NH2 1 
ATOM   821  N N   . LYS A 1 107 ? 5.033   1.245   8.431   1.00 25.20 ? 107 LYS A N   1 
ATOM   822  C CA  . LYS A 1 107 ? 5.502   1.185   9.797   1.00 26.89 ? 107 LYS A CA  1 
ATOM   823  C C   . LYS A 1 107 ? 4.814   2.231   10.666  1.00 27.39 ? 107 LYS A C   1 
ATOM   824  O O   . LYS A 1 107 ? 4.261   3.211   10.164  1.00 28.17 ? 107 LYS A O   1 
ATOM   825  C CB  . LYS A 1 107 ? 7.014   1.305   9.859   1.00 27.34 ? 107 LYS A CB  1 
ATOM   826  C CG  . LYS A 1 107 ? 7.543   2.566   9.368   1.00 31.39 ? 107 LYS A CG  1 
ATOM   827  C CD  . LYS A 1 107 ? 9.006   2.438   8.949   1.00 39.53 ? 107 LYS A CD  1 
ATOM   828  C CE  . LYS A 1 107 ? 9.140   1.737   7.582   1.00 45.03 ? 107 LYS A CE  1 
ATOM   829  N NZ  . LYS A 1 107 ? 10.431  2.014   6.819   1.00 48.80 ? 107 LYS A NZ  1 
ATOM   830  N N   . ARG A 1 108 ? 4.796   2.001   11.962  1.00 27.87 ? 108 ARG A N   1 
ATOM   831  C CA  . ARG A 1 108 ? 4.169   2.950   12.887  1.00 29.30 ? 108 ARG A CA  1 
ATOM   832  C C   . ARG A 1 108 ? 5.282   3.791   13.432  1.00 29.22 ? 108 ARG A C   1 
ATOM   833  O O   . ARG A 1 108 ? 6.321   3.267   13.852  1.00 29.20 ? 108 ARG A O   1 
ATOM   834  C CB  . ARG A 1 108 ? 3.414   2.229   14.017  1.00 28.79 ? 108 ARG A CB  1 
ATOM   835  C CG  . ARG A 1 108 ? 2.141   1.541   13.592  1.00 31.14 ? 108 ARG A CG  1 
ATOM   836  C CD  . ARG A 1 108 ? 0.943   2.513   13.370  1.00 36.69 ? 108 ARG A CD  1 
ATOM   837  N NE  . ARG A 1 108 ? 1.344   3.853   13.761  1.00 36.21 ? 108 ARG A NE  1 
ATOM   838  C CZ  . ARG A 1 108 ? 1.158   4.406   14.941  1.00 31.21 ? 108 ARG A CZ  1 
ATOM   839  N NH1 . ARG A 1 108 ? 0.489   3.800   15.910  1.00 30.63 ? 108 ARG A NH1 1 
ATOM   840  N NH2 . ARG A 1 108 ? 1.621   5.619   15.114  1.00 29.30 ? 108 ARG A NH2 1 
ATOM   841  N N   . GLU A 1 109 ? 5.108   5.099   13.349  1.00 29.55 ? 109 GLU A N   1 
ATOM   842  C CA  . GLU A 1 109 ? 6.155   6.040   13.751  1.00 31.08 ? 109 GLU A CA  1 
ATOM   843  C C   . GLU A 1 109 ? 5.456   7.133   14.550  1.00 30.56 ? 109 GLU A C   1 
ATOM   844  O O   . GLU A 1 109 ? 4.660   7.860   14.016  1.00 31.11 ? 109 GLU A O   1 
ATOM   845  C CB  . GLU A 1 109 ? 6.926   6.584   12.510  1.00 30.22 ? 109 GLU A CB  1 
ATOM   846  C CG  . GLU A 1 109 ? 7.951   7.696   12.770  1.00 35.13 ? 109 GLU A CG  1 
ATOM   847  C CD  . GLU A 1 109 ? 8.688   8.239   11.522  1.00 39.94 ? 109 GLU A CD  1 
ATOM   848  O OE1 . GLU A 1 109 ? 8.992   7.463   10.586  1.00 40.37 ? 109 GLU A OE1 1 
ATOM   849  O OE2 . GLU A 1 109 ? 8.980   9.467   11.479  1.00 43.12 ? 109 GLU A OE2 1 
ATOM   850  N N   . ASP A 1 110 ? 5.735   7.214   15.840  1.00 31.67 ? 110 ASP A N   1 
ATOM   851  C CA  . ASP A 1 110 ? 5.019   8.155   16.688  1.00 32.07 ? 110 ASP A CA  1 
ATOM   852  C C   . ASP A 1 110 ? 3.541   7.926   16.465  1.00 31.83 ? 110 ASP A C   1 
ATOM   853  O O   . ASP A 1 110 ? 3.040   6.832   16.732  1.00 32.53 ? 110 ASP A O   1 
ATOM   854  C CB  . ASP A 1 110 ? 5.413   9.578   16.324  1.00 32.24 ? 110 ASP A CB  1 
ATOM   855  C CG  . ASP A 1 110 ? 6.888   9.838   16.597  1.00 34.68 ? 110 ASP A CG  1 
ATOM   856  O OD1 . ASP A 1 110 ? 7.376   9.322   17.639  1.00 34.04 ? 110 ASP A OD1 1 
ATOM   857  O OD2 . ASP A 1 110 ? 7.623   10.477  15.812  1.00 35.75 ? 110 ASP A OD2 1 
ATOM   858  N N   . ASP A 1 111 ? 2.831   8.913   15.941  1.00 31.59 ? 111 ASP A N   1 
ATOM   859  C CA  . ASP A 1 111 ? 1.412   8.682   15.754  1.00 32.55 ? 111 ASP A CA  1 
ATOM   860  C C   . ASP A 1 111 ? 1.077   8.571   14.234  1.00 31.45 ? 111 ASP A C   1 
ATOM   861  O O   . ASP A 1 111 ? -0.048  8.780   13.756  1.00 31.03 ? 111 ASP A O   1 
ATOM   862  C CB  . ASP A 1 111 ? 0.539   9.639   16.631  1.00 32.57 ? 111 ASP A CB  1 
ATOM   863  C CG  . ASP A 1 111 ? 0.779   11.108  16.312  1.00 35.40 ? 111 ASP A CG  1 
ATOM   864  O OD1 . ASP A 1 111 ? 1.647   11.402  15.461  1.00 38.70 ? 111 ASP A OD1 1 
ATOM   865  O OD2 . ASP A 1 111 ? 0.149   12.034  16.872  1.00 39.36 ? 111 ASP A OD2 1 
ATOM   866  N N   . LYS A 1 112 ? 2.102   8.211   13.478  1.00 30.24 ? 112 LYS A N   1 
ATOM   867  C CA  . LYS A 1 112 ? 1.952   8.067   12.041  1.00 28.74 ? 112 LYS A CA  1 
ATOM   868  C C   . LYS A 1 112 ? 2.024   6.630   11.595  1.00 26.58 ? 112 LYS A C   1 
ATOM   869  O O   . LYS A 1 112 ? 2.510   5.768   12.302  1.00 25.81 ? 112 LYS A O   1 
ATOM   870  C CB  . LYS A 1 112 ? 3.063   8.800   11.325  1.00 28.70 ? 112 LYS A CB  1 
ATOM   871  C CG  . LYS A 1 112 ? 3.445   10.124  11.950  1.00 32.25 ? 112 LYS A CG  1 
ATOM   872  C CD  . LYS A 1 112 ? 4.525   10.824  11.073  1.00 37.26 ? 112 LYS A CD  1 
ATOM   873  C CE  . LYS A 1 112 ? 4.819   12.252  11.539  1.00 40.67 ? 112 LYS A CE  1 
ATOM   874  N NZ  . LYS A 1 112 ? 5.905   12.859  10.719  1.00 44.17 ? 112 LYS A NZ  1 
ATOM   875  N N   . LEU A 1 113 ? 1.483   6.410   10.416  1.00 24.82 ? 113 LEU A N   1 
ATOM   876  C CA  . LEU A 1 113 ? 1.588   5.166   9.706   1.00 23.66 ? 113 LEU A CA  1 
ATOM   877  C C   . LEU A 1 113 ? 2.405   5.665   8.532   1.00 23.25 ? 113 LEU A C   1 
ATOM   878  O O   . LEU A 1 113 ? 2.001   6.585   7.821   1.00 22.20 ? 113 LEU A O   1 
ATOM   879  C CB  . LEU A 1 113 ? 0.197   4.635   9.347   1.00 24.01 ? 113 LEU A CB  1 
ATOM   880  C CG  . LEU A 1 113 ? -0.062  3.416   8.438   1.00 26.16 ? 113 LEU A CG  1 
ATOM   881  C CD1 . LEU A 1 113 ? 1.121   2.570   8.175   1.00 25.57 ? 113 LEU A CD1 1 
ATOM   882  C CD2 . LEU A 1 113 ? -1.181  2.537   9.024   1.00 29.97 ? 113 LEU A CD2 1 
ATOM   883  N N   . VAL A 1 114 ? 3.603   5.118   8.378   1.00 23.28 ? 114 VAL A N   1 
ATOM   884  C CA  . VAL A 1 114 ? 4.517   5.575   7.319   1.00 24.55 ? 114 VAL A CA  1 
ATOM   885  C C   . VAL A 1 114 ? 4.699   4.450   6.303   1.00 24.27 ? 114 VAL A C   1 
ATOM   886  O O   . VAL A 1 114 ? 5.040   3.304   6.662   1.00 24.50 ? 114 VAL A O   1 
ATOM   887  C CB  . VAL A 1 114 ? 5.860   6.093   7.879   1.00 24.14 ? 114 VAL A CB  1 
ATOM   888  C CG1 . VAL A 1 114 ? 6.843   6.463   6.757   1.00 27.09 ? 114 VAL A CG1 1 
ATOM   889  C CG2 . VAL A 1 114 ? 5.632   7.271   8.790   1.00 24.24 ? 114 VAL A CG2 1 
ATOM   890  N N   . VAL A 1 115 ? 4.456   4.797   5.045   1.00 23.78 ? 115 VAL A N   1 
ATOM   891  C CA  . VAL A 1 115 ? 4.433   3.849   3.955   1.00 22.55 ? 115 VAL A CA  1 
ATOM   892  C C   . VAL A 1 115 ? 5.552   4.219   3.031   1.00 23.51 ? 115 VAL A C   1 
ATOM   893  O O   . VAL A 1 115 ? 5.625   5.342   2.540   1.00 23.02 ? 115 VAL A O   1 
ATOM   894  C CB  . VAL A 1 115 ? 3.081   3.980   3.180   1.00 23.77 ? 115 VAL A CB  1 
ATOM   895  C CG1 . VAL A 1 115 ? 2.977   3.020   1.992   1.00 19.47 ? 115 VAL A CG1 1 
ATOM   896  C CG2 . VAL A 1 115 ? 1.931   3.801   4.136   1.00 21.72 ? 115 VAL A CG2 1 
ATOM   897  N N   . GLU A 1 116 ? 6.437   3.269   2.804   1.00 24.14 ? 116 GLU A N   1 
ATOM   898  C CA  . GLU A 1 116 ? 7.593   3.456   1.950   1.00 25.00 ? 116 GLU A CA  1 
ATOM   899  C C   . GLU A 1 116 ? 7.481   2.541   0.731   1.00 24.63 ? 116 GLU A C   1 
ATOM   900  O O   . GLU A 1 116 ? 7.429   1.296   0.879   1.00 24.41 ? 116 GLU A O   1 
ATOM   901  C CB  . GLU A 1 116 ? 8.839   3.090   2.742   1.00 25.52 ? 116 GLU A CB  1 
ATOM   902  C CG  . GLU A 1 116 ? 10.105  3.227   1.910   1.00 32.38 ? 116 GLU A CG  1 
ATOM   903  C CD  . GLU A 1 116 ? 11.219  2.313   2.384   1.00 39.01 ? 116 GLU A CD  1 
ATOM   904  O OE1 . GLU A 1 116 ? 11.212  1.120   2.021   1.00 37.70 ? 116 GLU A OE1 1 
ATOM   905  O OE2 . GLU A 1 116 ? 12.096  2.799   3.140   1.00 44.05 ? 116 GLU A OE2 1 
ATOM   906  N N   . CYS A 1 117 ? 7.479   3.133   -0.466  1.00 24.58 ? 117 CYS A N   1 
ATOM   907  C CA  . CYS A 1 117 ? 7.261   2.377   -1.730  1.00 24.63 ? 117 CYS A CA  1 
ATOM   908  C C   . CYS A 1 117 ? 8.525   2.335   -2.545  1.00 23.14 ? 117 CYS A C   1 
ATOM   909  O O   . CYS A 1 117 ? 9.163   3.347   -2.745  1.00 20.15 ? 117 CYS A O   1 
ATOM   910  C CB  . CYS A 1 117 ? 6.183   3.074   -2.593  1.00 23.96 ? 117 CYS A CB  1 
ATOM   911  S SG  . CYS A 1 117 ? 4.875   3.776   -1.608  1.00 35.92 ? 117 CYS A SG  1 
ATOM   912  N N   . VAL A 1 118 ? 8.855   1.171   -3.091  1.00 23.26 ? 118 VAL A N   1 
ATOM   913  C CA  . VAL A 1 118 ? 10.057  1.113   -3.841  1.00 23.14 ? 118 VAL A CA  1 
ATOM   914  C C   . VAL A 1 118 ? 9.952   0.342   -5.118  1.00 22.96 ? 118 VAL A C   1 
ATOM   915  O O   . VAL A 1 118 ? 9.608   -0.832  -5.125  1.00 21.91 ? 118 VAL A O   1 
ATOM   916  C CB  . VAL A 1 118 ? 11.199  0.537   -2.986  1.00 24.32 ? 118 VAL A CB  1 
ATOM   917  C CG1 . VAL A 1 118 ? 12.438  0.304   -3.839  1.00 23.08 ? 118 VAL A CG1 1 
ATOM   918  C CG2 . VAL A 1 118 ? 11.489  1.477   -1.768  1.00 26.22 ? 118 VAL A CG2 1 
ATOM   919  N N   . MET A 1 119 ? 10.314  0.999   -6.216  1.00 22.53 ? 119 MET A N   1 
ATOM   920  C CA  . MET A 1 119 ? 10.344  0.288   -7.471  1.00 22.60 ? 119 MET A CA  1 
ATOM   921  C C   . MET A 1 119 ? 11.641  0.594   -8.162  1.00 22.38 ? 119 MET A C   1 
ATOM   922  O O   . MET A 1 119 ? 11.895  1.731   -8.508  1.00 21.46 ? 119 MET A O   1 
ATOM   923  C CB  . MET A 1 119 ? 9.166   0.700   -8.343  1.00 22.57 ? 119 MET A CB  1 
ATOM   924  C CG  . MET A 1 119 ? 9.233   0.196   -9.716  1.00 21.79 ? 119 MET A CG  1 
ATOM   925  S SD  . MET A 1 119 ? 8.784   -1.497  -9.692  1.00 25.97 ? 119 MET A SD  1 
ATOM   926  C CE  . MET A 1 119 ? 8.754   -1.777  -11.589 1.00 18.01 ? 119 MET A CE  1 
ATOM   927  N N   . LYS A 1 120 ? 12.466  -0.419  -8.374  1.00 22.95 ? 120 LYS A N   1 
ATOM   928  C CA  . LYS A 1 120 ? 13.756  -0.189  -9.023  1.00 24.85 ? 120 LYS A CA  1 
ATOM   929  C C   . LYS A 1 120 ? 14.507  0.869   -8.215  1.00 25.27 ? 120 LYS A C   1 
ATOM   930  O O   . LYS A 1 120 ? 14.649  0.742   -6.980  1.00 26.19 ? 120 LYS A O   1 
ATOM   931  C CB  . LYS A 1 120 ? 13.629  0.216   -10.548 1.00 25.51 ? 120 LYS A CB  1 
ATOM   932  C CG  . LYS A 1 120 ? 13.022  -0.850  -11.456 1.00 29.09 ? 120 LYS A CG  1 
ATOM   933  C CD  . LYS A 1 120 ? 12.816  -0.380  -12.958 1.00 36.90 ? 120 LYS A CD  1 
ATOM   934  C CE  . LYS A 1 120 ? 14.137  -0.290  -13.825 1.00 42.55 ? 120 LYS A CE  1 
ATOM   935  N NZ  . LYS A 1 120 ? 13.984  -0.062  -15.330 1.00 43.54 ? 120 LYS A NZ  1 
ATOM   936  N N   . GLY A 1 121 ? 14.956  1.927   -8.882  1.00 25.13 ? 121 GLY A N   1 
ATOM   937  C CA  . GLY A 1 121 ? 15.693  2.971   -8.190  1.00 24.60 ? 121 GLY A CA  1 
ATOM   938  C C   . GLY A 1 121 ? 14.842  4.099   -7.637  1.00 24.84 ? 121 GLY A C   1 
ATOM   939  O O   . GLY A 1 121 ? 15.359  5.104   -7.152  1.00 25.07 ? 121 GLY A O   1 
ATOM   940  N N   . VAL A 1 122 ? 13.534  3.958   -7.698  1.00 24.84 ? 122 VAL A N   1 
ATOM   941  C CA  . VAL A 1 122 ? 12.659  5.038   -7.252  1.00 24.19 ? 122 VAL A CA  1 
ATOM   942  C C   . VAL A 1 122 ? 11.976  4.739   -5.948  1.00 23.87 ? 122 VAL A C   1 
ATOM   943  O O   . VAL A 1 122 ? 11.320  3.700   -5.792  1.00 24.65 ? 122 VAL A O   1 
ATOM   944  C CB  . VAL A 1 122 ? 11.602  5.378   -8.278  1.00 25.12 ? 122 VAL A CB  1 
ATOM   945  C CG1 . VAL A 1 122 ? 10.707  6.504   -7.726  1.00 24.46 ? 122 VAL A CG1 1 
ATOM   946  C CG2 . VAL A 1 122 ? 12.269  5.799   -9.651  1.00 25.47 ? 122 VAL A CG2 1 
ATOM   947  N N   . THR A 1 123 ? 12.147  5.635   -4.994  1.00 22.69 ? 123 THR A N   1 
ATOM   948  C CA  . THR A 1 123 ? 11.551  5.443   -3.683  1.00 23.43 ? 123 THR A CA  1 
ATOM   949  C C   . THR A 1 123 ? 10.554  6.544   -3.418  1.00 22.14 ? 123 THR A C   1 
ATOM   950  O O   . THR A 1 123 ? 10.806  7.696   -3.742  1.00 20.90 ? 123 THR A O   1 
ATOM   951  C CB  . THR A 1 123 ? 12.630  5.501   -2.565  1.00 23.72 ? 123 THR A CB  1 
ATOM   952  O OG1 . THR A 1 123 ? 13.478  4.349   -2.662  1.00 26.04 ? 123 THR A OG1 1 
ATOM   953  C CG2 . THR A 1 123 ? 11.970  5.267   -1.182  1.00 24.40 ? 123 THR A CG2 1 
ATOM   954  N N   . SER A 1 124 ? 9.458   6.177   -2.780  1.00 21.69 ? 124 SER A N   1 
ATOM   955  C CA  . SER A 1 124 ? 8.377   7.106   -2.438  1.00 23.02 ? 124 SER A CA  1 
ATOM   956  C C   . SER A 1 124 ? 7.917   6.936   -0.991  1.00 23.00 ? 124 SER A C   1 
ATOM   957  O O   . SER A 1 124 ? 7.769   5.803   -0.502  1.00 22.73 ? 124 SER A O   1 
ATOM   958  C CB  . SER A 1 124 ? 7.173   6.913   -3.398  1.00 22.07 ? 124 SER A CB  1 
ATOM   959  O OG  . SER A 1 124 ? 6.035   7.602   -2.955  1.00 22.55 ? 124 SER A OG  1 
ATOM   960  N N   . THR A 1 125 ? 7.671   8.059   -0.324  1.00 22.86 ? 125 THR A N   1 
ATOM   961  C CA  . THR A 1 125 ? 7.206   8.033   1.056   1.00 24.14 ? 125 THR A CA  1 
ATOM   962  C C   . THR A 1 125 ? 5.852   8.693   1.223   1.00 24.83 ? 125 THR A C   1 
ATOM   963  O O   . THR A 1 125 ? 5.666   9.846   0.798   1.00 24.33 ? 125 THR A O   1 
ATOM   964  C CB  . THR A 1 125 ? 8.199   8.729   1.997   1.00 24.78 ? 125 THR A CB  1 
ATOM   965  O OG1 . THR A 1 125 ? 9.439   8.002   2.065   1.00 25.41 ? 125 THR A OG1 1 
ATOM   966  C CG2 . THR A 1 125 ? 7.714   8.647   3.397   1.00 24.92 ? 125 THR A CG2 1 
ATOM   967  N N   . ARG A 1 126 ? 4.891   7.962   1.798   1.00 24.69 ? 126 ARG A N   1 
ATOM   968  C CA  . ARG A 1 126 ? 3.622   8.576   2.137   1.00 25.47 ? 126 ARG A CA  1 
ATOM   969  C C   . ARG A 1 126 ? 3.352   8.383   3.605   1.00 25.38 ? 126 ARG A C   1 
ATOM   970  O O   . ARG A 1 126 ? 3.668   7.330   4.154   1.00 25.74 ? 126 ARG A O   1 
ATOM   971  C CB  . ARG A 1 126 ? 2.471   8.025   1.303   1.00 25.85 ? 126 ARG A CB  1 
ATOM   972  C CG  . ARG A 1 126 ? 2.559   8.334   -0.180  1.00 24.94 ? 126 ARG A CG  1 
ATOM   973  C CD  . ARG A 1 126 ? 2.127   7.162   -1.060  1.00 26.32 ? 126 ARG A CD  1 
ATOM   974  N NE  . ARG A 1 126 ? 0.672   7.012   -1.174  1.00 25.29 ? 126 ARG A NE  1 
ATOM   975  C CZ  . ARG A 1 126 ? -0.131  7.893   -1.771  1.00 21.75 ? 126 ARG A CZ  1 
ATOM   976  N NH1 . ARG A 1 126 ? 0.374   9.001   -2.283  1.00 20.15 ? 126 ARG A NH1 1 
ATOM   977  N NH2 . ARG A 1 126 ? -1.446  7.687   -1.836  1.00 22.60 ? 126 ARG A NH2 1 
ATOM   978  N N   . VAL A 1 127 ? 2.762   9.410   4.221   1.00 25.61 ? 127 VAL A N   1 
ATOM   979  C CA  . VAL A 1 127 ? 2.403   9.428   5.622   1.00 25.89 ? 127 VAL A CA  1 
ATOM   980  C C   . VAL A 1 127 ? 0.876   9.518   5.828   1.00 26.61 ? 127 VAL A C   1 
ATOM   981  O O   . VAL A 1 127 ? 0.189   10.274  5.128   1.00 25.53 ? 127 VAL A O   1 
ATOM   982  C CB  . VAL A 1 127 ? 3.042   10.647  6.330   1.00 26.26 ? 127 VAL A CB  1 
ATOM   983  C CG1 . VAL A 1 127 ? 2.539   10.740  7.676   1.00 25.74 ? 127 VAL A CG1 1 
ATOM   984  C CG2 . VAL A 1 127 ? 4.591   10.584  6.325   1.00 25.70 ? 127 VAL A CG2 1 
ATOM   985  N N   . TYR A 1 128 ? 0.356   8.760   6.797   1.00 26.50 ? 128 TYR A N   1 
ATOM   986  C CA  . TYR A 1 128 ? -1.067  8.772   7.112   1.00 28.57 ? 128 TYR A CA  1 
ATOM   987  C C   . TYR A 1 128 ? -1.205  9.018   8.618   1.00 29.86 ? 128 TYR A C   1 
ATOM   988  O O   . TYR A 1 128 ? -0.409  8.520   9.421   1.00 29.20 ? 128 TYR A O   1 
ATOM   989  C CB  . TYR A 1 128 ? -1.723  7.419   6.823   1.00 28.77 ? 128 TYR A CB  1 
ATOM   990  C CG  . TYR A 1 128 ? -1.998  7.094   5.371   1.00 27.06 ? 128 TYR A CG  1 
ATOM   991  C CD1 . TYR A 1 128 ? -0.980  6.708   4.522   1.00 25.04 ? 128 TYR A CD1 1 
ATOM   992  C CD2 . TYR A 1 128 ? -3.285  7.112   4.868   1.00 24.76 ? 128 TYR A CD2 1 
ATOM   993  C CE1 . TYR A 1 128 ? -1.241  6.386   3.188   1.00 27.49 ? 128 TYR A CE1 1 
ATOM   994  C CE2 . TYR A 1 128 ? -3.549  6.797   3.544   1.00 23.71 ? 128 TYR A CE2 1 
ATOM   995  C CZ  . TYR A 1 128 ? -2.539  6.442   2.703   1.00 23.80 ? 128 TYR A CZ  1 
ATOM   996  O OH  . TYR A 1 128 ? -2.882  6.130   1.417   1.00 22.49 ? 128 TYR A OH  1 
ATOM   997  N N   . GLU A 1 129 ? -2.211  9.778   9.011   1.00 30.17 ? 129 GLU A N   1 
ATOM   998  C CA  . GLU A 1 129 ? -2.459  9.992   10.427  1.00 31.95 ? 129 GLU A CA  1 
ATOM   999  C C   . GLU A 1 129 ? -3.863  9.558   10.761  1.00 32.02 ? 129 GLU A C   1 
ATOM   1000 O O   . GLU A 1 129 ? -4.734  9.616   9.887   1.00 31.75 ? 129 GLU A O   1 
ATOM   1001 C CB  . GLU A 1 129 ? -2.272  11.463  10.772  1.00 31.98 ? 129 GLU A CB  1 
ATOM   1002 C CG  . GLU A 1 129 ? -0.844  11.922  10.458  1.00 35.78 ? 129 GLU A CG  1 
ATOM   1003 C CD  . GLU A 1 129 ? -0.452  13.216  11.129  1.00 37.41 ? 129 GLU A CD  1 
ATOM   1004 O OE1 . GLU A 1 129 ? -1.313  13.810  11.805  1.00 39.31 ? 129 GLU A OE1 1 
ATOM   1005 O OE2 . GLU A 1 129 ? 0.715   13.621  10.985  1.00 38.92 ? 129 GLU A OE2 1 
ATOM   1006 N N   . ARG A 1 130 ? -4.083  9.142   12.011  1.00 32.52 ? 130 ARG A N   1 
ATOM   1007 C CA  . ARG A 1 130 ? -5.407  8.708   12.435  1.00 32.97 ? 130 ARG A CA  1 
ATOM   1008 C C   . ARG A 1 130 ? -6.468  9.705   12.077  1.00 33.75 ? 130 ARG A C   1 
ATOM   1009 O O   . ARG A 1 130 ? -6.256  10.920  12.143  1.00 33.97 ? 130 ARG A O   1 
ATOM   1010 C CB  . ARG A 1 130 ? -5.476  8.398   13.938  1.00 33.68 ? 130 ARG A CB  1 
ATOM   1011 C CG  . ARG A 1 130 ? -5.345  6.914   14.264  1.00 33.15 ? 130 ARG A CG  1 
ATOM   1012 C CD  . ARG A 1 130 ? -5.288  6.544   15.727  1.00 34.09 ? 130 ARG A CD  1 
ATOM   1013 N NE  . ARG A 1 130 ? -4.303  5.477   15.932  1.00 32.88 ? 130 ARG A NE  1 
ATOM   1014 C CZ  . ARG A 1 130 ? -4.505  4.192   15.653  1.00 35.09 ? 130 ARG A CZ  1 
ATOM   1015 N NH1 . ARG A 1 130 ? -5.689  3.796   15.214  1.00 31.89 ? 130 ARG A NH1 1 
ATOM   1016 N NH2 . ARG A 1 130 ? -3.543  3.290   15.876  1.00 34.30 ? 130 ARG A NH2 1 
ATOM   1017 N N   . ALA A 1 131 ? -7.617  9.174   11.699  1.00 34.69 ? 131 ALA A N   1 
ATOM   1018 C CA  . ALA A 1 131 ? -8.769  9.978   11.339  1.00 36.56 ? 131 ALA A CA  1 
ATOM   1019 C C   . ALA A 1 131 ? -9.304  10.720  12.558  1.00 37.77 ? 131 ALA A C   1 
ATOM   1020 O O   . ALA A 1 131 ? -9.307  10.170  13.681  1.00 38.37 ? 131 ALA A O   1 
ATOM   1021 C CB  . ALA A 1 131 ? -9.844  9.082   10.788  1.00 37.15 ? 131 ALA A CB  1 
HETATM 1022 O O27 . I4A B 2 .   ? -1.608  2.552   0.094   1.00 35.81 ? 132 I4A A O27 1 
HETATM 1023 C C25 . I4A B 2 .   ? -0.891  3.373   -0.474  1.00 35.06 ? 132 I4A A C25 1 
HETATM 1024 O O26 . I4A B 2 .   ? -0.980  4.649   -0.111  1.00 34.26 ? 132 I4A A O26 1 
HETATM 1025 C C4  . I4A B 2 .   ? 0.063   2.954   -1.543  1.00 29.99 ? 132 I4A A C4  1 
HETATM 1026 C C6  . I4A B 2 .   ? -0.366  2.549   -2.907  1.00 27.78 ? 132 I4A A C6  1 
HETATM 1027 C C7  . I4A B 2 .   ? 0.674   2.120   -3.872  1.00 27.33 ? 132 I4A A C7  1 
HETATM 1028 C C9  . I4A B 2 .   ? -0.088  1.810   -5.102  1.00 26.63 ? 132 I4A A C9  1 
HETATM 1029 C C10 . I4A B 2 .   ? 0.365   1.330   -6.450  1.00 24.82 ? 132 I4A A C10 1 
HETATM 1030 C C12 . I4A B 2 .   ? -0.113  2.290   -7.534  1.00 26.59 ? 132 I4A A C12 1 
HETATM 1031 C C14 . I4A B 2 .   ? -1.570  2.150   -7.972  1.00 27.98 ? 132 I4A A C14 1 
HETATM 1032 C C13 . I4A B 2 .   ? -2.470  2.738   -6.861  1.00 29.33 ? 132 I4A A C13 1 
HETATM 1033 C C11 . I4A B 2 .   ? -2.689  1.861   -5.627  1.00 27.15 ? 132 I4A A C11 1 
HETATM 1034 C C8  . I4A B 2 .   ? -1.516  2.050   -4.716  1.00 25.94 ? 132 I4A A C8  1 
HETATM 1035 C C3  . I4A B 2 .   ? 2.013   2.112   -3.475  1.00 30.74 ? 132 I4A A C3  1 
HETATM 1036 C C2  . I4A B 2 .   ? 2.374   2.500   -2.183  1.00 26.81 ? 132 I4A A C2  1 
HETATM 1037 C C1  . I4A B 2 .   ? 1.417   2.910   -1.252  1.00 29.69 ? 132 I4A A C1  1 
HETATM 1038 N N5  . I4A B 2 .   ? -1.607  2.459   -3.454  1.00 24.91 ? 132 I4A A N5  1 
HETATM 1039 C C15 . I4A B 2 .   ? -2.888  2.777   -2.864  1.00 26.46 ? 132 I4A A C15 1 
HETATM 1040 C C16 . I4A B 2 .   ? -3.494  4.085   -3.321  1.00 27.54 ? 132 I4A A C16 1 
HETATM 1041 C C17 . I4A B 2 .   ? -4.874  4.175   -3.284  1.00 27.79 ? 132 I4A A C17 1 
HETATM 1042 C C18 . I4A B 2 .   ? -5.505  5.338   -3.707  1.00 29.05 ? 132 I4A A C18 1 
HETATM 1043 C C22 . I4A B 2 .   ? -7.003  5.402   -3.696  1.00 27.92 ? 132 I4A A C22 1 
HETATM 1044 N N24 . I4A B 2 .   ? -7.559  6.333   -4.453  1.00 27.56 ? 132 I4A A N24 1 
HETATM 1045 O O23 . I4A B 2 .   ? -7.673  4.588   -3.054  1.00 28.99 ? 132 I4A A O23 1 
HETATM 1046 C C19 . I4A B 2 .   ? -4.769  6.442   -4.148  1.00 28.68 ? 132 I4A A C19 1 
HETATM 1047 C C20 . I4A B 2 .   ? -3.377  6.355   -4.155  1.00 29.24 ? 132 I4A A C20 1 
HETATM 1048 C C21 . I4A B 2 .   ? -2.737  5.173   -3.761  1.00 28.02 ? 132 I4A A C21 1 
HETATM 1049 O O   . HOH C 3 .   ? -7.051  5.543   18.558  1.00 33.61 ? 133 HOH A O   1 
HETATM 1050 O O   . HOH C 3 .   ? -6.826  3.178   18.439  1.00 41.37 ? 134 HOH A O   1 
HETATM 1051 O O   . HOH C 3 .   ? -10.557 10.569  15.743  1.00 45.59 ? 135 HOH A O   1 
HETATM 1052 O O   . HOH C 3 .   ? -4.520  -11.114 15.637  1.00 33.88 ? 136 HOH A O   1 
HETATM 1053 O O   . HOH C 3 .   ? -9.321  -5.276  13.991  1.00 23.80 ? 137 HOH A O   1 
HETATM 1054 O O   . HOH C 3 .   ? -8.062  4.984   14.155  1.00 28.96 ? 138 HOH A O   1 
HETATM 1055 O O   . HOH C 3 .   ? 4.269   -0.502  16.106  1.00 33.39 ? 139 HOH A O   1 
HETATM 1056 O O   . HOH C 3 .   ? -13.486 5.143   12.166  1.00 32.66 ? 140 HOH A O   1 
HETATM 1057 O O   . HOH C 3 .   ? 3.461   -5.664  15.365  1.00 51.35 ? 141 HOH A O   1 
HETATM 1058 O O   . HOH C 3 .   ? 4.668   -2.742  15.397  1.00 47.57 ? 142 HOH A O   1 
HETATM 1059 O O   . HOH C 3 .   ? 9.829   -4.895  16.579  1.00 42.72 ? 143 HOH A O   1 
HETATM 1060 O O   . HOH C 3 .   ? -2.033  9.982   14.157  1.00 31.52 ? 144 HOH A O   1 
HETATM 1061 O O   . HOH C 3 .   ? 10.242  5.011   16.361  1.00 41.06 ? 145 HOH A O   1 
HETATM 1062 O O   . HOH C 3 .   ? -9.576  -0.980  11.787  1.00 28.09 ? 146 HOH A O   1 
HETATM 1063 O O   . HOH C 3 .   ? -10.765 2.083   11.879  1.00 28.38 ? 147 HOH A O   1 
HETATM 1064 O O   . HOH C 3 .   ? 1.730   15.276  13.760  1.00 38.73 ? 148 HOH A O   1 
HETATM 1065 O O   . HOH C 3 .   ? -10.437 -14.663 11.000  1.00 32.55 ? 149 HOH A O   1 
HETATM 1066 O O   . HOH C 3 .   ? -12.762 -1.430  10.492  1.00 22.29 ? 150 HOH A O   1 
HETATM 1067 O O   . HOH C 3 .   ? -12.370 -13.062 9.207   1.00 21.60 ? 151 HOH A O   1 
HETATM 1068 O O   . HOH C 3 .   ? -3.689  14.781  10.855  1.00 32.34 ? 152 HOH A O   1 
HETATM 1069 O O   . HOH C 3 .   ? -12.743 8.772   8.164   1.00 31.62 ? 153 HOH A O   1 
HETATM 1070 O O   . HOH C 3 .   ? 10.289  5.514   12.997  1.00 51.17 ? 154 HOH A O   1 
HETATM 1071 O O   . HOH C 3 .   ? 8.258   11.702  12.440  1.00 48.80 ? 155 HOH A O   1 
HETATM 1072 O O   . HOH C 3 .   ? -12.472 0.455   -14.657 1.00 41.45 ? 156 HOH A O   1 
HETATM 1073 O O   . HOH C 3 .   ? -9.625  -9.606  8.695   1.00 27.15 ? 157 HOH A O   1 
HETATM 1074 O O   . HOH C 3 .   ? -12.887 -2.362  8.248   1.00 30.93 ? 158 HOH A O   1 
HETATM 1075 O O   . HOH C 3 .   ? 8.957   1.012   12.200  1.00 43.29 ? 159 HOH A O   1 
HETATM 1076 O O   . HOH C 3 .   ? 11.904  0.382   12.154  1.00 49.53 ? 160 HOH A O   1 
HETATM 1077 O O   . HOH C 3 .   ? -1.932  -13.702 9.671   1.00 22.72 ? 161 HOH A O   1 
HETATM 1078 O O   . HOH C 3 .   ? -14.639 -0.273  6.592   1.00 31.96 ? 162 HOH A O   1 
HETATM 1079 O O   . HOH C 3 .   ? -10.133 -3.680  7.376   1.00 37.63 ? 163 HOH A O   1 
HETATM 1080 O O   . HOH C 3 .   ? 7.615   -14.039 10.528  1.00 41.61 ? 164 HOH A O   1 
HETATM 1081 O O   . HOH C 3 .   ? -12.544 -8.641  5.998   1.00 23.28 ? 165 HOH A O   1 
HETATM 1082 O O   . HOH C 3 .   ? 5.757   -12.237 9.093   1.00 35.48 ? 166 HOH A O   1 
HETATM 1083 O O   . HOH C 3 .   ? -16.540 4.889   2.565   1.00 41.96 ? 167 HOH A O   1 
HETATM 1084 O O   . HOH C 3 .   ? -8.595  11.318  3.487   1.00 66.55 ? 168 HOH A O   1 
HETATM 1085 O O   . HOH C 3 .   ? -2.226  17.130  4.231   1.00 24.07 ? 169 HOH A O   1 
HETATM 1086 O O   . HOH C 3 .   ? -13.613 -10.389 1.940   1.00 22.68 ? 170 HOH A O   1 
HETATM 1087 O O   . HOH C 3 .   ? -11.506 -9.167  1.812   1.00 32.33 ? 171 HOH A O   1 
HETATM 1088 O O   . HOH C 3 .   ? 8.115   14.319  4.743   1.00 30.00 ? 172 HOH A O   1 
HETATM 1089 O O   . HOH C 3 .   ? 2.918   -2.886  3.471   1.00 32.18 ? 173 HOH A O   1 
HETATM 1090 O O   . HOH C 3 .   ? 1.631   17.692  3.063   1.00 24.79 ? 174 HOH A O   1 
HETATM 1091 O O   . HOH C 3 .   ? -2.829  -14.725 2.210   1.00 20.28 ? 175 HOH A O   1 
HETATM 1092 O O   . HOH C 3 .   ? 0.486   -12.634 2.447   1.00 31.20 ? 176 HOH A O   1 
HETATM 1093 O O   . HOH C 3 .   ? -10.969 9.567   0.727   1.00 28.72 ? 177 HOH A O   1 
HETATM 1094 O O   . HOH C 3 .   ? -5.282  -13.711 1.142   1.00 33.56 ? 178 HOH A O   1 
HETATM 1095 O O   . HOH C 3 .   ? 6.104   -16.309 2.976   1.00 36.72 ? 179 HOH A O   1 
HETATM 1096 O O   . HOH C 3 .   ? -14.803 5.950   -0.944  1.00 26.12 ? 180 HOH A O   1 
HETATM 1097 O O   . HOH C 3 .   ? 15.085  -4.025  4.661   1.00 56.20 ? 181 HOH A O   1 
HETATM 1098 O O   . HOH C 3 .   ? 4.913   12.327  2.763   1.00 42.87 ? 182 HOH A O   1 
HETATM 1099 O O   . HOH C 3 .   ? 13.811  2.954   3.556   1.00 30.77 ? 183 HOH A O   1 
HETATM 1100 O O   . HOH C 3 .   ? -8.086  -9.967  -1.084  1.00 22.41 ? 184 HOH A O   1 
HETATM 1101 O O   . HOH C 3 .   ? -0.102  -1.955  -0.052  1.00 32.34 ? 185 HOH A O   1 
HETATM 1102 O O   . HOH C 3 .   ? 12.339  -6.048  2.740   1.00 30.16 ? 186 HOH A O   1 
HETATM 1103 O O   . HOH C 3 .   ? -4.232  -17.702 -1.274  1.00 43.30 ? 187 HOH A O   1 
HETATM 1104 O O   . HOH C 3 .   ? 3.181   -18.840 0.252   1.00 36.25 ? 188 HOH A O   1 
HETATM 1105 O O   . HOH C 3 .   ? 7.569   -12.557 0.876   1.00 37.71 ? 189 HOH A O   1 
HETATM 1106 O O   . HOH C 3 .   ? -9.372  12.414  -2.550  1.00 25.21 ? 190 HOH A O   1 
HETATM 1107 O O   . HOH C 3 .   ? -0.422  13.891  -1.032  1.00 24.23 ? 191 HOH A O   1 
HETATM 1108 O O   . HOH C 3 .   ? -10.224 -7.329  -3.395  1.00 30.84 ? 192 HOH A O   1 
HETATM 1109 O O   . HOH C 3 .   ? -4.808  4.067   0.987   1.00 40.40 ? 193 HOH A O   1 
HETATM 1110 O O   . HOH C 3 .   ? 13.677  -0.967  1.357   1.00 41.09 ? 194 HOH A O   1 
HETATM 1111 O O   . HOH C 3 .   ? -10.474 -3.984  -4.333  1.00 40.74 ? 195 HOH A O   1 
HETATM 1112 O O   . HOH C 3 .   ? 5.733   -15.521 -0.668  1.00 43.70 ? 196 HOH A O   1 
HETATM 1113 O O   . HOH C 3 .   ? -4.893  0.068   -2.819  1.00 31.90 ? 197 HOH A O   1 
HETATM 1114 O O   . HOH C 3 .   ? -2.282  -2.875  -2.074  1.00 29.34 ? 198 HOH A O   1 
HETATM 1115 O O   . HOH C 3 .   ? 13.252  2.979   0.540   1.00 48.97 ? 199 HOH A O   1 
HETATM 1116 O O   . HOH C 3 .   ? -7.179  -10.037 -3.671  1.00 32.38 ? 200 HOH A O   1 
HETATM 1117 O O   . HOH C 3 .   ? -16.214 1.615   -4.978  1.00 33.21 ? 201 HOH A O   1 
HETATM 1118 O O   . HOH C 3 .   ? -4.922  -15.564 -3.921  1.00 51.47 ? 202 HOH A O   1 
HETATM 1119 O O   . HOH C 3 .   ? -2.571  9.848   -3.542  1.00 21.59 ? 203 HOH A O   1 
HETATM 1120 O O   . HOH C 3 .   ? -14.401 1.793   -6.430  1.00 28.76 ? 204 HOH A O   1 
HETATM 1121 O O   . HOH C 3 .   ? -3.937  -1.175  -5.036  1.00 21.57 ? 205 HOH A O   1 
HETATM 1122 O O   . HOH C 3 .   ? 4.474   -12.393 -3.774  1.00 32.06 ? 206 HOH A O   1 
HETATM 1123 O O   . HOH C 3 .   ? 4.023   11.952  -3.971  1.00 24.88 ? 207 HOH A O   1 
HETATM 1124 O O   . HOH C 3 .   ? 2.245   -1.212  -5.765  1.00 30.91 ? 208 HOH A O   1 
HETATM 1125 O O   . HOH C 3 .   ? -11.842 11.533  -8.630  1.00 40.30 ? 209 HOH A O   1 
HETATM 1126 O O   . HOH C 3 .   ? 9.332   14.104  -3.981  1.00 47.89 ? 210 HOH A O   1 
HETATM 1127 O O   . HOH C 3 .   ? -18.637 2.308   1.488   1.00 35.67 ? 211 HOH A O   1 
HETATM 1128 O O   . HOH C 3 .   ? 7.580   13.869  6.893   1.00 44.96 ? 212 HOH A O   1 
HETATM 1129 O O   . HOH C 3 .   ? 4.749   13.330  -7.242  1.00 21.03 ? 213 HOH A O   1 
HETATM 1130 O O   . HOH C 3 .   ? -12.890 4.192   -10.862 1.00 34.64 ? 214 HOH A O   1 
HETATM 1131 O O   . HOH C 3 .   ? 15.135  -1.541  -6.027  1.00 40.64 ? 215 HOH A O   1 
HETATM 1132 O O   . HOH C 3 .   ? 7.019   12.064  -8.392  1.00 30.22 ? 216 HOH A O   1 
HETATM 1133 O O   . HOH C 3 .   ? -3.545  -11.523 -9.948  1.00 43.16 ? 217 HOH A O   1 
HETATM 1134 O O   . HOH C 3 .   ? -11.694 -0.045  -12.013 1.00 47.30 ? 218 HOH A O   1 
HETATM 1135 O O   . HOH C 3 .   ? -11.398 8.054   -11.898 1.00 41.46 ? 219 HOH A O   1 
HETATM 1136 O O   . HOH C 3 .   ? 0.564   11.450  -10.113 1.00 23.21 ? 220 HOH A O   1 
HETATM 1137 O O   . HOH C 3 .   ? 0.808   -12.083 -11.178 1.00 43.59 ? 221 HOH A O   1 
HETATM 1138 O O   . HOH C 3 .   ? 13.280  9.095   -9.204  1.00 39.73 ? 222 HOH A O   1 
HETATM 1139 O O   . HOH C 3 .   ? 7.783   13.979  -10.496 1.00 31.68 ? 223 HOH A O   1 
HETATM 1140 O O   . HOH C 3 .   ? 5.338   14.974  -11.200 1.00 33.35 ? 224 HOH A O   1 
HETATM 1141 O O   . HOH C 3 .   ? 8.045   -11.211 -10.960 1.00 41.86 ? 225 HOH A O   1 
HETATM 1142 O O   . HOH C 3 .   ? -4.581  2.179   -14.592 1.00 32.75 ? 226 HOH A O   1 
HETATM 1143 O O   . HOH C 3 .   ? -7.364  11.241  -15.213 1.00 36.63 ? 227 HOH A O   1 
HETATM 1144 O O   . HOH C 3 .   ? 15.817  5.329   -11.030 1.00 34.16 ? 228 HOH A O   1 
HETATM 1145 O O   . HOH C 3 .   ? -0.680  0.273   -14.399 1.00 30.22 ? 229 HOH A O   1 
HETATM 1146 O O   . HOH C 3 .   ? 15.079  2.822   -11.698 1.00 29.77 ? 230 HOH A O   1 
HETATM 1147 O O   . HOH C 3 .   ? 7.329   11.073  -12.687 1.00 25.33 ? 231 HOH A O   1 
HETATM 1148 O O   . HOH C 3 .   ? 0.209   -10.337 -14.339 1.00 26.72 ? 232 HOH A O   1 
HETATM 1149 O O   . HOH C 3 .   ? 2.029   -11.604 -14.013 1.00 31.14 ? 233 HOH A O   1 
HETATM 1150 O O   . HOH C 3 .   ? 15.343  -3.901  -11.901 1.00 34.17 ? 234 HOH A O   1 
HETATM 1151 O O   . HOH C 3 .   ? -2.351  -2.131  -15.775 1.00 40.60 ? 235 HOH A O   1 
HETATM 1152 O O   . HOH C 3 .   ? 0.558   -8.845  -15.719 1.00 45.15 ? 236 HOH A O   1 
HETATM 1153 O O   . HOH C 3 .   ? 3.794   -2.687  -14.944 1.00 23.84 ? 237 HOH A O   1 
HETATM 1154 O O   . HOH C 3 .   ? 12.777  -7.383  -13.966 1.00 37.27 ? 238 HOH A O   1 
HETATM 1155 O O   . HOH C 3 .   ? -3.757  4.894   -17.216 1.00 28.03 ? 239 HOH A O   1 
HETATM 1156 O O   . HOH C 3 .   ? 12.099  -3.983  -14.605 1.00 52.46 ? 240 HOH A O   1 
HETATM 1157 O O   . HOH C 3 .   ? 3.176   -6.195  -16.674 1.00 36.32 ? 241 HOH A O   1 
HETATM 1158 O O   . HOH C 3 .   ? -0.572  -8.689  -18.409 1.00 34.85 ? 242 HOH A O   1 
HETATM 1159 O O   . HOH C 3 .   ? 8.135   3.091   -17.092 1.00 34.48 ? 243 HOH A O   1 
HETATM 1160 O O   . HOH C 3 .   ? 3.586   0.365   -18.492 1.00 39.21 ? 244 HOH A O   1 
HETATM 1161 O O   . HOH C 3 .   ? -2.961  7.699   -20.017 1.00 36.45 ? 245 HOH A O   1 
HETATM 1162 O O   . HOH C 3 .   ? -3.369  1.663   1.736   1.00 39.25 ? 246 HOH A O   1 
HETATM 1163 O O   . HOH C 3 .   ? -1.021  -1.816  -4.673  1.00 43.51 ? 247 HOH A O   1 
# 
